data_3VJL
#
_entry.id   3VJL
#
_cell.length_a   117.810
_cell.length_b   125.830
_cell.length_c   137.129
_cell.angle_alpha   90.00
_cell.angle_beta   90.00
_cell.angle_gamma   90.00
#
_symmetry.space_group_name_H-M   'P 21 21 21'
#
loop_
_entity.id
_entity.type
_entity.pdbx_description
1 polymer 'Dipeptidyl peptidase 4'
2 branched 2-acetamido-2-deoxy-beta-D-glucopyranose-(1-4)-2-acetamido-2-deoxy-beta-D-glucopyranose
3 non-polymer [(2S,4S)-4-{4-[1-phenyl-3-(trifluoromethyl)-1H-pyrazol-5-yl]piperidin-1-yl}pyrrolidin-2-yl](1,3-thiazolidin-3-yl)methanone
4 non-polymer 2-acetamido-2-deoxy-beta-D-glucopyranose
5 water water
#
_entity_poly.entity_id   1
_entity_poly.type   'polypeptide(L)'
_entity_poly.pdbx_seq_one_letter_code
;DDATADSRKTYTLTDYLKNTYRLKLYSLRWISDHEYLYKQENNILVFNAEYGNSSVFLENSTFDEFGHSINDYSISPDGQ
FILLEYNYVKQWRHSYTASYDIYDLNKRQLITEERIPNNTQWVTWSPVGHKLAYVWNNDIYVKIEPNLPSYRITWTGKED
IIYNGITDWVYEEEVFSAYSALWWSPNGTFLAYAQFNDTEVPLIEYSFYSDESLQYPKTVRVPYPKAGAVNPTVKFFVVN
TDSLSSVTNATSIQITAPASMLIGDHYLCDVTWATQERISLQWLRRIQNYSVMDICDYDESSGRWNCLVARQHIEMSTTG
WVGRFRPSEPHFTLDGNSFYKIISNEEGYRHICYFQIDKKDCTFITKGTWEVIGIEALTSDYLYYISNEYKGMPGGRNLY
KIQLSDYTKVTCLSCELNPERCQYYSVSFSKEAKYYQLRCSGPGLPLYTLHSSVNDKGLRVLEDNSALDKMLQNVQMPSK
KLDFIILNETKFWYQMILPPHFDKSKKYPLLLDVYAGPCSQKADTVFRLNWATYLASTENIIVASFDGRGSGYQGDKIMH
AINRRLGTFEVEDQIEAARQFSKMGFVDNKRIAIWGWSYGGYVTSMVLGSGSGVFKCGIAVAPVSRWEYYDSVYTERYMG
LPTPEDNLDHYRNSTVMSRAENFKQVEYLLIHGTADDNVHFQQSAQISKALVDVGVDFQAMWYTDEDHGIASSTAHQHIY
THMSHFIKQCFSLPHHHHHH
;
_entity_poly.pdbx_strand_id   A,B
#
loop_
_chem_comp.id
_chem_comp.type
_chem_comp.name
_chem_comp.formula
NAG D-saccharide, beta linking 2-acetamido-2-deoxy-beta-D-glucopyranose 'C8 H15 N O6'
W94 non-polymer [(2S,4S)-4-{4-[1-phenyl-3-(trifluoromethyl)-1H-pyrazol-5-yl]piperidin-1-yl}pyrrolidin-2-yl](1,3-thiazolidin-3-yl)methanone 'C23 H28 F3 N5 O S'
#
# COMPACT_ATOMS: atom_id res chain seq x y z
N ASP A 6 39.05 26.47 -12.32
CA ASP A 6 37.99 26.83 -11.33
C ASP A 6 38.08 25.94 -10.08
N SER A 7 38.16 26.60 -8.93
CA SER A 7 38.41 25.94 -7.65
C SER A 7 37.26 26.13 -6.65
N ARG A 8 36.18 26.76 -7.10
CA ARG A 8 35.01 26.98 -6.23
C ARG A 8 34.23 25.69 -6.06
N LYS A 9 33.60 25.54 -4.89
CA LYS A 9 32.66 24.43 -4.62
C LYS A 9 31.49 24.46 -5.61
N THR A 10 30.96 23.29 -5.93
CA THR A 10 29.76 23.20 -6.75
C THR A 10 28.52 23.33 -5.87
N TYR A 11 27.35 23.36 -6.50
CA TYR A 11 26.10 23.32 -5.78
C TYR A 11 25.71 21.85 -5.66
N THR A 12 25.79 21.32 -4.44
CA THR A 12 25.67 19.89 -4.18
C THR A 12 24.26 19.51 -3.75
N LEU A 13 24.00 18.20 -3.69
CA LEU A 13 22.74 17.67 -3.18
C LEU A 13 22.47 18.13 -1.75
N THR A 14 23.48 18.07 -0.88
CA THR A 14 23.30 18.54 0.50
C THR A 14 22.92 20.03 0.55
N ASP A 15 23.47 20.84 -0.35
CA ASP A 15 23.08 22.25 -0.41
C ASP A 15 21.59 22.40 -0.72
N TYR A 16 21.12 21.67 -1.73
CA TYR A 16 19.70 21.63 -2.03
C TYR A 16 18.88 21.11 -0.83
N LEU A 17 19.20 19.91 -0.35
CA LEU A 17 18.41 19.25 0.69
C LEU A 17 18.41 19.98 2.03
N LYS A 18 19.50 20.67 2.33
CA LYS A 18 19.63 21.34 3.62
C LYS A 18 19.39 22.85 3.57
N ASN A 19 18.95 23.37 2.42
CA ASN A 19 18.62 24.79 2.27
C ASN A 19 19.79 25.70 2.66
N THR A 20 20.98 25.37 2.16
CA THR A 20 22.19 26.13 2.46
C THR A 20 22.09 27.55 1.91
N TYR A 21 21.74 27.65 0.63
CA TYR A 21 21.57 28.92 -0.05
C TYR A 21 20.09 29.30 -0.10
N ARG A 22 19.71 30.24 0.76
CA ARG A 22 18.30 30.52 0.98
C ARG A 22 17.86 31.82 0.31
N LEU A 23 16.84 31.71 -0.54
CA LEU A 23 16.17 32.87 -1.11
C LEU A 23 15.42 33.66 -0.03
N LYS A 24 15.76 34.95 0.07
CA LYS A 24 15.02 35.88 0.90
C LYS A 24 13.74 36.31 0.17
N LEU A 25 12.66 36.42 0.94
CA LEU A 25 11.37 36.84 0.43
C LEU A 25 11.02 38.17 1.10
N TYR A 26 9.99 38.85 0.60
CA TYR A 26 9.44 39.98 1.31
C TYR A 26 7.92 39.87 1.29
N SER A 27 7.39 39.02 2.17
CA SER A 27 5.96 38.79 2.28
C SER A 27 5.32 39.86 3.14
N LEU A 28 4.56 40.73 2.52
CA LEU A 28 3.85 41.76 3.27
C LEU A 28 2.35 41.51 3.18
N ARG A 29 1.61 42.10 4.10
CA ARG A 29 0.15 42.05 4.08
C ARG A 29 -0.38 43.46 4.22
N TRP A 30 -1.04 43.94 3.17
CA TRP A 30 -1.67 45.26 3.20
C TRP A 30 -2.83 45.22 4.19
N ILE A 31 -2.94 46.27 5.01
CA ILE A 31 -4.05 46.39 5.97
C ILE A 31 -4.91 47.60 5.65
N SER A 32 -4.47 48.39 4.67
CA SER A 32 -5.16 49.61 4.28
C SER A 32 -4.60 50.04 2.93
N ASP A 33 -4.94 51.27 2.53
CA ASP A 33 -4.37 51.85 1.33
C ASP A 33 -2.95 52.37 1.53
N HIS A 34 -2.53 52.51 2.79
CA HIS A 34 -1.27 53.19 3.14
C HIS A 34 -0.29 52.32 3.92
N GLU A 35 -0.78 51.25 4.55
CA GLU A 35 0.05 50.49 5.48
C GLU A 35 0.09 49.00 5.20
N TYR A 36 1.21 48.37 5.55
CA TYR A 36 1.33 46.92 5.46
C TYR A 36 2.05 46.32 6.66
N LEU A 37 1.76 45.05 6.93
CA LEU A 37 2.43 44.32 7.99
C LEU A 37 3.57 43.51 7.44
N TYR A 38 4.62 43.37 8.24
CA TYR A 38 5.80 42.62 7.87
C TYR A 38 6.43 42.03 9.12
N LYS A 39 6.91 40.80 9.01
CA LYS A 39 7.62 40.14 10.10
C LYS A 39 9.13 40.38 10.05
N GLN A 40 9.61 41.16 11.01
CA GLN A 40 11.06 41.37 11.20
C GLN A 40 11.46 40.75 12.54
N GLU A 41 12.43 39.83 12.50
CA GLU A 41 12.92 39.11 13.70
C GLU A 41 11.78 38.57 14.59
N ASN A 42 10.79 37.91 13.98
CA ASN A 42 9.61 37.39 14.68
C ASN A 42 8.63 38.42 15.28
N ASN A 43 9.01 39.69 15.24
CA ASN A 43 8.09 40.77 15.56
C ASN A 43 7.21 41.05 14.35
N ILE A 44 6.06 41.67 14.59
CA ILE A 44 5.21 42.12 13.50
C ILE A 44 5.25 43.64 13.48
N LEU A 45 5.91 44.18 12.48
CA LEU A 45 5.97 45.63 12.29
C LEU A 45 4.89 46.08 11.31
N VAL A 46 4.36 47.28 11.54
CA VAL A 46 3.51 47.95 10.57
C VAL A 46 4.33 49.02 9.83
N PHE A 47 4.23 49.06 8.50
CA PHE A 47 5.00 49.99 7.69
C PHE A 47 4.14 51.04 7.00
N ASN A 48 4.59 52.29 7.06
CA ASN A 48 4.06 53.34 6.22
C ASN A 48 4.69 53.19 4.84
N ALA A 49 3.86 52.94 3.84
CA ALA A 49 4.32 52.73 2.47
C ALA A 49 5.04 53.96 1.89
N GLU A 50 4.44 55.15 2.06
CA GLU A 50 4.98 56.40 1.51
C GLU A 50 6.39 56.76 1.97
N TYR A 51 6.67 56.57 3.27
CA TYR A 51 7.95 57.00 3.86
C TYR A 51 8.88 55.87 4.27
N GLY A 52 8.32 54.68 4.50
CA GLY A 52 9.14 53.51 4.82
C GLY A 52 9.38 53.33 6.30
N ASN A 53 8.89 54.27 7.11
CA ASN A 53 9.00 54.16 8.56
C ASN A 53 8.04 53.12 9.14
N SER A 54 8.38 52.62 10.32
CA SER A 54 7.57 51.58 10.94
C SER A 54 7.45 51.73 12.45
N SER A 55 6.43 51.08 13.00
CA SER A 55 6.29 50.88 14.43
C SER A 55 6.11 49.39 14.66
N VAL A 56 6.23 48.97 15.91
CA VAL A 56 5.96 47.58 16.26
C VAL A 56 4.47 47.49 16.51
N PHE A 57 3.80 46.61 15.76
CA PHE A 57 2.37 46.41 15.95
C PHE A 57 2.09 45.35 17.02
N LEU A 58 2.93 44.33 17.04
CA LEU A 58 2.81 43.27 18.03
C LEU A 58 4.19 42.70 18.37
N GLU A 59 4.60 42.93 19.62
CA GLU A 59 5.91 42.46 20.13
C GLU A 59 6.02 40.94 20.04
N ASN A 60 7.20 40.44 19.68
CA ASN A 60 7.46 39.00 19.58
C ASN A 60 7.36 38.25 20.93
N SER A 61 6.88 38.95 21.95
CA SER A 61 6.81 38.41 23.31
C SER A 61 5.39 38.30 23.85
N THR A 62 4.43 38.88 23.13
CA THR A 62 3.05 39.02 23.63
C THR A 62 2.34 37.68 23.82
N PHE A 63 2.79 36.65 23.10
CA PHE A 63 2.19 35.32 23.24
C PHE A 63 3.18 34.24 23.67
N ASP A 64 4.11 34.62 24.55
CA ASP A 64 5.03 33.67 25.18
C ASP A 64 4.26 32.76 26.14
N GLU A 65 3.41 33.39 26.96
CA GLU A 65 2.58 32.69 27.92
C GLU A 65 1.20 32.29 27.36
N PHE A 66 1.14 32.11 26.04
CA PHE A 66 -0.07 31.64 25.37
C PHE A 66 -0.29 30.14 25.56
N GLY A 67 0.81 29.39 25.54
CA GLY A 67 0.78 27.95 25.83
C GLY A 67 0.58 27.06 24.62
N HIS A 68 0.55 27.67 23.43
CA HIS A 68 0.46 26.96 22.16
C HIS A 68 1.37 27.62 21.11
N SER A 69 1.83 26.85 20.13
CA SER A 69 2.49 27.42 18.96
C SER A 69 1.45 28.04 18.03
N ILE A 70 1.58 29.34 17.78
CA ILE A 70 0.71 30.04 16.85
C ILE A 70 1.20 29.81 15.42
N ASN A 71 0.34 29.17 14.61
CA ASN A 71 0.66 28.83 13.22
C ASN A 71 0.55 30.04 12.29
N ASP A 72 -0.42 30.91 12.56
CA ASP A 72 -0.75 32.06 11.71
C ASP A 72 -1.65 33.02 12.49
N TYR A 73 -1.82 34.24 11.97
CA TYR A 73 -2.66 35.24 12.60
C TYR A 73 -3.41 35.97 11.51
N SER A 74 -4.48 36.67 11.86
CA SER A 74 -5.09 37.61 10.93
C SER A 74 -5.87 38.70 11.65
N ILE A 75 -5.65 39.93 11.22
CA ILE A 75 -6.25 41.08 11.88
C ILE A 75 -7.55 41.43 11.19
N SER A 76 -8.57 41.75 12.00
CA SER A 76 -9.83 42.24 11.47
C SER A 76 -9.57 43.47 10.61
N PRO A 77 -10.40 43.69 9.58
CA PRO A 77 -10.14 44.85 8.72
C PRO A 77 -10.15 46.20 9.45
N ASP A 78 -10.90 46.31 10.54
CA ASP A 78 -10.94 47.58 11.28
C ASP A 78 -9.80 47.74 12.29
N GLY A 79 -8.90 46.75 12.35
CA GLY A 79 -7.72 46.80 13.21
C GLY A 79 -7.99 46.54 14.68
N GLN A 80 -9.24 46.21 15.01
CA GLN A 80 -9.64 46.08 16.41
C GLN A 80 -9.32 44.73 17.06
N PHE A 81 -9.20 43.69 16.25
CA PHE A 81 -8.97 42.33 16.76
C PHE A 81 -7.94 41.57 15.94
N ILE A 82 -7.32 40.57 16.56
CA ILE A 82 -6.48 39.64 15.82
C ILE A 82 -6.92 38.20 16.06
N LEU A 83 -6.97 37.45 14.97
CA LEU A 83 -7.33 36.05 14.99
C LEU A 83 -6.06 35.24 15.02
N LEU A 84 -5.93 34.37 16.01
CA LEU A 84 -4.74 33.57 16.21
C LEU A 84 -5.10 32.13 15.94
N GLU A 85 -4.34 31.52 15.04
CA GLU A 85 -4.59 30.17 14.60
C GLU A 85 -3.54 29.22 15.20
N TYR A 86 -4.00 28.18 15.90
CA TYR A 86 -3.09 27.15 16.41
C TYR A 86 -3.72 25.76 16.27
N ASN A 87 -3.01 24.73 16.72
CA ASN A 87 -3.43 23.33 16.54
C ASN A 87 -3.71 23.03 15.06
N TYR A 88 -2.91 23.63 14.17
CA TYR A 88 -3.05 23.43 12.73
C TYR A 88 -2.88 21.96 12.36
N VAL A 89 -3.86 21.41 11.65
CA VAL A 89 -3.73 20.06 11.12
C VAL A 89 -4.09 20.03 9.63
N LYS A 90 -3.10 19.78 8.78
CA LYS A 90 -3.31 19.70 7.34
C LYS A 90 -4.38 18.68 6.95
N GLN A 91 -5.23 19.05 5.99
CA GLN A 91 -6.08 18.07 5.31
C GLN A 91 -5.59 17.84 3.86
N TRP A 92 -6.25 18.41 2.86
CA TRP A 92 -5.82 18.22 1.47
C TRP A 92 -4.87 19.33 1.01
N ARG A 93 -4.94 19.73 -0.25
CA ARG A 93 -4.03 20.77 -0.75
C ARG A 93 -4.25 22.12 -0.05
N HIS A 94 -5.50 22.50 0.17
CA HIS A 94 -5.78 23.79 0.82
C HIS A 94 -6.48 23.67 2.19
N SER A 95 -7.27 22.60 2.38
CA SER A 95 -8.04 22.40 3.61
C SER A 95 -7.17 22.04 4.81
N TYR A 96 -7.59 22.52 5.99
CA TYR A 96 -7.01 22.13 7.27
C TYR A 96 -7.99 22.43 8.41
N THR A 97 -7.72 21.91 9.60
CA THR A 97 -8.48 22.30 10.80
C THR A 97 -7.57 22.97 11.82
N ALA A 98 -8.15 23.81 12.67
CA ALA A 98 -7.36 24.56 13.61
C ALA A 98 -8.22 25.05 14.77
N SER A 99 -7.54 25.43 15.85
CA SER A 99 -8.17 26.15 16.94
C SER A 99 -7.91 27.63 16.75
N TYR A 100 -8.77 28.44 17.36
CA TYR A 100 -8.72 29.87 17.16
C TYR A 100 -9.02 30.58 18.46
N ASP A 101 -8.24 31.61 18.73
CA ASP A 101 -8.55 32.55 19.79
C ASP A 101 -8.62 33.92 19.17
N ILE A 102 -9.40 34.79 19.77
CA ILE A 102 -9.45 36.17 19.34
C ILE A 102 -8.83 37.03 20.42
N TYR A 103 -7.96 37.94 19.99
CA TYR A 103 -7.31 38.87 20.89
C TYR A 103 -7.82 40.27 20.58
N ASP A 104 -8.27 40.95 21.64
CA ASP A 104 -8.76 42.31 21.57
C ASP A 104 -7.57 43.27 21.61
N LEU A 105 -7.33 43.95 20.49
CA LEU A 105 -6.16 44.83 20.34
C LEU A 105 -6.30 46.13 21.08
N ASN A 106 -7.53 46.51 21.40
CA ASN A 106 -7.79 47.71 22.18
C ASN A 106 -7.64 47.47 23.67
N LYS A 107 -8.37 46.48 24.19
CA LYS A 107 -8.28 46.09 25.61
C LYS A 107 -6.97 45.34 25.92
N ARG A 108 -6.29 44.91 24.86
CA ARG A 108 -5.03 44.15 24.95
C ARG A 108 -5.17 42.93 25.86
N GLN A 109 -6.20 42.13 25.59
CA GLN A 109 -6.38 40.84 26.25
C GLN A 109 -7.12 39.83 25.36
N LEU A 110 -6.90 38.55 25.65
CA LEU A 110 -7.60 37.47 24.96
C LEU A 110 -9.08 37.49 25.30
N ILE A 111 -9.90 37.06 24.35
CA ILE A 111 -11.31 36.83 24.62
C ILE A 111 -11.49 35.38 25.07
N THR A 112 -12.13 35.20 26.22
CA THR A 112 -12.27 33.86 26.80
C THR A 112 -13.72 33.40 26.76
N GLU A 113 -14.59 34.29 26.32
CA GLU A 113 -16.01 34.02 26.26
C GLU A 113 -16.46 33.66 24.83
N GLU A 114 -17.34 32.66 24.73
CA GLU A 114 -18.02 32.31 23.46
C GLU A 114 -16.99 32.09 22.35
N ARG A 115 -16.08 31.15 22.60
CA ARG A 115 -14.94 30.96 21.74
C ARG A 115 -15.26 30.17 20.49
N ILE A 116 -14.55 30.49 19.41
CA ILE A 116 -14.59 29.69 18.20
C ILE A 116 -14.21 28.28 18.64
N PRO A 117 -14.99 27.27 18.24
CA PRO A 117 -14.71 25.92 18.73
C PRO A 117 -13.42 25.31 18.15
N ASN A 118 -12.94 24.27 18.83
CA ASN A 118 -11.84 23.46 18.35
C ASN A 118 -12.31 22.72 17.10
N ASN A 119 -11.37 22.34 16.23
CA ASN A 119 -11.65 21.60 15.00
C ASN A 119 -12.51 22.39 14.02
N THR A 120 -12.31 23.71 14.02
CA THR A 120 -12.94 24.58 13.05
C THR A 120 -12.28 24.39 11.69
N GLN A 121 -13.12 24.30 10.66
CA GLN A 121 -12.70 23.95 9.31
C GLN A 121 -12.29 25.16 8.48
N TRP A 122 -12.96 26.28 8.69
CA TRP A 122 -12.60 27.55 8.05
C TRP A 122 -13.13 28.73 8.86
N VAL A 123 -12.41 29.85 8.81
CA VAL A 123 -12.88 31.09 9.45
C VAL A 123 -12.44 32.30 8.63
N THR A 124 -13.35 33.25 8.43
CA THR A 124 -13.01 34.49 7.76
C THR A 124 -13.67 35.72 8.39
N TRP A 125 -12.90 36.80 8.52
CA TRP A 125 -13.44 38.11 8.86
C TRP A 125 -14.33 38.60 7.71
N SER A 126 -15.34 39.39 8.03
CA SER A 126 -16.05 40.17 7.01
C SER A 126 -15.08 41.19 6.38
N PRO A 127 -15.37 41.67 5.15
CA PRO A 127 -14.39 42.52 4.45
C PRO A 127 -14.18 43.84 5.15
N VAL A 128 -15.16 44.26 5.95
CA VAL A 128 -15.15 45.53 6.69
C VAL A 128 -15.57 45.21 8.13
N GLY A 129 -15.05 45.95 9.09
CA GLY A 129 -15.43 45.79 10.50
C GLY A 129 -14.78 44.58 11.14
N HIS A 130 -15.56 43.82 11.91
CA HIS A 130 -15.01 42.67 12.65
C HIS A 130 -16.01 41.52 12.86
N LYS A 131 -16.96 41.38 11.92
CA LYS A 131 -17.81 40.20 11.86
C LYS A 131 -16.95 38.99 11.52
N LEU A 132 -17.38 37.82 12.01
CA LEU A 132 -16.74 36.57 11.70
C LEU A 132 -17.73 35.56 11.18
N ALA A 133 -17.30 34.78 10.19
CA ALA A 133 -18.04 33.64 9.70
C ALA A 133 -17.11 32.45 9.80
N TYR A 134 -17.62 31.33 10.28
CA TYR A 134 -16.78 30.15 10.40
C TYR A 134 -17.59 28.90 10.19
N VAL A 135 -16.89 27.83 9.83
CA VAL A 135 -17.49 26.55 9.52
C VAL A 135 -16.99 25.52 10.51
N TRP A 136 -17.92 24.80 11.14
CA TRP A 136 -17.59 23.82 12.18
C TRP A 136 -18.55 22.65 12.06
N ASN A 137 -18.00 21.45 11.98
CA ASN A 137 -18.78 20.24 11.69
C ASN A 137 -19.70 20.42 10.48
N ASN A 138 -19.13 21.01 9.43
CA ASN A 138 -19.80 21.17 8.14
C ASN A 138 -20.97 22.18 8.10
N ASP A 139 -21.14 22.98 9.17
CA ASP A 139 -22.16 24.03 9.22
C ASP A 139 -21.54 25.41 9.41
N ILE A 140 -22.28 26.42 8.99
CA ILE A 140 -21.82 27.81 9.05
C ILE A 140 -22.39 28.49 10.28
N TYR A 141 -21.54 29.32 10.88
CA TYR A 141 -21.87 30.12 12.05
C TYR A 141 -21.35 31.54 11.81
N VAL A 142 -22.09 32.51 12.36
CA VAL A 142 -21.70 33.92 12.27
C VAL A 142 -21.70 34.57 13.65
N LYS A 143 -20.60 35.23 14.00
CA LYS A 143 -20.54 36.13 15.15
C LYS A 143 -20.54 37.56 14.67
N ILE A 144 -21.45 38.35 15.19
CA ILE A 144 -21.49 39.77 14.89
C ILE A 144 -20.35 40.47 15.66
N GLU A 145 -20.09 39.99 16.88
CA GLU A 145 -19.01 40.50 17.73
C GLU A 145 -18.20 39.33 18.27
N PRO A 146 -16.87 39.50 18.36
CA PRO A 146 -15.95 38.41 18.72
C PRO A 146 -16.24 37.75 20.07
N ASN A 147 -16.89 38.48 20.97
CA ASN A 147 -17.11 37.97 22.32
C ASN A 147 -18.53 37.45 22.58
N LEU A 148 -19.41 37.60 21.60
CA LEU A 148 -20.82 37.27 21.73
C LEU A 148 -21.16 35.91 21.12
N PRO A 149 -22.34 35.35 21.46
CA PRO A 149 -22.69 34.05 20.89
C PRO A 149 -22.88 34.06 19.35
N SER A 150 -22.46 32.96 18.74
CA SER A 150 -22.62 32.71 17.33
C SER A 150 -24.06 32.47 16.99
N TYR A 151 -24.43 32.86 15.76
CA TYR A 151 -25.69 32.46 15.14
C TYR A 151 -25.41 31.29 14.20
N ARG A 152 -26.11 30.19 14.41
CA ARG A 152 -26.02 29.06 13.52
C ARG A 152 -26.77 29.42 12.23
N ILE A 153 -26.18 29.11 11.08
CA ILE A 153 -26.79 29.41 9.77
C ILE A 153 -27.39 28.17 9.10
N THR A 154 -26.68 27.03 9.22
CA THR A 154 -27.12 25.77 8.63
C THR A 154 -27.20 24.64 9.65
N TRP A 155 -28.12 23.71 9.41
CA TRP A 155 -28.33 22.54 10.25
C TRP A 155 -28.11 21.23 9.46
N THR A 156 -27.84 21.35 8.18
CA THR A 156 -27.68 20.17 7.30
C THR A 156 -26.30 19.52 7.29
N GLY A 157 -25.28 20.20 7.82
CA GLY A 157 -23.91 19.70 7.82
C GLY A 157 -23.81 18.23 8.18
N LYS A 158 -23.09 17.46 7.38
CA LYS A 158 -22.94 16.05 7.65
C LYS A 158 -21.64 15.54 7.07
N GLU A 159 -20.79 15.06 7.98
CA GLU A 159 -19.45 14.57 7.68
C GLU A 159 -19.43 13.72 6.40
N ASP A 160 -18.61 14.12 5.43
CA ASP A 160 -18.48 13.41 4.14
C ASP A 160 -19.74 13.42 3.28
N ILE A 161 -20.77 14.17 3.68
CA ILE A 161 -22.02 14.13 2.92
C ILE A 161 -22.50 15.53 2.53
N ILE A 162 -22.81 16.36 3.51
CA ILE A 162 -23.21 17.74 3.25
C ILE A 162 -22.17 18.72 3.77
N TYR A 163 -21.70 19.58 2.87
CA TYR A 163 -20.72 20.61 3.21
C TYR A 163 -21.34 21.97 2.98
N ASN A 164 -21.48 22.75 4.05
CA ASN A 164 -21.98 24.13 3.97
C ASN A 164 -20.82 25.10 4.17
N GLY A 165 -20.53 25.90 3.15
CA GLY A 165 -19.53 26.95 3.27
C GLY A 165 -18.09 26.47 3.15
N ILE A 166 -17.91 25.18 2.89
CA ILE A 166 -16.61 24.59 2.58
C ILE A 166 -16.78 23.66 1.40
N THR A 167 -15.70 23.43 0.68
CA THR A 167 -15.76 22.58 -0.50
C THR A 167 -15.57 21.11 -0.13
N ASP A 168 -16.08 20.20 -0.94
CA ASP A 168 -15.70 18.77 -0.82
C ASP A 168 -14.34 18.59 -1.49
N TRP A 169 -13.88 17.34 -1.62
CA TRP A 169 -12.53 17.08 -2.12
C TRP A 169 -12.30 17.64 -3.53
N VAL A 170 -13.17 17.29 -4.47
CA VAL A 170 -12.98 17.67 -5.86
C VAL A 170 -13.18 19.18 -6.12
N TYR A 171 -14.13 19.82 -5.42
CA TYR A 171 -14.32 21.25 -5.58
C TYR A 171 -13.10 22.00 -5.04
N GLU A 172 -12.56 21.52 -3.91
CA GLU A 172 -11.35 22.10 -3.34
C GLU A 172 -10.18 22.00 -4.32
N GLU A 173 -9.92 20.79 -4.82
CA GLU A 173 -8.76 20.56 -5.66
C GLU A 173 -8.87 21.17 -7.05
N GLU A 174 -10.05 21.04 -7.68
CA GLU A 174 -10.20 21.32 -9.11
C GLU A 174 -11.03 22.54 -9.49
N VAL A 175 -11.91 23.00 -8.61
CA VAL A 175 -12.81 24.08 -8.97
C VAL A 175 -12.42 25.39 -8.31
N PHE A 176 -12.29 25.40 -7.00
CA PHE A 176 -12.06 26.66 -6.31
C PHE A 176 -10.62 26.88 -5.85
N SER A 177 -9.78 25.85 -5.92
CA SER A 177 -8.41 25.93 -5.36
C SER A 177 -8.45 26.53 -3.96
N ALA A 178 -9.48 26.18 -3.19
CA ALA A 178 -9.65 26.69 -1.84
C ALA A 178 -10.56 25.78 -1.07
N TYR A 179 -10.51 25.86 0.24
CA TYR A 179 -11.37 25.09 1.08
C TYR A 179 -12.67 25.85 1.28
N SER A 180 -12.59 27.17 1.42
CA SER A 180 -13.77 27.96 1.71
C SER A 180 -14.73 28.01 0.54
N ALA A 181 -16.01 27.97 0.88
CA ALA A 181 -17.09 28.17 -0.08
C ALA A 181 -18.08 29.15 0.56
N LEU A 182 -17.53 30.25 1.08
CA LEU A 182 -18.38 31.35 1.48
C LEU A 182 -17.82 32.70 1.04
N TRP A 183 -18.72 33.66 0.81
CA TRP A 183 -18.36 34.92 0.19
C TRP A 183 -19.16 36.05 0.80
N TRP A 184 -18.50 36.83 1.64
CA TRP A 184 -19.07 38.03 2.23
C TRP A 184 -19.27 39.09 1.16
N SER A 185 -20.41 39.77 1.22
CA SER A 185 -20.66 40.92 0.35
C SER A 185 -19.74 42.05 0.79
N PRO A 186 -19.49 43.05 -0.09
CA PRO A 186 -18.36 43.97 0.12
C PRO A 186 -18.38 44.77 1.44
N ASN A 187 -19.56 45.10 1.94
CA ASN A 187 -19.63 45.79 3.24
C ASN A 187 -20.09 44.87 4.38
N GLY A 188 -20.30 43.59 4.05
CA GLY A 188 -20.49 42.54 5.05
C GLY A 188 -21.92 42.26 5.47
N THR A 189 -22.87 42.89 4.80
CA THR A 189 -24.27 42.70 5.11
C THR A 189 -24.70 41.27 4.80
N PHE A 190 -24.40 40.82 3.57
CA PHE A 190 -24.79 39.48 3.11
C PHE A 190 -23.68 38.45 3.21
N LEU A 191 -24.05 37.21 3.49
CA LEU A 191 -23.09 36.12 3.39
C LEU A 191 -23.62 35.13 2.37
N ALA A 192 -22.90 34.99 1.27
CA ALA A 192 -23.23 34.01 0.26
C ALA A 192 -22.44 32.74 0.54
N TYR A 193 -23.00 31.59 0.20
CA TYR A 193 -22.26 30.34 0.37
C TYR A 193 -22.78 29.25 -0.51
N ALA A 194 -21.93 28.28 -0.79
CA ALA A 194 -22.34 27.10 -1.53
C ALA A 194 -22.50 25.93 -0.58
N GLN A 195 -23.36 25.00 -0.99
CA GLN A 195 -23.60 23.77 -0.24
C GLN A 195 -23.37 22.59 -1.16
N PHE A 196 -22.49 21.69 -0.75
CA PHE A 196 -22.13 20.54 -1.56
C PHE A 196 -22.72 19.27 -0.98
N ASN A 197 -23.28 18.45 -1.86
CA ASN A 197 -23.91 17.19 -1.50
C ASN A 197 -23.21 16.02 -2.18
N ASP A 198 -22.53 15.20 -1.38
CA ASP A 198 -21.74 14.09 -1.91
C ASP A 198 -22.37 12.72 -1.64
N THR A 199 -23.69 12.71 -1.38
CA THR A 199 -24.39 11.49 -0.91
C THR A 199 -24.06 10.26 -1.76
N GLU A 200 -24.02 10.44 -3.08
CA GLU A 200 -23.92 9.31 -4.00
C GLU A 200 -22.56 9.20 -4.67
N VAL A 201 -21.62 10.05 -4.26
CA VAL A 201 -20.26 10.02 -4.75
C VAL A 201 -19.47 8.86 -4.13
N PRO A 202 -18.87 8.01 -4.97
CA PRO A 202 -18.12 6.87 -4.46
C PRO A 202 -16.90 7.30 -3.66
N LEU A 203 -16.46 6.43 -2.76
CA LEU A 203 -15.33 6.72 -1.87
C LEU A 203 -14.05 6.07 -2.35
N ILE A 204 -12.97 6.85 -2.37
CA ILE A 204 -11.64 6.26 -2.42
C ILE A 204 -11.31 5.82 -1.01
N GLU A 205 -10.68 4.65 -0.89
CA GLU A 205 -10.31 4.09 0.40
C GLU A 205 -8.85 3.68 0.34
N TYR A 206 -8.10 4.01 1.37
CA TYR A 206 -6.70 3.61 1.43
C TYR A 206 -6.26 3.60 2.87
N SER A 207 -5.24 2.78 3.14
CA SER A 207 -4.69 2.64 4.47
C SER A 207 -3.75 3.80 4.80
N PHE A 208 -3.85 4.24 6.06
CA PHE A 208 -2.92 5.17 6.63
C PHE A 208 -2.34 4.46 7.86
N TYR A 209 -1.02 4.38 7.94
CA TYR A 209 -0.40 3.53 8.95
C TYR A 209 -0.12 4.27 10.26
N SER A 210 0.20 5.56 10.17
CA SER A 210 0.41 6.43 11.34
C SER A 210 1.66 6.02 12.13
N ASP A 211 1.82 6.59 13.31
CA ASP A 211 2.94 6.22 14.16
C ASP A 211 2.92 4.73 14.45
N GLU A 212 4.12 4.19 14.63
CA GLU A 212 4.38 2.79 14.92
C GLU A 212 3.48 2.22 16.03
N SER A 213 3.10 3.07 16.97
CA SER A 213 2.24 2.67 18.09
C SER A 213 0.84 2.25 17.66
N LEU A 214 0.39 2.70 16.49
CA LEU A 214 -0.95 2.34 16.02
C LEU A 214 -1.00 0.86 15.59
N GLN A 215 -1.73 0.05 16.35
CA GLN A 215 -1.75 -1.41 16.14
C GLN A 215 -2.44 -1.83 14.84
N TYR A 216 -3.62 -1.27 14.57
CA TYR A 216 -4.35 -1.51 13.33
C TYR A 216 -4.32 -0.26 12.47
N PRO A 217 -3.93 -0.39 11.18
CA PRO A 217 -3.93 0.76 10.28
C PRO A 217 -5.34 1.34 10.11
N LYS A 218 -5.45 2.65 9.93
CA LYS A 218 -6.76 3.24 9.66
C LYS A 218 -7.05 3.23 8.15
N THR A 219 -8.32 3.12 7.81
CA THR A 219 -8.78 3.28 6.45
C THR A 219 -9.36 4.68 6.27
N VAL A 220 -8.70 5.47 5.43
CA VAL A 220 -9.16 6.79 5.07
C VAL A 220 -10.20 6.63 3.95
N ARG A 221 -11.36 7.25 4.14
CA ARG A 221 -12.44 7.17 3.18
C ARG A 221 -12.82 8.60 2.77
N VAL A 222 -12.69 8.90 1.47
CA VAL A 222 -12.93 10.24 0.94
C VAL A 222 -13.85 10.18 -0.27
N PRO A 223 -14.97 10.94 -0.25
CA PRO A 223 -15.80 11.07 -1.43
C PRO A 223 -14.99 11.75 -2.54
N TYR A 224 -14.84 11.03 -3.64
CA TYR A 224 -13.93 11.38 -4.67
C TYR A 224 -14.51 10.77 -5.92
N PRO A 225 -15.05 11.61 -6.82
CA PRO A 225 -15.58 11.07 -8.08
C PRO A 225 -14.48 10.89 -9.14
N LYS A 226 -14.22 9.65 -9.52
CA LYS A 226 -13.31 9.37 -10.61
C LYS A 226 -14.01 9.67 -11.95
N ALA A 227 -13.29 9.59 -13.07
CA ALA A 227 -13.89 9.98 -14.36
C ALA A 227 -15.18 9.23 -14.69
N GLY A 228 -16.22 9.98 -15.02
CA GLY A 228 -17.50 9.39 -15.42
C GLY A 228 -18.38 8.92 -14.28
N ALA A 229 -17.90 9.05 -13.04
CA ALA A 229 -18.65 8.65 -11.86
C ALA A 229 -19.66 9.73 -11.43
N VAL A 230 -20.48 9.41 -10.42
CA VAL A 230 -21.46 10.37 -9.88
C VAL A 230 -20.75 11.53 -9.17
N ASN A 231 -21.04 12.75 -9.60
CA ASN A 231 -20.46 13.97 -9.06
C ASN A 231 -21.28 14.45 -7.86
N PRO A 232 -20.69 15.33 -7.02
CA PRO A 232 -21.48 16.08 -6.05
C PRO A 232 -22.42 17.05 -6.77
N THR A 233 -23.53 17.34 -6.13
CA THR A 233 -24.43 18.36 -6.58
C THR A 233 -24.17 19.55 -5.67
N VAL A 234 -24.62 20.72 -6.11
CA VAL A 234 -24.30 21.94 -5.44
C VAL A 234 -25.50 22.83 -5.44
N LYS A 235 -25.64 23.61 -4.37
CA LYS A 235 -26.64 24.65 -4.27
C LYS A 235 -25.99 25.92 -3.73
N PHE A 236 -26.62 27.06 -3.99
CA PHE A 236 -26.08 28.35 -3.62
C PHE A 236 -27.11 29.16 -2.86
N PHE A 237 -26.67 29.81 -1.78
CA PHE A 237 -27.56 30.54 -0.88
C PHE A 237 -26.95 31.87 -0.48
N VAL A 238 -27.81 32.84 -0.17
CA VAL A 238 -27.39 34.11 0.43
C VAL A 238 -28.21 34.36 1.71
N VAL A 239 -27.53 34.60 2.83
CA VAL A 239 -28.22 35.07 4.04
C VAL A 239 -27.85 36.52 4.39
N ASN A 240 -28.81 37.27 4.93
CA ASN A 240 -28.59 38.65 5.39
C ASN A 240 -28.16 38.65 6.86
N THR A 241 -26.88 38.80 7.11
CA THR A 241 -26.37 38.72 8.49
C THR A 241 -26.77 39.92 9.36
N ASP A 242 -27.20 41.02 8.72
CA ASP A 242 -27.68 42.19 9.48
C ASP A 242 -29.00 41.90 10.18
N SER A 243 -29.71 40.88 9.69
CA SER A 243 -31.01 40.47 10.23
C SER A 243 -30.89 39.46 11.38
N LEU A 244 -29.70 38.91 11.59
CA LEU A 244 -29.51 37.80 12.54
C LEU A 244 -29.97 38.10 13.96
N SER A 245 -29.67 39.31 14.44
CA SER A 245 -29.93 39.66 15.81
C SER A 245 -31.38 40.10 16.01
N SER A 246 -32.11 40.28 14.91
CA SER A 246 -33.53 40.70 14.93
C SER A 246 -34.48 39.55 14.73
N VAL A 247 -33.96 38.44 14.23
CA VAL A 247 -34.82 37.34 13.87
C VAL A 247 -34.28 36.03 14.44
N THR A 248 -35.19 35.09 14.68
CA THR A 248 -34.87 33.83 15.36
C THR A 248 -33.96 32.98 14.49
N ASN A 249 -34.35 32.86 13.22
CA ASN A 249 -33.70 32.00 12.28
C ASN A 249 -33.76 32.63 10.90
N ALA A 250 -32.74 33.42 10.57
CA ALA A 250 -32.67 34.10 9.27
C ALA A 250 -32.64 33.13 8.09
N THR A 251 -33.48 33.42 7.11
CA THR A 251 -33.64 32.59 5.91
C THR A 251 -32.45 32.73 4.95
N SER A 252 -31.86 31.60 4.60
CA SER A 252 -30.91 31.49 3.51
C SER A 252 -31.72 31.43 2.22
N ILE A 253 -31.62 32.47 1.40
CA ILE A 253 -32.34 32.57 0.14
C ILE A 253 -31.57 31.83 -0.94
N GLN A 254 -32.20 30.86 -1.58
CA GLN A 254 -31.51 30.12 -2.63
C GLN A 254 -31.51 30.89 -3.95
N ILE A 255 -30.39 30.83 -4.67
CA ILE A 255 -30.33 31.27 -6.05
C ILE A 255 -30.06 30.03 -6.90
N THR A 256 -31.08 29.60 -7.65
CA THR A 256 -30.96 28.38 -8.45
C THR A 256 -30.15 28.62 -9.75
N ALA A 257 -29.57 27.53 -10.26
CA ALA A 257 -28.84 27.55 -11.52
C ALA A 257 -29.80 27.81 -12.67
N PRO A 258 -29.30 28.42 -13.77
CA PRO A 258 -30.18 28.62 -14.93
C PRO A 258 -30.65 27.29 -15.54
N ALA A 259 -31.81 27.32 -16.18
CA ALA A 259 -32.39 26.18 -16.86
C ALA A 259 -31.40 25.40 -17.74
N SER A 260 -30.52 26.13 -18.41
CA SER A 260 -29.56 25.50 -19.32
C SER A 260 -28.52 24.65 -18.57
N MET A 261 -28.38 24.85 -17.25
CA MET A 261 -27.48 24.03 -16.42
C MET A 261 -28.26 22.90 -15.76
N LEU A 262 -29.47 23.20 -15.30
CA LEU A 262 -30.31 22.22 -14.61
C LEU A 262 -30.67 20.97 -15.45
N ILE A 263 -30.51 21.05 -16.79
CA ILE A 263 -30.80 19.90 -17.66
C ILE A 263 -29.85 18.71 -17.45
N GLY A 264 -28.68 18.97 -16.88
CA GLY A 264 -27.70 17.91 -16.64
C GLY A 264 -26.85 18.18 -15.42
N ASP A 265 -25.77 17.40 -15.28
CA ASP A 265 -24.74 17.63 -14.27
C ASP A 265 -24.05 18.94 -14.58
N HIS A 266 -23.68 19.66 -13.53
CA HIS A 266 -23.07 20.97 -13.72
C HIS A 266 -22.26 21.31 -12.47
N TYR A 267 -21.53 22.42 -12.53
CA TYR A 267 -20.73 22.91 -11.42
C TYR A 267 -21.01 24.38 -11.17
N LEU A 268 -20.86 24.79 -9.91
CA LEU A 268 -20.67 26.20 -9.61
C LEU A 268 -19.18 26.49 -9.70
N CYS A 269 -18.77 27.37 -10.61
CA CYS A 269 -17.32 27.61 -10.77
C CYS A 269 -16.78 28.98 -10.37
N ASP A 270 -17.65 29.97 -10.15
CA ASP A 270 -17.19 31.31 -9.70
C ASP A 270 -18.30 32.06 -8.98
N VAL A 271 -17.92 32.73 -7.90
CA VAL A 271 -18.80 33.62 -7.17
C VAL A 271 -18.04 34.93 -6.98
N THR A 272 -18.66 36.03 -7.39
CA THR A 272 -18.04 37.34 -7.29
C THR A 272 -19.09 38.39 -7.06
N TRP A 273 -18.95 39.12 -5.95
CA TRP A 273 -19.85 40.22 -5.64
C TRP A 273 -19.51 41.39 -6.55
N ALA A 274 -20.52 42.10 -7.02
CA ALA A 274 -20.31 43.25 -7.88
C ALA A 274 -20.52 44.55 -7.10
N THR A 275 -21.58 44.59 -6.29
CA THR A 275 -21.91 45.72 -5.43
C THR A 275 -22.48 45.11 -4.13
N GLN A 276 -23.01 45.97 -3.26
CA GLN A 276 -23.64 45.54 -1.99
C GLN A 276 -24.88 44.68 -2.23
N GLU A 277 -25.49 44.80 -3.40
CA GLU A 277 -26.78 44.17 -3.66
C GLU A 277 -26.82 43.47 -5.02
N ARG A 278 -25.65 43.11 -5.51
CA ARG A 278 -25.51 42.46 -6.80
C ARG A 278 -24.43 41.38 -6.74
N ILE A 279 -24.81 40.15 -7.02
CA ILE A 279 -23.86 39.08 -7.02
C ILE A 279 -23.77 38.42 -8.39
N SER A 280 -22.57 38.04 -8.80
CA SER A 280 -22.45 37.28 -10.02
C SER A 280 -21.99 35.85 -9.77
N LEU A 281 -22.56 34.94 -10.57
CA LEU A 281 -22.26 33.52 -10.49
C LEU A 281 -22.01 32.94 -11.86
N GLN A 282 -20.94 32.16 -11.97
CA GLN A 282 -20.70 31.40 -13.19
C GLN A 282 -20.90 29.93 -12.93
N TRP A 283 -21.67 29.30 -13.82
CA TRP A 283 -21.95 27.87 -13.78
C TRP A 283 -21.30 27.20 -14.98
N LEU A 284 -20.89 25.95 -14.84
CA LEU A 284 -20.22 25.19 -15.90
C LEU A 284 -20.86 23.81 -16.03
N ARG A 285 -21.25 23.43 -17.25
CA ARG A 285 -21.79 22.10 -17.50
C ARG A 285 -20.72 21.05 -17.28
N ARG A 286 -21.13 19.85 -16.88
CA ARG A 286 -20.18 18.74 -16.76
C ARG A 286 -19.34 18.58 -18.03
N ILE A 287 -19.97 18.72 -19.20
CA ILE A 287 -19.22 18.88 -20.45
C ILE A 287 -18.74 20.33 -20.48
N GLN A 288 -17.46 20.52 -20.16
CA GLN A 288 -16.93 21.83 -19.78
C GLN A 288 -16.64 22.83 -20.93
N ASN A 289 -17.44 22.81 -21.99
CA ASN A 289 -17.26 23.76 -23.08
C ASN A 289 -18.41 24.78 -23.16
N TYR A 290 -19.19 24.86 -22.08
CA TYR A 290 -20.33 25.77 -21.99
C TYR A 290 -20.49 26.27 -20.55
N SER A 291 -20.44 27.59 -20.38
CA SER A 291 -20.64 28.22 -19.07
C SER A 291 -21.55 29.42 -19.17
N VAL A 292 -22.23 29.73 -18.07
CA VAL A 292 -23.21 30.80 -18.03
C VAL A 292 -23.01 31.66 -16.78
N MET A 293 -22.90 32.97 -16.97
CA MET A 293 -22.83 33.89 -15.86
C MET A 293 -24.19 34.53 -15.61
N ASP A 294 -24.75 34.32 -14.41
CA ASP A 294 -25.91 35.07 -13.96
C ASP A 294 -25.44 36.25 -13.13
N ILE A 295 -26.19 37.35 -13.21
CA ILE A 295 -25.91 38.53 -12.43
C ILE A 295 -27.19 38.84 -11.66
N CYS A 296 -27.13 38.79 -10.32
CA CYS A 296 -28.36 38.75 -9.53
C CYS A 296 -28.47 39.91 -8.57
N ASP A 297 -29.65 40.53 -8.56
CA ASP A 297 -29.94 41.69 -7.73
C ASP A 297 -30.84 41.38 -6.53
N TYR A 298 -30.52 41.97 -5.38
CA TYR A 298 -31.40 41.86 -4.25
C TYR A 298 -32.66 42.69 -4.49
N ASP A 299 -33.81 42.05 -4.31
CA ASP A 299 -35.13 42.68 -4.44
C ASP A 299 -35.66 43.00 -3.04
N GLU A 300 -35.50 44.26 -2.67
CA GLU A 300 -35.76 44.75 -1.32
C GLU A 300 -37.19 44.48 -0.82
N SER A 301 -38.15 44.38 -1.73
CA SER A 301 -39.56 44.23 -1.35
C SER A 301 -39.98 42.77 -1.18
N SER A 302 -39.19 41.83 -1.68
CA SER A 302 -39.48 40.41 -1.54
C SER A 302 -38.44 39.68 -0.70
N GLY A 303 -37.32 40.34 -0.40
CA GLY A 303 -36.23 39.72 0.32
C GLY A 303 -35.53 38.65 -0.51
N ARG A 304 -35.68 38.73 -1.82
CA ARG A 304 -35.28 37.69 -2.76
C ARG A 304 -34.19 38.13 -3.76
N TRP A 305 -33.59 37.16 -4.44
CA TRP A 305 -32.53 37.44 -5.41
C TRP A 305 -32.94 37.03 -6.81
N ASN A 306 -32.97 37.98 -7.74
CA ASN A 306 -33.41 37.73 -9.12
C ASN A 306 -32.29 37.96 -10.13
N CYS A 307 -32.14 37.00 -11.05
CA CYS A 307 -31.14 37.10 -12.10
C CYS A 307 -31.82 37.28 -13.47
N LEU A 308 -31.81 38.53 -13.95
CA LEU A 308 -32.43 38.86 -15.24
C LEU A 308 -31.65 38.25 -16.38
N VAL A 309 -32.38 37.55 -17.25
CA VAL A 309 -31.79 36.92 -18.41
C VAL A 309 -31.10 37.92 -19.35
N ALA A 310 -31.57 39.17 -19.33
CA ALA A 310 -30.90 40.27 -20.03
C ALA A 310 -29.45 40.51 -19.53
N ARG A 311 -29.14 39.97 -18.36
CA ARG A 311 -27.82 40.13 -17.75
C ARG A 311 -27.02 38.84 -17.70
N GLN A 312 -27.51 37.82 -18.40
CA GLN A 312 -26.88 36.51 -18.38
C GLN A 312 -25.88 36.45 -19.52
N HIS A 313 -24.64 36.02 -19.22
CA HIS A 313 -23.59 35.94 -20.21
C HIS A 313 -23.11 34.50 -20.46
N ILE A 314 -23.07 34.12 -21.75
CA ILE A 314 -22.69 32.77 -22.17
C ILE A 314 -21.23 32.75 -22.62
N GLU A 315 -20.46 31.77 -22.14
CA GLU A 315 -19.09 31.62 -22.56
C GLU A 315 -18.88 30.17 -22.96
N MET A 316 -18.47 29.96 -24.20
CA MET A 316 -18.35 28.61 -24.73
C MET A 316 -17.11 28.44 -25.59
N SER A 317 -16.78 27.20 -25.91
CA SER A 317 -15.61 26.93 -26.72
C SER A 317 -15.89 25.83 -27.71
N THR A 318 -15.51 26.09 -28.96
CA THR A 318 -15.70 25.14 -30.07
C THR A 318 -14.49 24.19 -30.20
N THR A 319 -13.34 24.64 -29.69
CA THR A 319 -12.07 23.90 -29.84
C THR A 319 -11.58 23.17 -28.58
N GLY A 320 -12.06 23.57 -27.41
CA GLY A 320 -11.67 22.92 -26.16
C GLY A 320 -12.65 23.15 -25.03
N TRP A 321 -12.08 23.39 -23.85
CA TRP A 321 -12.84 23.70 -22.65
C TRP A 321 -12.87 25.23 -22.46
N VAL A 322 -13.58 25.69 -21.44
CA VAL A 322 -13.70 27.12 -21.17
C VAL A 322 -12.69 27.55 -20.11
N GLY A 323 -11.88 28.56 -20.43
CA GLY A 323 -10.86 29.07 -19.51
C GLY A 323 -9.58 28.25 -19.54
N ARG A 324 -8.55 28.71 -18.83
CA ARG A 324 -7.32 27.93 -18.76
C ARG A 324 -7.59 26.67 -17.95
N PHE A 325 -8.20 26.83 -16.76
CA PHE A 325 -8.60 25.69 -15.92
C PHE A 325 -10.06 25.74 -15.47
N ARG A 326 -10.73 26.85 -15.79
CA ARG A 326 -12.08 27.16 -15.33
C ARG A 326 -12.41 28.52 -15.91
N PRO A 327 -13.70 28.84 -16.10
CA PRO A 327 -14.05 30.18 -16.57
C PRO A 327 -13.43 31.24 -15.67
N SER A 328 -12.89 32.30 -16.28
CA SER A 328 -12.15 33.34 -15.57
C SER A 328 -13.05 34.23 -14.71
N GLU A 329 -12.44 34.95 -13.78
CA GLU A 329 -13.20 35.79 -12.87
C GLU A 329 -13.46 37.18 -13.48
N PRO A 330 -14.67 37.75 -13.23
CA PRO A 330 -14.96 39.10 -13.69
C PRO A 330 -14.50 40.13 -12.67
N HIS A 331 -14.09 41.30 -13.17
CA HIS A 331 -13.72 42.40 -12.30
C HIS A 331 -14.67 43.56 -12.63
N PHE A 332 -15.51 43.88 -11.66
CA PHE A 332 -16.56 44.88 -11.81
C PHE A 332 -16.05 46.28 -11.53
N THR A 333 -16.49 47.23 -12.34
CA THR A 333 -16.30 48.63 -12.03
C THR A 333 -17.09 48.97 -10.76
N LEU A 334 -16.70 50.03 -10.05
CA LEU A 334 -17.35 50.42 -8.77
C LEU A 334 -18.90 50.36 -8.77
N ASP A 335 -19.52 50.93 -9.81
CA ASP A 335 -20.99 50.98 -9.87
C ASP A 335 -21.64 49.61 -10.19
N GLY A 336 -20.82 48.62 -10.53
CA GLY A 336 -21.32 47.27 -10.85
C GLY A 336 -22.12 47.14 -12.13
N ASN A 337 -22.02 48.11 -13.03
CA ASN A 337 -22.78 48.10 -14.30
C ASN A 337 -21.99 47.58 -15.48
N SER A 338 -20.70 47.40 -15.29
CA SER A 338 -19.86 46.82 -16.31
C SER A 338 -18.74 46.00 -15.65
N PHE A 339 -18.08 45.16 -16.42
CA PHE A 339 -17.01 44.35 -15.86
C PHE A 339 -15.97 43.94 -16.92
N TYR A 340 -14.78 43.58 -16.46
CA TYR A 340 -13.71 43.13 -17.35
C TYR A 340 -13.44 41.68 -17.10
N LYS A 341 -13.10 40.95 -18.16
CA LYS A 341 -12.94 39.50 -18.07
C LYS A 341 -11.93 39.07 -19.11
N ILE A 342 -11.00 38.19 -18.72
CA ILE A 342 -10.09 37.57 -19.67
C ILE A 342 -10.80 36.43 -20.40
N ILE A 343 -10.93 36.54 -21.71
CA ILE A 343 -11.50 35.48 -22.51
C ILE A 343 -10.71 35.29 -23.79
N SER A 344 -10.88 34.10 -24.36
CA SER A 344 -10.23 33.75 -25.60
C SER A 344 -10.85 34.54 -26.73
N ASN A 345 -10.02 35.26 -27.48
CA ASN A 345 -10.53 36.01 -28.64
C ASN A 345 -10.76 35.14 -29.89
N GLU A 346 -11.08 35.78 -31.01
CA GLU A 346 -11.34 35.07 -32.26
C GLU A 346 -10.13 34.33 -32.85
N GLU A 347 -8.91 34.84 -32.58
CA GLU A 347 -7.67 34.17 -33.00
C GLU A 347 -7.21 33.10 -31.99
N GLY A 348 -7.94 32.94 -30.88
CA GLY A 348 -7.54 32.00 -29.83
C GLY A 348 -6.63 32.53 -28.72
N TYR A 349 -6.47 33.85 -28.61
CA TYR A 349 -5.63 34.43 -27.55
C TYR A 349 -6.44 35.06 -26.43
N ARG A 350 -5.97 34.89 -25.21
CA ARG A 350 -6.71 35.35 -24.04
C ARG A 350 -6.43 36.81 -23.75
N HIS A 351 -7.51 37.59 -23.76
CA HIS A 351 -7.39 39.04 -23.68
C HIS A 351 -8.52 39.62 -22.87
N ILE A 352 -8.36 40.87 -22.44
CA ILE A 352 -9.35 41.53 -21.60
C ILE A 352 -10.53 42.03 -22.44
N CYS A 353 -11.72 41.53 -22.14
CA CYS A 353 -12.94 41.99 -22.76
C CYS A 353 -13.72 42.81 -21.75
N TYR A 354 -14.34 43.89 -22.22
CA TYR A 354 -15.15 44.78 -21.41
C TYR A 354 -16.63 44.56 -21.68
N PHE A 355 -17.40 44.32 -20.61
CA PHE A 355 -18.82 44.01 -20.70
C PHE A 355 -19.68 45.06 -20.00
N GLN A 356 -20.78 45.45 -20.63
CA GLN A 356 -21.89 46.07 -19.88
C GLN A 356 -22.75 44.90 -19.40
N ILE A 357 -23.26 44.97 -18.18
CA ILE A 357 -23.93 43.82 -17.59
C ILE A 357 -25.16 43.31 -18.34
N ASP A 358 -25.75 44.17 -19.17
CA ASP A 358 -26.96 43.81 -19.93
C ASP A 358 -26.79 43.91 -21.46
N LYS A 359 -25.55 43.80 -21.94
CA LYS A 359 -25.28 43.67 -23.37
C LYS A 359 -24.42 42.45 -23.57
N LYS A 360 -24.77 41.66 -24.58
CA LYS A 360 -24.14 40.35 -24.75
C LYS A 360 -22.80 40.42 -25.48
N ASP A 361 -22.64 41.41 -26.35
CA ASP A 361 -21.38 41.57 -27.06
C ASP A 361 -20.41 42.43 -26.27
N CYS A 362 -19.25 41.87 -25.94
CA CYS A 362 -18.19 42.62 -25.26
C CYS A 362 -17.20 43.24 -26.24
N THR A 363 -16.40 44.19 -25.73
CA THR A 363 -15.37 44.88 -26.50
C THR A 363 -13.98 44.48 -25.98
N PHE A 364 -13.13 43.96 -26.86
CA PHE A 364 -11.76 43.60 -26.47
C PHE A 364 -10.91 44.85 -26.30
N ILE A 365 -10.21 44.95 -25.18
CA ILE A 365 -9.40 46.16 -24.92
C ILE A 365 -7.90 45.92 -25.07
N THR A 366 -7.51 44.65 -25.18
CA THR A 366 -6.16 44.26 -25.53
C THR A 366 -6.26 43.25 -26.66
N LYS A 367 -5.22 43.19 -27.49
CA LYS A 367 -5.15 42.20 -28.57
C LYS A 367 -3.70 41.94 -28.98
N GLY A 368 -3.48 40.84 -29.67
CA GLY A 368 -2.13 40.50 -30.13
C GLY A 368 -1.88 39.01 -30.00
N THR A 369 -0.76 38.56 -30.56
CA THR A 369 -0.35 37.18 -30.45
C THR A 369 0.50 37.01 -29.18
N TRP A 370 -0.17 37.17 -28.04
CA TRP A 370 0.37 36.96 -26.70
C TRP A 370 -0.84 36.94 -25.76
N GLU A 371 -0.63 36.71 -24.47
CA GLU A 371 -1.79 36.54 -23.60
C GLU A 371 -1.78 37.36 -22.32
N VAL A 372 -2.96 37.83 -21.91
CA VAL A 372 -3.13 38.40 -20.58
C VAL A 372 -3.20 37.24 -19.57
N ILE A 373 -2.37 37.31 -18.54
CA ILE A 373 -2.30 36.29 -17.51
C ILE A 373 -3.36 36.52 -16.44
N GLY A 374 -3.46 37.75 -15.95
CA GLY A 374 -4.45 38.12 -14.95
C GLY A 374 -4.68 39.61 -14.81
N ILE A 375 -5.87 39.96 -14.36
CA ILE A 375 -6.23 41.33 -14.03
C ILE A 375 -5.94 41.48 -12.55
N GLU A 376 -5.08 42.46 -12.22
CA GLU A 376 -4.54 42.65 -10.88
C GLU A 376 -5.23 43.75 -10.05
N ALA A 377 -5.76 44.77 -10.72
CA ALA A 377 -6.43 45.88 -10.04
C ALA A 377 -7.21 46.72 -11.03
N LEU A 378 -8.26 47.38 -10.52
CA LEU A 378 -9.10 48.24 -11.31
C LEU A 378 -9.40 49.50 -10.52
N THR A 379 -9.01 50.65 -11.04
CA THR A 379 -9.40 51.94 -10.48
C THR A 379 -10.34 52.62 -11.46
N SER A 380 -10.92 53.76 -11.07
CA SER A 380 -11.81 54.50 -11.98
C SER A 380 -11.14 54.94 -13.28
N ASP A 381 -9.82 55.03 -13.29
CA ASP A 381 -9.07 55.51 -14.46
C ASP A 381 -8.23 54.42 -15.14
N TYR A 382 -7.80 53.41 -14.38
CA TYR A 382 -6.84 52.43 -14.89
C TYR A 382 -7.14 50.97 -14.57
N LEU A 383 -6.84 50.10 -15.52
CA LEU A 383 -6.83 48.68 -15.26
C LEU A 383 -5.38 48.20 -15.35
N TYR A 384 -4.98 47.43 -14.34
CA TYR A 384 -3.63 46.89 -14.27
C TYR A 384 -3.67 45.40 -14.49
N TYR A 385 -2.73 44.89 -15.31
CA TYR A 385 -2.74 43.47 -15.66
C TYR A 385 -1.33 42.95 -15.93
N ILE A 386 -1.18 41.63 -15.82
CA ILE A 386 0.08 40.98 -16.14
C ILE A 386 -0.07 40.22 -17.46
N SER A 387 0.89 40.40 -18.36
CA SER A 387 0.87 39.66 -19.63
C SER A 387 2.26 39.12 -19.97
N ASN A 388 2.34 38.31 -21.01
CA ASN A 388 3.63 37.90 -21.54
C ASN A 388 3.95 38.59 -22.88
N GLU A 389 3.45 39.81 -23.07
CA GLU A 389 3.66 40.54 -24.32
C GLU A 389 5.12 40.89 -24.58
N TYR A 390 5.83 41.31 -23.53
CA TYR A 390 7.16 41.86 -23.68
C TYR A 390 8.07 40.90 -24.45
N LYS A 391 8.65 41.42 -25.54
CA LYS A 391 9.62 40.70 -26.38
C LYS A 391 9.12 39.36 -26.94
N GLY A 392 7.80 39.22 -27.05
CA GLY A 392 7.18 37.98 -27.53
C GLY A 392 7.64 36.74 -26.77
N MET A 393 7.93 36.90 -25.47
CA MET A 393 8.42 35.81 -24.62
C MET A 393 7.30 35.24 -23.74
N PRO A 394 6.68 34.13 -24.16
CA PRO A 394 5.52 33.62 -23.42
C PRO A 394 5.88 33.18 -22.00
N GLY A 395 7.17 32.95 -21.75
CA GLY A 395 7.67 32.58 -20.43
C GLY A 395 8.08 33.77 -19.56
N GLY A 396 7.85 34.99 -20.05
CA GLY A 396 8.09 36.21 -19.29
C GLY A 396 6.77 36.76 -18.77
N ARG A 397 6.84 37.69 -17.82
CA ARG A 397 5.63 38.28 -17.18
C ARG A 397 5.93 39.72 -16.79
N ASN A 398 5.06 40.64 -17.21
CA ASN A 398 5.21 42.04 -16.82
C ASN A 398 3.89 42.67 -16.42
N LEU A 399 3.97 43.69 -15.58
CA LEU A 399 2.82 44.49 -15.20
C LEU A 399 2.57 45.68 -16.16
N TYR A 400 1.32 45.79 -16.58
CA TYR A 400 0.87 46.85 -17.48
C TYR A 400 -0.29 47.65 -16.89
N LYS A 401 -0.44 48.86 -17.41
CA LYS A 401 -1.43 49.85 -17.00
C LYS A 401 -2.14 50.27 -18.29
N ILE A 402 -3.46 50.12 -18.35
CA ILE A 402 -4.20 50.60 -19.51
C ILE A 402 -5.19 51.68 -19.08
N GLN A 403 -5.17 52.79 -19.83
CA GLN A 403 -6.03 53.94 -19.53
C GLN A 403 -7.44 53.63 -19.98
N LEU A 404 -8.38 53.70 -19.04
CA LEU A 404 -9.76 53.30 -19.32
C LEU A 404 -10.46 54.26 -20.27
N SER A 405 -10.12 55.54 -20.21
CA SER A 405 -10.71 56.50 -21.17
C SER A 405 -10.01 56.51 -22.54
N ASP A 406 -8.93 55.74 -22.69
CA ASP A 406 -8.20 55.62 -23.98
C ASP A 406 -7.32 54.36 -24.04
N TYR A 407 -7.84 53.31 -24.69
CA TYR A 407 -7.17 51.99 -24.74
C TYR A 407 -5.85 51.96 -25.52
N THR A 408 -5.54 53.04 -26.25
CA THR A 408 -4.26 53.10 -26.97
C THR A 408 -3.13 53.49 -26.04
N LYS A 409 -3.49 53.95 -24.85
CA LYS A 409 -2.50 54.32 -23.84
C LYS A 409 -2.26 53.14 -22.89
N VAL A 410 -1.21 52.37 -23.22
CA VAL A 410 -0.79 51.21 -22.44
C VAL A 410 0.65 51.44 -22.03
N THR A 411 0.88 51.47 -20.72
CA THR A 411 2.22 51.64 -20.18
C THR A 411 2.65 50.33 -19.53
N CYS A 412 3.85 49.85 -19.88
CA CYS A 412 4.43 48.74 -19.18
C CYS A 412 5.15 49.31 -17.99
N LEU A 413 4.68 48.96 -16.80
CA LEU A 413 5.26 49.48 -15.56
C LEU A 413 6.52 48.74 -15.09
N SER A 414 6.76 47.53 -15.59
CA SER A 414 7.86 46.70 -15.07
C SER A 414 8.92 46.30 -16.10
N CYS A 415 8.58 46.37 -17.38
CA CYS A 415 9.45 45.91 -18.48
C CYS A 415 10.90 46.36 -18.38
N GLU A 416 11.11 47.64 -18.11
CA GLU A 416 12.43 48.23 -18.21
C GLU A 416 13.04 48.62 -16.88
N LEU A 417 12.46 48.16 -15.78
CA LEU A 417 13.03 48.44 -14.46
C LEU A 417 14.43 47.84 -14.31
N ASN A 418 14.57 46.56 -14.64
CA ASN A 418 15.89 45.90 -14.76
C ASN A 418 15.79 44.75 -15.76
N PRO A 419 16.00 45.05 -17.04
CA PRO A 419 15.64 44.14 -18.10
C PRO A 419 16.44 42.84 -18.14
N GLU A 420 17.70 42.87 -17.69
CA GLU A 420 18.54 41.66 -17.71
C GLU A 420 18.30 40.79 -16.51
N ARG A 421 17.97 41.41 -15.39
CA ARG A 421 17.76 40.68 -14.14
C ARG A 421 16.31 40.20 -13.96
N CYS A 422 15.37 40.96 -14.53
CA CYS A 422 13.95 40.85 -14.18
C CYS A 422 13.01 40.77 -15.37
N GLN A 423 12.54 39.56 -15.64
CA GLN A 423 11.65 39.31 -16.76
C GLN A 423 10.39 38.57 -16.32
N TYR A 424 10.23 38.35 -15.01
CA TYR A 424 9.06 37.64 -14.49
C TYR A 424 8.56 38.34 -13.23
N TYR A 425 7.41 38.99 -13.34
CA TYR A 425 6.87 39.76 -12.23
C TYR A 425 5.53 39.23 -11.74
N SER A 426 5.30 39.35 -10.44
CA SER A 426 3.93 39.38 -9.90
C SER A 426 3.82 40.67 -9.10
N VAL A 427 2.61 41.01 -8.68
CA VAL A 427 2.39 42.29 -8.02
C VAL A 427 1.40 42.14 -6.87
N SER A 428 1.54 43.02 -5.88
CA SER A 428 0.58 43.13 -4.79
C SER A 428 0.21 44.60 -4.55
N PHE A 429 -1.04 44.96 -4.89
CA PHE A 429 -1.55 46.32 -4.72
C PHE A 429 -2.12 46.54 -3.32
N SER A 430 -2.02 47.77 -2.83
CA SER A 430 -2.65 48.16 -1.56
C SER A 430 -4.17 48.17 -1.74
N LYS A 431 -4.92 48.44 -0.68
CA LYS A 431 -6.39 48.30 -0.70
C LYS A 431 -7.14 49.02 -1.82
N GLU A 432 -6.81 50.28 -2.04
CA GLU A 432 -7.36 51.03 -3.18
C GLU A 432 -6.30 51.28 -4.26
N ALA A 433 -5.33 50.38 -4.34
CA ALA A 433 -4.25 50.42 -5.36
C ALA A 433 -3.41 51.70 -5.36
N LYS A 434 -3.28 52.34 -4.21
CA LYS A 434 -2.44 53.54 -4.10
C LYS A 434 -0.95 53.18 -4.18
N TYR A 435 -0.60 52.00 -3.70
CA TYR A 435 0.77 51.51 -3.76
C TYR A 435 0.82 50.11 -4.36
N TYR A 436 1.96 49.74 -4.92
CA TYR A 436 2.14 48.36 -5.33
C TYR A 436 3.54 47.82 -5.10
N GLN A 437 3.59 46.58 -4.61
CA GLN A 437 4.84 45.85 -4.47
C GLN A 437 5.06 45.02 -5.71
N LEU A 438 6.24 45.15 -6.30
CA LEU A 438 6.62 44.32 -7.41
C LEU A 438 7.52 43.21 -6.91
N ARG A 439 7.26 42.01 -7.41
CA ARG A 439 8.02 40.83 -7.02
C ARG A 439 8.58 40.24 -8.29
N CYS A 440 9.85 40.54 -8.54
CA CYS A 440 10.58 39.97 -9.68
C CYS A 440 11.15 38.64 -9.24
N SER A 441 10.98 37.60 -10.05
CA SER A 441 11.46 36.28 -9.61
C SER A 441 12.43 35.59 -10.57
N GLY A 442 12.93 36.33 -11.56
CA GLY A 442 13.93 35.83 -12.52
C GLY A 442 14.03 36.70 -13.75
N PRO A 443 15.05 36.45 -14.61
CA PRO A 443 15.97 35.32 -14.56
C PRO A 443 17.14 35.48 -13.58
N GLY A 444 17.24 36.64 -12.95
CA GLY A 444 18.25 36.88 -11.91
C GLY A 444 17.65 36.59 -10.56
N LEU A 445 18.36 37.00 -9.50
CA LEU A 445 17.86 36.80 -8.14
C LEU A 445 16.57 37.63 -7.87
N PRO A 446 15.63 37.05 -7.10
CA PRO A 446 14.40 37.80 -6.81
C PRO A 446 14.67 39.19 -6.25
N LEU A 447 13.83 40.12 -6.65
CA LEU A 447 13.95 41.52 -6.29
C LEU A 447 12.55 42.04 -6.00
N TYR A 448 12.37 42.60 -4.81
CA TYR A 448 11.12 43.12 -4.32
C TYR A 448 11.26 44.63 -4.14
N THR A 449 10.32 45.37 -4.71
CA THR A 449 10.39 46.83 -4.75
C THR A 449 9.00 47.40 -4.49
N LEU A 450 8.95 48.55 -3.83
CA LEU A 450 7.69 49.25 -3.55
C LEU A 450 7.53 50.49 -4.43
N HIS A 451 6.30 50.74 -4.89
CA HIS A 451 6.03 51.79 -5.87
C HIS A 451 4.74 52.51 -5.55
N SER A 452 4.64 53.78 -5.94
CA SER A 452 3.40 54.52 -5.72
C SER A 452 2.67 54.70 -7.04
N SER A 453 1.35 54.47 -7.01
CA SER A 453 0.54 54.46 -8.23
C SER A 453 0.26 55.86 -8.77
N VAL A 454 0.32 56.85 -7.89
CA VAL A 454 0.02 58.24 -8.26
C VAL A 454 0.95 58.70 -9.39
N ASN A 455 2.20 58.23 -9.34
CA ASN A 455 3.25 58.67 -10.27
C ASN A 455 4.06 57.52 -10.85
N ASP A 456 3.75 56.29 -10.43
CA ASP A 456 4.48 55.08 -10.84
C ASP A 456 5.97 55.17 -10.58
N LYS A 457 6.34 55.93 -9.55
CA LYS A 457 7.75 56.05 -9.14
C LYS A 457 8.16 55.00 -8.10
N GLY A 458 9.39 54.50 -8.25
CA GLY A 458 9.96 53.54 -7.30
C GLY A 458 10.21 54.23 -5.99
N LEU A 459 9.66 53.67 -4.92
CA LEU A 459 9.83 54.24 -3.59
C LEU A 459 11.11 53.73 -2.92
N ARG A 460 11.36 52.43 -3.04
CA ARG A 460 12.53 51.79 -2.41
C ARG A 460 12.59 50.30 -2.74
N VAL A 461 13.79 49.74 -2.62
CA VAL A 461 14.02 48.31 -2.71
C VAL A 461 13.69 47.69 -1.35
N LEU A 462 12.83 46.68 -1.34
CA LEU A 462 12.46 46.04 -0.09
C LEU A 462 13.40 44.91 0.26
N GLU A 463 13.85 44.20 -0.77
CA GLU A 463 14.72 43.04 -0.63
C GLU A 463 15.37 42.77 -1.99
N ASP A 464 16.70 42.75 -2.02
CA ASP A 464 17.44 42.56 -3.26
C ASP A 464 18.25 41.27 -3.31
N ASN A 465 18.25 40.53 -2.20
CA ASN A 465 18.96 39.28 -2.10
C ASN A 465 20.46 39.46 -2.27
N SER A 466 20.99 40.48 -1.61
CA SER A 466 22.43 40.79 -1.62
C SER A 466 23.24 39.72 -0.92
N ALA A 467 22.82 39.35 0.28
CA ALA A 467 23.46 38.27 1.03
C ALA A 467 23.69 37.05 0.15
N LEU A 468 22.61 36.53 -0.46
CA LEU A 468 22.69 35.35 -1.33
C LEU A 468 23.60 35.54 -2.56
N ASP A 469 23.56 36.73 -3.16
CA ASP A 469 24.40 37.00 -4.32
C ASP A 469 25.88 36.84 -3.92
N LYS A 470 26.22 37.31 -2.72
CA LYS A 470 27.59 37.19 -2.23
C LYS A 470 27.99 35.72 -2.13
N MET A 471 27.24 34.92 -1.36
CA MET A 471 27.49 33.48 -1.24
C MET A 471 27.63 32.77 -2.60
N LEU A 472 26.75 33.10 -3.54
CA LEU A 472 26.72 32.46 -4.86
C LEU A 472 27.91 32.79 -5.78
N GLN A 473 28.61 33.88 -5.49
CA GLN A 473 29.85 34.22 -6.21
C GLN A 473 30.89 33.09 -6.05
N ASN A 474 30.92 32.52 -4.86
CA ASN A 474 31.88 31.49 -4.47
C ASN A 474 31.41 30.06 -4.81
N VAL A 475 30.40 29.96 -5.67
CA VAL A 475 29.86 28.65 -6.09
C VAL A 475 29.84 28.58 -7.61
N GLN A 476 30.18 27.42 -8.15
CA GLN A 476 30.10 27.20 -9.60
C GLN A 476 28.64 26.95 -10.00
N MET A 477 27.90 28.03 -10.18
CA MET A 477 26.48 27.94 -10.49
C MET A 477 26.24 27.59 -11.96
N PRO A 478 25.16 26.83 -12.24
CA PRO A 478 24.77 26.59 -13.62
C PRO A 478 24.17 27.85 -14.24
N SER A 479 24.06 27.85 -15.56
CA SER A 479 23.35 28.90 -16.26
C SER A 479 22.05 28.34 -16.86
N LYS A 480 21.15 29.23 -17.25
CA LYS A 480 19.91 28.84 -17.88
C LYS A 480 19.80 29.46 -19.27
N LYS A 481 19.55 28.62 -20.26
CA LYS A 481 19.26 29.05 -21.63
C LYS A 481 17.77 28.92 -21.86
N LEU A 482 17.12 30.03 -22.22
CA LEU A 482 15.72 30.03 -22.61
C LEU A 482 15.61 30.41 -24.08
N ASP A 483 15.07 29.50 -24.89
CA ASP A 483 15.03 29.68 -26.34
C ASP A 483 13.91 28.85 -26.98
N PHE A 484 13.89 28.80 -28.30
CA PHE A 484 12.85 28.07 -29.02
C PHE A 484 13.40 27.31 -30.20
N ILE A 485 12.63 26.31 -30.64
CA ILE A 485 12.89 25.57 -31.85
C ILE A 485 11.62 25.65 -32.70
N ILE A 486 11.74 25.41 -34.00
CA ILE A 486 10.60 25.57 -34.90
C ILE A 486 10.14 24.22 -35.45
N LEU A 487 8.90 23.87 -35.16
CA LEU A 487 8.27 22.66 -35.68
C LEU A 487 6.95 23.02 -36.35
N ASN A 488 6.83 22.61 -37.61
CA ASN A 488 5.66 22.90 -38.45
C ASN A 488 5.25 24.36 -38.42
N GLU A 489 6.24 25.25 -38.64
CA GLU A 489 6.02 26.70 -38.74
C GLU A 489 5.58 27.36 -37.41
N THR A 490 5.68 26.62 -36.31
CA THR A 490 5.28 27.11 -34.99
C THR A 490 6.48 27.14 -34.03
N LYS A 491 6.60 28.22 -33.25
CA LYS A 491 7.62 28.32 -32.21
C LYS A 491 7.22 27.48 -30.99
N PHE A 492 8.18 26.68 -30.50
CA PHE A 492 8.00 25.90 -29.29
C PHE A 492 9.18 26.10 -28.36
N TRP A 493 8.90 26.61 -27.16
CA TRP A 493 9.95 27.03 -26.24
C TRP A 493 10.53 25.90 -25.37
N TYR A 494 11.80 26.07 -25.00
CA TYR A 494 12.51 25.13 -24.14
C TYR A 494 13.46 25.91 -23.26
N GLN A 495 13.83 25.32 -22.13
CA GLN A 495 14.91 25.84 -21.33
C GLN A 495 15.90 24.73 -21.00
N MET A 496 17.13 25.12 -20.68
CA MET A 496 18.18 24.18 -20.34
C MET A 496 18.95 24.70 -19.15
N ILE A 497 19.09 23.87 -18.12
CA ILE A 497 19.98 24.18 -17.02
C ILE A 497 21.32 23.55 -17.40
N LEU A 498 22.30 24.42 -17.66
CA LEU A 498 23.58 24.01 -18.20
C LEU A 498 24.67 24.05 -17.13
N PRO A 499 25.51 22.99 -17.08
CA PRO A 499 26.62 22.93 -16.12
C PRO A 499 27.52 24.16 -16.24
N PRO A 500 28.25 24.51 -15.16
CA PRO A 500 29.24 25.58 -15.28
C PRO A 500 30.25 25.24 -16.38
N HIS A 501 30.76 26.25 -17.08
CA HIS A 501 31.78 26.04 -18.13
C HIS A 501 31.26 25.18 -19.27
N PHE A 502 29.98 25.37 -19.61
CA PHE A 502 29.39 24.61 -20.68
C PHE A 502 30.23 24.76 -21.95
N ASP A 503 30.63 23.63 -22.53
CA ASP A 503 31.41 23.60 -23.76
C ASP A 503 30.63 22.84 -24.84
N LYS A 504 30.19 23.57 -25.88
CA LYS A 504 29.41 22.97 -26.98
C LYS A 504 30.12 21.85 -27.76
N SER A 505 31.43 21.73 -27.57
CA SER A 505 32.22 20.68 -28.24
C SER A 505 32.26 19.36 -27.46
N LYS A 506 31.77 19.38 -26.22
CA LYS A 506 31.64 18.17 -25.41
C LYS A 506 30.23 17.58 -25.52
N LYS A 507 30.12 16.28 -25.25
CA LYS A 507 28.83 15.60 -25.21
C LYS A 507 28.43 15.43 -23.75
N TYR A 508 27.25 15.91 -23.41
CA TYR A 508 26.77 15.89 -22.04
C TYR A 508 25.61 14.92 -21.90
N PRO A 509 25.49 14.28 -20.72
CA PRO A 509 24.23 13.57 -20.45
C PRO A 509 23.09 14.57 -20.30
N LEU A 510 21.90 14.18 -20.77
CA LEU A 510 20.71 15.03 -20.69
C LEU A 510 19.58 14.36 -19.92
N LEU A 511 19.05 15.08 -18.93
CA LEU A 511 17.81 14.73 -18.25
C LEU A 511 16.68 15.66 -18.72
N LEU A 512 15.62 15.07 -19.26
CA LEU A 512 14.46 15.83 -19.65
C LEU A 512 13.52 15.88 -18.46
N ASP A 513 13.30 17.09 -17.95
CA ASP A 513 12.45 17.37 -16.81
C ASP A 513 11.07 17.73 -17.37
N VAL A 514 10.07 16.88 -17.10
CA VAL A 514 8.81 16.96 -17.82
C VAL A 514 7.65 17.21 -16.87
N TYR A 515 6.72 18.06 -17.29
CA TYR A 515 5.40 18.08 -16.71
C TYR A 515 4.40 17.88 -17.84
N ALA A 516 4.21 18.92 -18.66
CA ALA A 516 3.48 18.83 -19.94
C ALA A 516 1.96 18.63 -19.88
N GLY A 517 1.36 18.86 -18.73
CA GLY A 517 -0.09 18.87 -18.66
C GLY A 517 -0.71 20.02 -19.45
N PRO A 518 -2.03 20.02 -19.59
CA PRO A 518 -2.67 21.09 -20.36
C PRO A 518 -2.53 22.45 -19.69
N CYS A 519 -2.11 23.43 -20.49
CA CYS A 519 -1.81 24.80 -20.05
C CYS A 519 -0.58 24.92 -19.16
N SER A 520 0.27 23.89 -19.18
CA SER A 520 1.49 23.94 -18.41
C SER A 520 2.50 24.86 -19.11
N GLN A 521 3.52 25.26 -18.37
CA GLN A 521 4.64 26.01 -18.89
C GLN A 521 5.87 25.64 -18.06
N LYS A 522 6.79 24.90 -18.68
CA LYS A 522 8.02 24.49 -17.99
C LYS A 522 9.24 25.25 -18.52
N ALA A 523 9.01 26.12 -19.51
CA ALA A 523 10.06 26.97 -20.05
C ALA A 523 9.77 28.42 -19.71
N ASP A 524 10.49 28.98 -18.74
CA ASP A 524 10.22 30.34 -18.29
C ASP A 524 11.46 31.07 -17.80
N THR A 525 11.29 32.28 -17.29
CA THR A 525 12.42 33.10 -16.89
C THR A 525 12.60 33.11 -15.38
N VAL A 526 12.06 32.10 -14.68
CA VAL A 526 12.11 32.10 -13.23
C VAL A 526 13.47 31.57 -12.74
N PHE A 527 14.03 32.24 -11.74
CA PHE A 527 15.22 31.76 -11.08
C PHE A 527 14.89 30.73 -10.02
N ARG A 528 15.40 29.50 -10.18
CA ARG A 528 15.12 28.45 -9.21
C ARG A 528 16.40 27.79 -8.69
N LEU A 529 16.40 27.49 -7.39
CA LEU A 529 17.44 26.69 -6.75
C LEU A 529 16.82 25.35 -6.40
N ASN A 530 17.10 24.34 -7.20
CA ASN A 530 16.44 23.05 -7.03
C ASN A 530 17.34 21.83 -7.36
N TRP A 531 16.72 20.67 -7.54
CA TRP A 531 17.44 19.43 -7.85
C TRP A 531 18.18 19.56 -9.17
N ALA A 532 17.54 20.21 -10.14
CA ALA A 532 18.18 20.47 -11.42
C ALA A 532 19.48 21.30 -11.24
N THR A 533 19.48 22.22 -10.28
CA THR A 533 20.65 23.05 -10.00
C THR A 533 21.84 22.16 -9.60
N TYR A 534 21.62 21.25 -8.65
CA TYR A 534 22.61 20.26 -8.27
C TYR A 534 23.09 19.38 -9.45
N LEU A 535 22.15 18.85 -10.23
CA LEU A 535 22.50 17.95 -11.33
C LEU A 535 23.37 18.62 -12.40
N ALA A 536 23.07 19.88 -12.71
CA ALA A 536 23.88 20.63 -13.66
C ALA A 536 25.21 21.05 -13.01
N SER A 537 25.14 21.56 -11.79
CA SER A 537 26.31 22.11 -11.12
C SER A 537 27.35 21.05 -10.71
N THR A 538 26.91 20.01 -10.01
CA THR A 538 27.79 18.98 -9.49
C THR A 538 28.00 17.80 -10.44
N GLU A 539 26.94 17.33 -11.11
CA GLU A 539 26.98 16.10 -11.90
C GLU A 539 27.18 16.34 -13.39
N ASN A 540 27.26 17.62 -13.77
CA ASN A 540 27.45 18.03 -15.18
C ASN A 540 26.43 17.44 -16.14
N ILE A 541 25.18 17.39 -15.68
CA ILE A 541 24.04 17.00 -16.50
C ILE A 541 23.31 18.23 -17.03
N ILE A 542 22.96 18.21 -18.31
CA ILE A 542 22.06 19.21 -18.84
C ILE A 542 20.64 18.80 -18.45
N VAL A 543 19.91 19.71 -17.80
CA VAL A 543 18.52 19.47 -17.46
C VAL A 543 17.61 20.32 -18.36
N ALA A 544 16.82 19.65 -19.18
CA ALA A 544 16.01 20.36 -20.16
C ALA A 544 14.51 20.20 -19.90
N SER A 545 13.75 21.22 -20.33
CA SER A 545 12.30 21.15 -20.34
C SER A 545 11.77 21.76 -21.63
N PHE A 546 10.60 21.30 -22.06
CA PHE A 546 10.05 21.67 -23.36
C PHE A 546 8.53 21.86 -23.27
N ASP A 547 8.05 22.97 -23.85
CA ASP A 547 6.60 23.22 -23.90
C ASP A 547 6.04 22.95 -25.28
N GLY A 548 5.48 21.75 -25.44
CA GLY A 548 4.94 21.30 -26.70
C GLY A 548 3.45 21.56 -26.82
N ARG A 549 2.79 20.86 -27.73
CA ARG A 549 1.36 21.01 -27.85
C ARG A 549 0.68 20.73 -26.50
N GLY A 550 -0.40 21.46 -26.23
CA GLY A 550 -1.09 21.38 -24.96
C GLY A 550 -0.62 22.39 -23.92
N SER A 551 0.57 22.97 -24.12
CA SER A 551 1.12 23.95 -23.17
C SER A 551 0.39 25.30 -23.26
N GLY A 552 0.51 26.13 -22.22
CA GLY A 552 -0.33 27.32 -22.09
C GLY A 552 0.32 28.65 -22.45
N TYR A 553 -0.48 29.71 -22.41
CA TYR A 553 -0.01 31.10 -22.52
C TYR A 553 0.48 31.47 -23.93
N GLN A 554 0.05 30.68 -24.92
CA GLN A 554 0.50 30.82 -26.31
C GLN A 554 -0.67 30.70 -27.28
N GLY A 555 -1.88 30.73 -26.74
CA GLY A 555 -3.07 30.65 -27.56
C GLY A 555 -3.68 29.26 -27.61
N ASP A 556 -4.93 29.21 -28.03
CA ASP A 556 -5.70 27.97 -28.04
C ASP A 556 -5.29 26.98 -29.14
N LYS A 557 -4.58 27.45 -30.16
CA LYS A 557 -4.17 26.55 -31.22
C LYS A 557 -3.21 25.53 -30.60
N ILE A 558 -2.31 26.03 -29.74
CA ILE A 558 -1.39 25.17 -29.01
C ILE A 558 -2.09 24.48 -27.82
N MET A 559 -2.77 25.23 -26.96
CA MET A 559 -3.35 24.66 -25.75
C MET A 559 -4.39 23.56 -26.03
N HIS A 560 -5.28 23.81 -26.97
CA HIS A 560 -6.34 22.88 -27.30
C HIS A 560 -5.94 21.76 -28.27
N ALA A 561 -4.67 21.67 -28.62
CA ALA A 561 -4.22 20.61 -29.54
C ALA A 561 -4.45 19.21 -28.93
N ILE A 562 -4.36 19.10 -27.61
CA ILE A 562 -4.57 17.80 -26.92
C ILE A 562 -6.01 17.55 -26.48
N ASN A 563 -6.92 18.43 -26.88
CA ASN A 563 -8.36 18.27 -26.56
C ASN A 563 -8.84 16.87 -26.89
N ARG A 564 -9.48 16.24 -25.90
CA ARG A 564 -9.97 14.85 -26.01
C ARG A 564 -8.88 13.81 -26.31
N ARG A 565 -7.62 14.24 -26.28
CA ARG A 565 -6.51 13.40 -26.72
C ARG A 565 -5.28 13.53 -25.82
N LEU A 566 -5.51 13.43 -24.51
CA LEU A 566 -4.43 13.35 -23.53
C LEU A 566 -3.58 12.10 -23.76
N GLY A 567 -2.27 12.22 -23.57
CA GLY A 567 -1.36 11.11 -23.80
C GLY A 567 -0.98 10.88 -25.27
N THR A 568 -1.15 11.91 -26.10
CA THR A 568 -0.75 11.82 -27.51
C THR A 568 0.30 12.88 -27.82
N PHE A 569 -0.13 14.03 -28.34
CA PHE A 569 0.81 15.08 -28.80
C PHE A 569 1.79 15.59 -27.75
N GLU A 570 1.32 15.72 -26.51
CA GLU A 570 2.21 16.21 -25.45
C GLU A 570 3.29 15.17 -25.12
N VAL A 571 2.97 13.90 -25.35
CA VAL A 571 3.95 12.81 -25.16
C VAL A 571 4.92 12.84 -26.34
N GLU A 572 4.37 12.84 -27.56
CA GLU A 572 5.17 12.81 -28.80
C GLU A 572 6.14 13.97 -28.88
N ASP A 573 5.68 15.16 -28.47
CA ASP A 573 6.51 16.37 -28.56
C ASP A 573 7.71 16.37 -27.59
N GLN A 574 7.57 15.73 -26.44
CA GLN A 574 8.72 15.54 -25.54
C GLN A 574 9.78 14.65 -26.17
N ILE A 575 9.34 13.58 -26.85
CA ILE A 575 10.25 12.67 -27.55
C ILE A 575 10.96 13.43 -28.66
N GLU A 576 10.16 14.13 -29.47
CA GLU A 576 10.68 14.97 -30.54
C GLU A 576 11.63 16.04 -30.01
N ALA A 577 11.34 16.60 -28.84
CA ALA A 577 12.26 17.59 -28.24
C ALA A 577 13.63 16.99 -27.93
N ALA A 578 13.63 15.75 -27.44
CA ALA A 578 14.88 15.04 -27.13
C ALA A 578 15.71 14.81 -28.39
N ARG A 579 15.04 14.42 -29.47
CA ARG A 579 15.67 14.24 -30.79
C ARG A 579 16.34 15.52 -31.28
N GLN A 580 15.63 16.65 -31.13
CA GLN A 580 16.13 17.96 -31.54
C GLN A 580 17.33 18.40 -30.69
N PHE A 581 17.32 18.04 -29.41
CA PHE A 581 18.45 18.34 -28.51
C PHE A 581 19.69 17.53 -28.90
N SER A 582 19.49 16.34 -29.45
CA SER A 582 20.59 15.55 -30.06
C SER A 582 21.20 16.30 -31.25
N LYS A 583 20.37 16.66 -32.22
CA LYS A 583 20.78 17.47 -33.39
C LYS A 583 21.75 18.59 -32.99
N MET A 584 21.46 19.26 -31.88
CA MET A 584 22.27 20.39 -31.37
C MET A 584 23.75 20.06 -31.12
N GLY A 585 24.07 18.77 -30.99
CA GLY A 585 25.46 18.32 -31.02
C GLY A 585 26.26 18.40 -29.73
N PHE A 586 25.62 18.73 -28.62
CA PHE A 586 26.30 18.73 -27.31
C PHE A 586 25.68 17.70 -26.34
N VAL A 587 24.91 16.77 -26.90
CA VAL A 587 24.22 15.78 -26.10
C VAL A 587 24.75 14.38 -26.43
N ASP A 588 25.14 13.68 -25.37
CA ASP A 588 25.49 12.28 -25.46
C ASP A 588 24.21 11.49 -25.66
N ASN A 589 23.94 11.09 -26.90
CA ASN A 589 22.72 10.35 -27.22
C ASN A 589 22.62 8.94 -26.60
N LYS A 590 23.65 8.54 -25.85
CA LYS A 590 23.59 7.25 -25.15
C LYS A 590 23.13 7.45 -23.71
N ARG A 591 23.12 8.70 -23.27
CA ARG A 591 22.73 9.07 -21.93
C ARG A 591 21.64 10.15 -21.91
N ILE A 592 20.47 9.80 -22.45
CA ILE A 592 19.29 10.64 -22.33
C ILE A 592 18.26 10.02 -21.36
N ALA A 593 17.96 10.76 -20.30
CA ALA A 593 16.99 10.35 -19.30
C ALA A 593 15.76 11.24 -19.32
N ILE A 594 14.70 10.80 -18.64
CA ILE A 594 13.44 11.55 -18.55
C ILE A 594 12.83 11.32 -17.16
N TRP A 595 12.25 12.38 -16.61
CA TRP A 595 11.57 12.28 -15.33
C TRP A 595 10.51 13.36 -15.18
N GLY A 596 9.53 13.07 -14.34
CA GLY A 596 8.49 14.01 -13.97
C GLY A 596 7.65 13.52 -12.80
N TRP A 597 6.93 14.47 -12.22
CA TRP A 597 6.09 14.22 -11.06
C TRP A 597 4.68 14.52 -11.53
N SER A 598 3.74 13.68 -11.09
CA SER A 598 2.32 13.97 -11.28
C SER A 598 1.96 13.78 -12.76
N TYR A 599 1.46 14.82 -13.43
CA TYR A 599 1.26 14.74 -14.87
C TYR A 599 2.57 14.40 -15.57
N GLY A 600 3.69 14.88 -15.01
CA GLY A 600 5.01 14.59 -15.56
C GLY A 600 5.39 13.12 -15.43
N GLY A 601 4.91 12.48 -14.36
CA GLY A 601 5.15 11.05 -14.13
C GLY A 601 4.42 10.23 -15.17
N TYR A 602 3.24 10.71 -15.56
CA TYR A 602 2.44 10.05 -16.56
C TYR A 602 3.12 10.15 -17.91
N VAL A 603 3.53 11.37 -18.26
CA VAL A 603 4.19 11.61 -19.54
C VAL A 603 5.51 10.86 -19.62
N THR A 604 6.33 10.97 -18.57
CA THR A 604 7.56 10.17 -18.46
C THR A 604 7.27 8.70 -18.74
N SER A 605 6.26 8.15 -18.07
CA SER A 605 5.90 6.74 -18.22
C SER A 605 5.46 6.42 -19.65
N MET A 606 4.65 7.30 -20.23
CA MET A 606 4.20 7.13 -21.62
C MET A 606 5.38 7.18 -22.63
N VAL A 607 6.31 8.09 -22.38
CA VAL A 607 7.51 8.22 -23.21
C VAL A 607 8.38 6.98 -23.07
N LEU A 608 8.59 6.50 -21.86
CA LEU A 608 9.42 5.31 -21.63
C LEU A 608 8.83 4.02 -22.22
N GLY A 609 7.50 3.97 -22.35
CA GLY A 609 6.85 2.82 -22.95
C GLY A 609 6.45 3.01 -24.40
N SER A 610 6.96 4.05 -25.06
CA SER A 610 6.61 4.30 -26.46
C SER A 610 7.42 3.48 -27.48
N GLY A 611 8.58 2.98 -27.08
CA GLY A 611 9.43 2.20 -27.98
C GLY A 611 10.32 3.06 -28.86
N SER A 612 10.49 4.32 -28.48
CA SER A 612 11.22 5.30 -29.32
C SER A 612 12.73 5.05 -29.43
N GLY A 613 13.30 4.39 -28.42
CA GLY A 613 14.75 4.13 -28.36
C GLY A 613 15.58 5.32 -27.89
N VAL A 614 14.95 6.48 -27.72
CA VAL A 614 15.68 7.70 -27.44
C VAL A 614 16.20 7.76 -26.01
N PHE A 615 15.41 7.26 -25.06
CA PHE A 615 15.74 7.42 -23.65
C PHE A 615 16.28 6.13 -23.04
N LYS A 616 17.37 6.26 -22.28
CA LYS A 616 17.97 5.13 -21.62
C LYS A 616 17.23 4.76 -20.32
N CYS A 617 16.73 5.77 -19.63
CA CYS A 617 16.10 5.53 -18.33
C CYS A 617 15.15 6.65 -17.94
N GLY A 618 14.29 6.39 -16.96
CA GLY A 618 13.35 7.39 -16.50
C GLY A 618 12.80 7.18 -15.11
N ILE A 619 12.38 8.27 -14.48
CA ILE A 619 11.75 8.24 -13.17
C ILE A 619 10.36 8.89 -13.21
N ALA A 620 9.34 8.10 -12.83
CA ALA A 620 7.99 8.64 -12.67
C ALA A 620 7.65 8.71 -11.19
N VAL A 621 7.31 9.90 -10.71
CA VAL A 621 6.85 10.08 -9.32
C VAL A 621 5.36 10.42 -9.27
N ALA A 622 4.62 9.65 -8.47
CA ALA A 622 3.14 9.74 -8.34
C ALA A 622 2.42 9.90 -9.68
N PRO A 623 2.67 9.01 -10.63
CA PRO A 623 2.08 9.23 -11.94
C PRO A 623 0.59 8.93 -12.03
N VAL A 624 -0.10 9.62 -12.94
CA VAL A 624 -1.35 9.07 -13.44
C VAL A 624 -0.97 7.89 -14.34
N SER A 625 -1.79 6.84 -14.34
CA SER A 625 -1.56 5.70 -15.22
C SER A 625 -2.76 5.38 -16.13
N ARG A 626 -3.94 5.81 -15.74
CA ARG A 626 -5.16 5.51 -16.48
C ARG A 626 -6.17 6.61 -16.15
N TRP A 627 -6.66 7.31 -17.17
CA TRP A 627 -7.52 8.47 -16.93
C TRP A 627 -8.80 8.16 -16.15
N GLU A 628 -9.30 6.94 -16.25
CA GLU A 628 -10.47 6.53 -15.46
C GLU A 628 -10.19 6.50 -13.95
N TYR A 629 -8.93 6.43 -13.54
CA TYR A 629 -8.58 6.54 -12.10
C TYR A 629 -8.53 7.98 -11.57
N TYR A 630 -8.42 8.97 -12.46
CA TYR A 630 -8.23 10.35 -11.99
C TYR A 630 -9.60 11.04 -11.74
N ASP A 631 -9.62 12.20 -11.08
CA ASP A 631 -10.90 12.81 -10.71
C ASP A 631 -11.71 13.33 -11.93
N SER A 632 -13.01 13.47 -11.75
CA SER A 632 -13.91 13.79 -12.86
C SER A 632 -13.69 15.20 -13.44
N VAL A 633 -13.69 16.21 -12.59
CA VAL A 633 -13.62 17.61 -13.01
C VAL A 633 -12.40 17.91 -13.90
N TYR A 634 -11.23 17.44 -13.49
CA TYR A 634 -10.01 17.63 -14.26
C TYR A 634 -10.03 16.76 -15.53
N THR A 635 -10.21 15.45 -15.34
CA THR A 635 -10.09 14.52 -16.46
C THR A 635 -11.09 14.82 -17.57
N GLU A 636 -12.36 14.97 -17.19
CA GLU A 636 -13.42 15.22 -18.15
C GLU A 636 -13.26 16.54 -18.88
N ARG A 637 -12.61 17.51 -18.24
CA ARG A 637 -12.39 18.79 -18.86
C ARG A 637 -11.69 18.59 -20.20
N TYR A 638 -10.73 17.68 -20.23
CA TYR A 638 -9.89 17.45 -21.42
C TYR A 638 -10.31 16.22 -22.20
N MET A 639 -10.93 15.25 -21.52
CA MET A 639 -11.20 13.95 -22.11
C MET A 639 -12.66 13.65 -22.35
N GLY A 640 -13.55 14.54 -21.90
CA GLY A 640 -14.98 14.25 -21.92
C GLY A 640 -15.29 13.01 -21.09
N LEU A 641 -16.27 12.23 -21.52
CA LEU A 641 -16.75 11.10 -20.71
C LEU A 641 -16.26 9.74 -21.19
N PRO A 642 -15.92 8.86 -20.24
CA PRO A 642 -15.47 7.52 -20.61
C PRO A 642 -16.63 6.55 -20.92
N THR A 643 -17.44 6.90 -21.91
CA THR A 643 -18.57 6.08 -22.36
C THR A 643 -18.38 5.79 -23.86
N PRO A 644 -18.97 4.68 -24.36
CA PRO A 644 -18.81 4.37 -25.80
C PRO A 644 -19.29 5.50 -26.72
N GLU A 645 -20.33 6.21 -26.32
CA GLU A 645 -20.88 7.34 -27.09
C GLU A 645 -19.97 8.58 -27.08
N ASP A 646 -19.13 8.72 -26.07
CA ASP A 646 -18.26 9.89 -25.99
C ASP A 646 -16.83 9.53 -26.34
N ASN A 647 -15.96 9.32 -25.35
CA ASN A 647 -14.55 9.18 -25.63
C ASN A 647 -13.86 7.95 -25.01
N LEU A 648 -14.63 6.91 -24.70
CA LEU A 648 -14.07 5.71 -24.05
C LEU A 648 -12.86 5.13 -24.78
N ASP A 649 -12.94 5.04 -26.10
CA ASP A 649 -11.84 4.46 -26.87
C ASP A 649 -10.53 5.16 -26.55
N HIS A 650 -10.55 6.49 -26.48
CA HIS A 650 -9.29 7.15 -26.15
C HIS A 650 -8.84 7.03 -24.68
N TYR A 651 -9.79 7.00 -23.74
CA TYR A 651 -9.49 6.64 -22.35
C TYR A 651 -8.72 5.32 -22.25
N ARG A 652 -9.18 4.32 -22.99
CA ARG A 652 -8.63 2.96 -22.93
C ARG A 652 -7.31 2.82 -23.65
N ASN A 653 -7.08 3.76 -24.57
CA ASN A 653 -5.92 3.77 -25.45
C ASN A 653 -4.72 4.52 -24.90
N SER A 654 -4.93 5.27 -23.83
CA SER A 654 -3.88 6.16 -23.33
C SER A 654 -3.44 5.79 -21.92
N THR A 655 -3.55 4.51 -21.58
CA THR A 655 -3.04 4.03 -20.30
C THR A 655 -1.56 3.71 -20.40
N VAL A 656 -0.85 3.88 -19.29
CA VAL A 656 0.53 3.45 -19.18
C VAL A 656 0.62 1.92 -19.32
N MET A 657 -0.26 1.20 -18.62
CA MET A 657 -0.24 -0.27 -18.57
C MET A 657 -0.17 -0.97 -19.93
N SER A 658 -0.86 -0.42 -20.93
CA SER A 658 -0.91 -1.00 -22.28
C SER A 658 0.42 -0.96 -23.01
N ARG A 659 1.38 -0.21 -22.46
CA ARG A 659 2.73 -0.10 -23.03
C ARG A 659 3.77 -0.90 -22.24
N ALA A 660 3.32 -1.71 -21.29
CA ALA A 660 4.21 -2.47 -20.39
C ALA A 660 5.36 -3.22 -21.09
N GLU A 661 5.06 -3.90 -22.21
CA GLU A 661 6.07 -4.67 -22.96
C GLU A 661 7.27 -3.82 -23.38
N ASN A 662 7.02 -2.56 -23.74
CA ASN A 662 8.10 -1.68 -24.21
C ASN A 662 9.05 -1.19 -23.14
N PHE A 663 8.71 -1.37 -21.86
CA PHE A 663 9.60 -1.01 -20.75
C PHE A 663 10.78 -1.98 -20.62
N LYS A 664 10.77 -3.06 -21.42
CA LYS A 664 11.94 -3.95 -21.54
C LYS A 664 13.17 -3.20 -22.06
N GLN A 665 12.93 -2.13 -22.82
CA GLN A 665 14.00 -1.37 -23.46
C GLN A 665 14.67 -0.32 -22.57
N VAL A 666 14.14 -0.09 -21.37
CA VAL A 666 14.59 1.03 -20.53
C VAL A 666 14.77 0.66 -19.06
N GLU A 667 15.50 1.52 -18.33
CA GLU A 667 15.56 1.46 -16.88
C GLU A 667 14.53 2.43 -16.27
N TYR A 668 13.67 1.90 -15.40
CA TYR A 668 12.51 2.62 -14.88
C TYR A 668 12.48 2.62 -13.38
N LEU A 669 12.26 3.80 -12.80
CA LEU A 669 12.05 3.93 -11.38
C LEU A 669 10.68 4.52 -11.11
N LEU A 670 9.90 3.80 -10.32
CA LEU A 670 8.52 4.14 -10.00
C LEU A 670 8.38 4.44 -8.51
N ILE A 671 7.82 5.61 -8.21
CA ILE A 671 7.77 6.13 -6.86
C ILE A 671 6.36 6.68 -6.58
N HIS A 672 5.80 6.35 -5.42
CA HIS A 672 4.48 6.84 -5.06
C HIS A 672 4.31 6.90 -3.54
N GLY A 673 3.66 7.96 -3.05
CA GLY A 673 3.30 8.00 -1.62
C GLY A 673 2.03 7.20 -1.41
N THR A 674 2.00 6.42 -0.33
CA THR A 674 0.87 5.50 -0.08
C THR A 674 -0.42 6.20 0.32
N ALA A 675 -0.31 7.38 0.92
CA ALA A 675 -1.47 8.14 1.36
C ALA A 675 -1.78 9.29 0.41
N ASP A 676 -1.47 9.09 -0.87
CA ASP A 676 -1.81 10.06 -1.91
C ASP A 676 -3.32 10.05 -2.17
N ASP A 677 -3.98 11.14 -1.77
CA ASP A 677 -5.42 11.29 -1.85
C ASP A 677 -5.81 11.80 -3.23
N ASN A 678 -4.83 12.29 -3.96
CA ASN A 678 -5.06 12.98 -5.23
C ASN A 678 -4.87 12.02 -6.41
N VAL A 679 -3.62 11.62 -6.65
CA VAL A 679 -3.29 10.54 -7.57
C VAL A 679 -3.10 9.28 -6.73
N HIS A 680 -4.11 8.44 -6.74
CA HIS A 680 -4.15 7.33 -5.82
C HIS A 680 -3.01 6.35 -6.06
N PHE A 681 -2.47 5.78 -4.98
CA PHE A 681 -1.41 4.77 -5.07
C PHE A 681 -1.82 3.69 -6.06
N GLN A 682 -3.13 3.44 -6.12
CA GLN A 682 -3.74 2.57 -7.12
C GLN A 682 -3.10 2.70 -8.51
N GLN A 683 -2.82 3.94 -8.89
CA GLN A 683 -2.35 4.24 -10.23
C GLN A 683 -0.99 3.61 -10.46
N SER A 684 -0.09 3.74 -9.49
CA SER A 684 1.22 3.06 -9.55
C SER A 684 1.15 1.55 -9.27
N ALA A 685 0.21 1.14 -8.43
CA ALA A 685 -0.04 -0.27 -8.15
C ALA A 685 -0.39 -1.01 -9.42
N GLN A 686 -1.12 -0.34 -10.32
CA GLN A 686 -1.47 -0.97 -11.59
C GLN A 686 -0.32 -0.96 -12.60
N ILE A 687 0.55 0.05 -12.56
CA ILE A 687 1.74 0.04 -13.42
C ILE A 687 2.65 -1.12 -13.04
N SER A 688 2.93 -1.25 -11.75
CA SER A 688 3.84 -2.30 -11.30
C SER A 688 3.30 -3.69 -11.66
N LYS A 689 2.00 -3.91 -11.45
CA LYS A 689 1.37 -5.20 -11.75
C LYS A 689 1.45 -5.53 -13.24
N ALA A 690 1.15 -4.56 -14.10
CA ALA A 690 1.27 -4.74 -15.56
C ALA A 690 2.71 -5.09 -15.96
N LEU A 691 3.69 -4.46 -15.29
CA LEU A 691 5.11 -4.72 -15.56
C LEU A 691 5.53 -6.10 -15.05
N VAL A 692 5.11 -6.47 -13.85
CA VAL A 692 5.31 -7.82 -13.35
C VAL A 692 4.69 -8.85 -14.31
N ASP A 693 3.49 -8.56 -14.81
CA ASP A 693 2.76 -9.48 -15.68
C ASP A 693 3.45 -9.79 -17.01
N VAL A 694 4.22 -8.85 -17.55
CA VAL A 694 4.93 -9.09 -18.81
C VAL A 694 6.40 -9.37 -18.60
N GLY A 695 6.83 -9.51 -17.35
CA GLY A 695 8.21 -9.88 -17.03
C GLY A 695 9.27 -8.77 -17.16
N VAL A 696 8.91 -7.55 -16.80
CA VAL A 696 9.86 -6.43 -16.85
C VAL A 696 10.42 -6.12 -15.46
N ASP A 697 11.75 -6.09 -15.35
CA ASP A 697 12.38 -5.62 -14.12
C ASP A 697 12.41 -4.09 -14.10
N PHE A 698 12.31 -3.54 -12.89
CA PHE A 698 12.30 -2.09 -12.68
C PHE A 698 12.56 -1.82 -11.22
N GLN A 699 12.74 -0.55 -10.88
CA GLN A 699 12.98 -0.11 -9.51
C GLN A 699 11.75 0.57 -8.97
N ALA A 700 11.49 0.39 -7.68
CA ALA A 700 10.30 0.89 -7.06
C ALA A 700 10.62 1.47 -5.71
N MET A 701 9.85 2.48 -5.32
CA MET A 701 9.88 2.98 -3.96
C MET A 701 8.49 3.49 -3.57
N TRP A 702 7.96 2.98 -2.47
CA TRP A 702 6.76 3.58 -1.88
C TRP A 702 7.18 4.50 -0.74
N TYR A 703 6.37 5.54 -0.48
CA TYR A 703 6.60 6.41 0.69
C TYR A 703 5.42 6.37 1.65
N THR A 704 5.61 5.61 2.74
CA THR A 704 4.57 5.39 3.73
C THR A 704 3.99 6.70 4.24
N ASP A 705 2.66 6.84 4.12
CA ASP A 705 1.89 7.97 4.67
C ASP A 705 2.19 9.33 4.04
N GLU A 706 2.93 9.32 2.94
CA GLU A 706 3.19 10.52 2.16
C GLU A 706 2.08 10.70 1.14
N ASP A 707 1.81 11.95 0.82
CA ASP A 707 0.75 12.24 -0.12
C ASP A 707 1.31 12.68 -1.49
N HIS A 708 0.55 13.42 -2.26
CA HIS A 708 1.00 13.78 -3.58
C HIS A 708 2.29 14.60 -3.63
N GLY A 709 2.51 15.44 -2.60
CA GLY A 709 3.70 16.27 -2.53
C GLY A 709 4.98 15.58 -2.05
N ILE A 710 4.85 14.38 -1.47
CA ILE A 710 5.97 13.72 -0.78
C ILE A 710 6.87 14.81 -0.11
N ALA A 711 6.22 15.69 0.65
CA ALA A 711 6.84 16.94 1.10
C ALA A 711 7.26 16.96 2.55
N SER A 712 7.03 15.89 3.30
CA SER A 712 7.54 15.91 4.68
C SER A 712 9.06 16.00 4.57
N SER A 713 9.68 16.63 5.55
CA SER A 713 11.11 16.91 5.49
C SER A 713 12.01 15.69 5.23
N THR A 714 11.76 14.59 5.93
CA THR A 714 12.60 13.40 5.77
C THR A 714 12.34 12.70 4.43
N ALA A 715 11.08 12.65 4.01
CA ALA A 715 10.73 11.96 2.79
C ALA A 715 11.26 12.71 1.58
N HIS A 716 11.16 14.05 1.65
CA HIS A 716 11.71 14.91 0.60
C HIS A 716 13.21 14.67 0.41
N GLN A 717 13.95 14.55 1.49
CA GLN A 717 15.39 14.30 1.36
C GLN A 717 15.67 12.88 0.83
N HIS A 718 14.86 11.92 1.29
CA HIS A 718 15.03 10.51 0.94
C HIS A 718 14.76 10.28 -0.53
N ILE A 719 13.69 10.88 -1.06
CA ILE A 719 13.34 10.67 -2.47
C ILE A 719 14.36 11.28 -3.45
N TYR A 720 14.82 12.49 -3.17
CA TYR A 720 15.83 13.12 -4.02
C TYR A 720 17.19 12.43 -3.90
N THR A 721 17.51 11.93 -2.71
CA THR A 721 18.67 11.06 -2.56
C THR A 721 18.50 9.80 -3.43
N HIS A 722 17.36 9.12 -3.29
CA HIS A 722 17.14 7.86 -4.02
C HIS A 722 17.23 8.09 -5.53
N MET A 723 16.63 9.17 -6.00
CA MET A 723 16.63 9.52 -7.42
C MET A 723 18.02 9.91 -7.94
N SER A 724 18.80 10.59 -7.09
CA SER A 724 20.17 10.97 -7.43
C SER A 724 21.04 9.75 -7.71
N HIS A 725 21.05 8.79 -6.77
CA HIS A 725 21.74 7.50 -6.99
C HIS A 725 21.30 6.87 -8.30
N PHE A 726 19.99 6.84 -8.54
CA PHE A 726 19.46 6.20 -9.77
C PHE A 726 19.95 6.88 -11.05
N ILE A 727 19.94 8.21 -11.06
CA ILE A 727 20.36 8.98 -12.24
C ILE A 727 21.86 8.81 -12.51
N LYS A 728 22.65 8.82 -11.43
CA LYS A 728 24.10 8.68 -11.49
C LYS A 728 24.51 7.31 -12.02
N GLN A 729 23.84 6.27 -11.53
CA GLN A 729 24.03 4.90 -12.00
C GLN A 729 23.63 4.79 -13.48
N CYS A 730 22.51 5.41 -13.84
CA CYS A 730 22.07 5.41 -15.23
C CYS A 730 23.14 6.06 -16.12
N PHE A 731 23.77 7.12 -15.62
CA PHE A 731 24.70 7.89 -16.42
C PHE A 731 26.16 7.45 -16.37
N SER A 732 26.54 6.62 -15.39
CA SER A 732 27.94 6.29 -15.15
C SER A 732 28.55 5.55 -16.35
N LEU A 733 29.77 5.96 -16.73
CA LEU A 733 30.55 5.32 -17.81
C LEU A 733 31.35 4.12 -17.29
N PRO A 734 30.86 2.87 -17.57
CA PRO A 734 31.48 1.70 -16.93
C PRO A 734 32.58 1.07 -17.79
N ASP B 6 35.15 -28.34 -17.67
CA ASP B 6 33.75 -28.86 -17.55
C ASP B 6 32.84 -28.12 -18.51
N SER B 7 32.31 -28.82 -19.50
CA SER B 7 31.49 -28.18 -20.54
C SER B 7 29.97 -28.31 -20.30
N ARG B 8 29.59 -28.96 -19.20
CA ARG B 8 28.17 -29.06 -18.82
C ARG B 8 27.60 -27.69 -18.43
N LYS B 9 26.33 -27.47 -18.76
CA LYS B 9 25.59 -26.29 -18.30
C LYS B 9 25.46 -26.32 -16.77
N THR B 10 25.28 -25.12 -16.18
CA THR B 10 25.02 -24.98 -14.75
C THR B 10 23.51 -24.93 -14.53
N TYR B 11 23.09 -25.02 -13.28
CA TYR B 11 21.67 -24.91 -12.95
C TYR B 11 21.33 -23.41 -12.87
N THR B 12 20.60 -22.92 -13.87
CA THR B 12 20.41 -21.48 -14.02
C THR B 12 19.15 -20.97 -13.31
N LEU B 13 18.98 -19.65 -13.34
CA LEU B 13 17.77 -19.00 -12.81
C LEU B 13 16.54 -19.43 -13.57
N THR B 14 16.62 -19.43 -14.91
CA THR B 14 15.52 -19.93 -15.75
C THR B 14 15.16 -21.39 -15.42
N ASP B 15 16.14 -22.26 -15.19
CA ASP B 15 15.82 -23.63 -14.80
C ASP B 15 14.98 -23.69 -13.52
N TYR B 16 15.36 -22.90 -12.52
CA TYR B 16 14.55 -22.82 -11.33
C TYR B 16 13.16 -22.26 -11.65
N LEU B 17 13.12 -21.16 -12.40
CA LEU B 17 11.86 -20.43 -12.66
C LEU B 17 10.89 -21.17 -13.57
N LYS B 18 11.42 -21.85 -14.59
CA LYS B 18 10.59 -22.61 -15.53
C LYS B 18 10.43 -24.09 -15.17
N ASN B 19 10.97 -24.48 -14.02
CA ASN B 19 10.88 -25.87 -13.53
C ASN B 19 11.41 -26.88 -14.55
N THR B 20 12.57 -26.59 -15.14
CA THR B 20 13.18 -27.47 -16.12
C THR B 20 13.45 -28.87 -15.55
N TYR B 21 13.89 -28.94 -14.29
CA TYR B 21 14.16 -30.23 -13.66
C TYR B 21 13.15 -30.54 -12.56
N ARG B 22 12.22 -31.42 -12.87
CA ARG B 22 11.08 -31.70 -12.02
C ARG B 22 11.32 -32.98 -11.25
N LEU B 23 11.15 -32.90 -9.94
CA LEU B 23 11.12 -34.09 -9.11
C LEU B 23 9.85 -34.88 -9.40
N LYS B 24 9.98 -36.19 -9.53
CA LYS B 24 8.82 -37.05 -9.67
C LYS B 24 8.32 -37.50 -8.31
N LEU B 25 6.99 -37.53 -8.19
CA LEU B 25 6.30 -37.89 -6.97
C LEU B 25 5.59 -39.25 -7.14
N TYR B 26 5.02 -39.73 -6.04
CA TYR B 26 4.10 -40.86 -6.09
C TYR B 26 3.12 -40.67 -4.95
N SER B 27 2.13 -39.83 -5.22
CA SER B 27 1.07 -39.53 -4.25
C SER B 27 -0.05 -40.54 -4.39
N LEU B 28 -0.16 -41.42 -3.42
CA LEU B 28 -1.23 -42.37 -3.40
C LEU B 28 -2.20 -42.05 -2.26
N ARG B 29 -3.37 -42.67 -2.31
CA ARG B 29 -4.33 -42.52 -1.24
C ARG B 29 -4.84 -43.92 -0.92
N TRP B 30 -4.55 -44.39 0.28
CA TRP B 30 -5.03 -45.69 0.72
C TRP B 30 -6.56 -45.69 0.83
N ILE B 31 -7.21 -46.70 0.26
CA ILE B 31 -8.67 -46.82 0.39
C ILE B 31 -9.11 -47.95 1.32
N SER B 32 -8.16 -48.80 1.73
CA SER B 32 -8.47 -49.95 2.56
C SER B 32 -7.16 -50.45 3.16
N ASP B 33 -7.19 -51.64 3.74
CA ASP B 33 -5.98 -52.24 4.27
C ASP B 33 -5.07 -52.80 3.15
N HIS B 34 -5.58 -52.81 1.92
CA HIS B 34 -4.98 -53.61 0.85
C HIS B 34 -4.75 -52.83 -0.44
N GLU B 35 -5.49 -51.75 -0.63
CA GLU B 35 -5.48 -51.06 -1.92
C GLU B 35 -5.31 -49.56 -1.80
N TYR B 36 -4.76 -48.96 -2.86
CA TYR B 36 -4.66 -47.50 -2.95
C TYR B 36 -5.03 -46.95 -4.31
N LEU B 37 -5.40 -45.67 -4.33
CA LEU B 37 -5.64 -44.92 -5.57
C LEU B 37 -4.41 -44.12 -5.93
N TYR B 38 -4.19 -43.98 -7.23
CA TYR B 38 -3.08 -43.24 -7.78
C TYR B 38 -3.54 -42.64 -9.10
N LYS B 39 -3.35 -41.33 -9.22
CA LYS B 39 -3.68 -40.60 -10.44
C LYS B 39 -2.54 -40.77 -11.47
N GLN B 40 -2.77 -41.62 -12.47
CA GLN B 40 -1.81 -41.83 -13.56
C GLN B 40 -2.43 -41.42 -14.90
N GLU B 41 -1.80 -40.47 -15.60
CA GLU B 41 -2.29 -39.96 -16.89
C GLU B 41 -3.71 -39.37 -16.76
N ASN B 42 -3.99 -38.72 -15.65
CA ASN B 42 -5.35 -38.22 -15.35
C ASN B 42 -6.41 -39.33 -15.17
N ASN B 43 -6.03 -40.58 -15.39
CA ASN B 43 -6.85 -41.74 -15.00
C ASN B 43 -6.62 -42.06 -13.52
N ILE B 44 -7.68 -42.37 -12.79
CA ILE B 44 -7.55 -42.84 -11.42
C ILE B 44 -7.46 -44.37 -11.43
N LEU B 45 -6.30 -44.89 -11.04
CA LEU B 45 -6.09 -46.33 -10.93
C LEU B 45 -6.21 -46.78 -9.47
N VAL B 46 -6.61 -48.02 -9.28
CA VAL B 46 -6.60 -48.69 -7.97
C VAL B 46 -5.52 -49.76 -7.98
N PHE B 47 -4.66 -49.75 -6.97
CA PHE B 47 -3.56 -50.70 -6.91
C PHE B 47 -3.73 -51.65 -5.73
N ASN B 48 -3.37 -52.90 -5.98
CA ASN B 48 -3.27 -53.91 -4.99
C ASN B 48 -1.85 -53.87 -4.48
N ALA B 49 -1.68 -53.69 -3.18
CA ALA B 49 -0.36 -53.48 -2.59
C ALA B 49 0.52 -54.74 -2.63
N GLU B 50 -0.09 -55.89 -2.36
CA GLU B 50 0.65 -57.15 -2.31
C GLU B 50 1.32 -57.50 -3.65
N TYR B 51 0.59 -57.36 -4.76
CA TYR B 51 1.11 -57.79 -6.07
C TYR B 51 1.58 -56.69 -7.02
N GLY B 52 0.99 -55.50 -6.91
CA GLY B 52 1.38 -54.38 -7.76
C GLY B 52 0.46 -54.18 -8.95
N ASN B 53 -0.50 -55.10 -9.11
CA ASN B 53 -1.45 -55.01 -10.23
C ASN B 53 -2.47 -53.90 -10.04
N SER B 54 -2.95 -53.35 -11.14
CA SER B 54 -3.90 -52.26 -11.08
C SER B 54 -5.11 -52.48 -11.97
N SER B 55 -6.16 -51.70 -11.71
CA SER B 55 -7.31 -51.57 -12.60
C SER B 55 -7.60 -50.08 -12.76
N VAL B 56 -8.27 -49.73 -13.84
CA VAL B 56 -8.73 -48.37 -14.05
C VAL B 56 -10.03 -48.21 -13.28
N PHE B 57 -10.04 -47.25 -12.36
CA PHE B 57 -11.22 -46.99 -11.56
C PHE B 57 -12.05 -45.90 -12.22
N LEU B 58 -11.36 -44.96 -12.86
CA LEU B 58 -12.01 -43.86 -13.56
C LEU B 58 -11.14 -43.43 -14.72
N GLU B 59 -11.66 -43.64 -15.94
CA GLU B 59 -10.99 -43.23 -17.17
C GLU B 59 -10.91 -41.70 -17.26
N ASN B 60 -9.78 -41.19 -17.76
CA ASN B 60 -9.59 -39.74 -17.87
C ASN B 60 -10.62 -39.04 -18.77
N SER B 61 -11.36 -39.83 -19.55
CA SER B 61 -12.28 -39.33 -20.57
C SER B 61 -13.76 -39.19 -20.13
N THR B 62 -14.13 -39.80 -19.01
CA THR B 62 -15.56 -39.84 -18.59
C THR B 62 -16.22 -38.47 -18.37
N PHE B 63 -15.41 -37.46 -18.05
CA PHE B 63 -15.93 -36.10 -17.86
C PHE B 63 -15.51 -35.14 -18.97
N ASP B 64 -15.26 -35.69 -20.18
CA ASP B 64 -14.87 -34.91 -21.36
C ASP B 64 -15.90 -33.85 -21.72
N GLU B 65 -17.18 -34.16 -21.48
CA GLU B 65 -18.29 -33.23 -21.77
C GLU B 65 -18.80 -32.47 -20.55
N PHE B 66 -18.00 -32.41 -19.48
CA PHE B 66 -18.47 -31.87 -18.19
C PHE B 66 -18.79 -30.36 -18.20
N GLY B 67 -18.03 -29.60 -18.98
CA GLY B 67 -18.32 -28.17 -19.12
C GLY B 67 -17.36 -27.27 -18.37
N HIS B 68 -16.98 -27.69 -17.17
CA HIS B 68 -16.02 -26.93 -16.36
C HIS B 68 -14.74 -27.73 -16.20
N SER B 69 -13.63 -27.04 -15.97
CA SER B 69 -12.39 -27.73 -15.61
C SER B 69 -12.48 -28.11 -14.14
N ILE B 70 -12.29 -29.38 -13.85
CA ILE B 70 -12.44 -29.83 -12.49
C ILE B 70 -11.09 -29.74 -11.75
N ASN B 71 -11.14 -29.12 -10.58
CA ASN B 71 -9.96 -28.88 -9.76
C ASN B 71 -9.46 -30.13 -9.07
N ASP B 72 -10.39 -30.90 -8.50
CA ASP B 72 -10.03 -32.08 -7.71
C ASP B 72 -11.18 -33.08 -7.62
N TYR B 73 -10.83 -34.30 -7.22
CA TYR B 73 -11.73 -35.44 -7.14
C TYR B 73 -11.69 -35.91 -5.70
N SER B 74 -12.80 -36.46 -5.22
CA SER B 74 -12.81 -37.09 -3.92
C SER B 74 -13.80 -38.26 -3.96
N ILE B 75 -13.26 -39.46 -3.91
CA ILE B 75 -14.08 -40.67 -3.97
C ILE B 75 -14.55 -41.02 -2.56
N SER B 76 -15.85 -41.32 -2.43
CA SER B 76 -16.42 -41.72 -1.16
C SER B 76 -15.70 -42.98 -0.68
N PRO B 77 -15.61 -43.18 0.66
CA PRO B 77 -14.87 -44.33 1.18
C PRO B 77 -15.37 -45.69 0.68
N ASP B 78 -16.66 -45.81 0.33
CA ASP B 78 -17.18 -47.08 -0.24
C ASP B 78 -17.00 -47.22 -1.75
N GLY B 79 -16.47 -46.19 -2.39
CA GLY B 79 -16.14 -46.25 -3.82
C GLY B 79 -17.32 -46.07 -4.76
N GLN B 80 -18.45 -45.63 -4.20
CA GLN B 80 -19.70 -45.55 -4.96
C GLN B 80 -19.92 -44.19 -5.59
N PHE B 81 -19.30 -43.18 -5.01
CA PHE B 81 -19.51 -41.81 -5.47
C PHE B 81 -18.21 -41.05 -5.60
N ILE B 82 -18.23 -40.03 -6.44
CA ILE B 82 -17.10 -39.15 -6.56
C ILE B 82 -17.56 -37.69 -6.58
N LEU B 83 -16.89 -36.91 -5.76
CA LEU B 83 -17.17 -35.52 -5.60
C LEU B 83 -16.28 -34.76 -6.58
N LEU B 84 -16.89 -34.02 -7.49
CA LEU B 84 -16.14 -33.25 -8.47
C LEU B 84 -16.05 -31.79 -8.05
N GLU B 85 -14.83 -31.32 -7.80
CA GLU B 85 -14.59 -29.96 -7.33
C GLU B 85 -14.18 -29.03 -8.47
N TYR B 86 -14.84 -27.88 -8.58
CA TYR B 86 -14.55 -26.92 -9.64
C TYR B 86 -14.97 -25.51 -9.23
N ASN B 87 -14.70 -24.52 -10.08
CA ASN B 87 -14.83 -23.12 -9.69
C ASN B 87 -14.08 -22.85 -8.39
N TYR B 88 -12.89 -23.41 -8.27
CA TYR B 88 -12.04 -23.18 -7.11
C TYR B 88 -11.67 -21.69 -6.99
N VAL B 89 -11.87 -21.13 -5.80
CA VAL B 89 -11.43 -19.76 -5.50
C VAL B 89 -10.71 -19.75 -4.16
N LYS B 90 -9.40 -19.53 -4.21
CA LYS B 90 -8.57 -19.43 -3.01
C LYS B 90 -9.08 -18.35 -2.06
N GLN B 91 -9.11 -18.68 -0.76
CA GLN B 91 -9.17 -17.64 0.26
C GLN B 91 -7.80 -17.51 0.96
N TRP B 92 -7.63 -18.08 2.16
CA TRP B 92 -6.34 -17.94 2.88
C TRP B 92 -5.39 -19.11 2.59
N ARG B 93 -4.55 -19.50 3.56
CA ARG B 93 -3.60 -20.59 3.33
C ARG B 93 -4.27 -21.94 2.99
N HIS B 94 -5.35 -22.28 3.70
CA HIS B 94 -6.06 -23.54 3.48
C HIS B 94 -7.49 -23.33 2.96
N SER B 95 -8.13 -22.24 3.36
CA SER B 95 -9.53 -21.98 2.99
C SER B 95 -9.69 -21.66 1.50
N TYR B 96 -10.81 -22.09 0.96
CA TYR B 96 -11.23 -21.75 -0.39
C TYR B 96 -12.73 -22.01 -0.52
N THR B 97 -13.32 -21.51 -1.61
CA THR B 97 -14.66 -21.96 -2.01
C THR B 97 -14.62 -22.63 -3.38
N ALA B 98 -15.59 -23.50 -3.60
CA ALA B 98 -15.69 -24.22 -4.85
C ALA B 98 -17.14 -24.59 -5.11
N SER B 99 -17.41 -25.06 -6.32
CA SER B 99 -18.68 -25.70 -6.63
C SER B 99 -18.43 -27.19 -6.65
N TYR B 100 -19.47 -27.94 -6.33
CA TYR B 100 -19.38 -29.39 -6.30
C TYR B 100 -20.45 -30.08 -7.12
N ASP B 101 -20.10 -31.21 -7.71
CA ASP B 101 -21.09 -32.10 -8.29
C ASP B 101 -20.75 -33.51 -7.85
N ILE B 102 -21.77 -34.36 -7.79
CA ILE B 102 -21.56 -35.75 -7.40
C ILE B 102 -21.92 -36.68 -8.55
N TYR B 103 -21.01 -37.59 -8.85
CA TYR B 103 -21.18 -38.58 -9.88
C TYR B 103 -21.35 -39.95 -9.23
N ASP B 104 -22.44 -40.61 -9.58
CA ASP B 104 -22.73 -41.95 -9.14
C ASP B 104 -21.88 -42.94 -9.94
N LEU B 105 -21.07 -43.74 -9.24
CA LEU B 105 -20.16 -44.64 -9.93
C LEU B 105 -20.82 -45.95 -10.32
N ASN B 106 -21.89 -46.32 -9.62
CA ASN B 106 -22.67 -47.52 -9.97
C ASN B 106 -23.52 -47.27 -11.21
N LYS B 107 -24.29 -46.18 -11.20
CA LYS B 107 -25.13 -45.74 -12.32
C LYS B 107 -24.34 -45.16 -13.48
N ARG B 108 -23.12 -44.68 -13.23
CA ARG B 108 -22.34 -43.97 -14.24
C ARG B 108 -23.08 -42.72 -14.74
N GLN B 109 -23.68 -41.97 -13.81
CA GLN B 109 -24.34 -40.72 -14.17
C GLN B 109 -24.11 -39.64 -13.10
N LEU B 110 -24.12 -38.39 -13.51
CA LEU B 110 -24.10 -37.26 -12.58
C LEU B 110 -25.43 -37.16 -11.84
N ILE B 111 -25.38 -36.72 -10.60
CA ILE B 111 -26.59 -36.44 -9.83
C ILE B 111 -26.95 -34.99 -10.06
N THR B 112 -28.21 -34.77 -10.48
CA THR B 112 -28.69 -33.44 -10.83
C THR B 112 -29.73 -32.94 -9.84
N GLU B 113 -30.11 -33.78 -8.88
CA GLU B 113 -31.04 -33.38 -7.84
C GLU B 113 -30.34 -33.02 -6.54
N GLU B 114 -30.88 -32.03 -5.85
CA GLU B 114 -30.39 -31.60 -4.53
C GLU B 114 -28.86 -31.39 -4.52
N ARG B 115 -28.36 -30.68 -5.53
CA ARG B 115 -26.94 -30.43 -5.64
C ARG B 115 -26.39 -29.62 -4.45
N ILE B 116 -25.13 -29.89 -4.12
CA ILE B 116 -24.40 -29.02 -3.21
C ILE B 116 -24.38 -27.62 -3.83
N PRO B 117 -24.66 -26.58 -3.01
CA PRO B 117 -24.72 -25.21 -3.55
C PRO B 117 -23.36 -24.70 -4.07
N ASN B 118 -23.40 -23.67 -4.91
CA ASN B 118 -22.19 -22.94 -5.28
C ASN B 118 -21.64 -22.20 -4.04
N ASN B 119 -20.38 -21.76 -4.10
CA ASN B 119 -19.75 -21.05 -2.99
C ASN B 119 -19.74 -21.87 -1.69
N THR B 120 -19.56 -23.18 -1.83
CA THR B 120 -19.49 -24.09 -0.68
C THR B 120 -18.12 -23.96 -0.03
N GLN B 121 -18.11 -23.83 1.28
CA GLN B 121 -16.89 -23.50 2.01
C GLN B 121 -16.06 -24.70 2.40
N TRP B 122 -16.70 -25.84 2.57
CA TRP B 122 -16.01 -27.08 2.92
C TRP B 122 -16.93 -28.27 2.74
N VAL B 123 -16.39 -29.38 2.27
CA VAL B 123 -17.18 -30.59 2.11
C VAL B 123 -16.33 -31.79 2.47
N THR B 124 -16.96 -32.78 3.11
CA THR B 124 -16.27 -34.00 3.47
C THR B 124 -17.22 -35.19 3.50
N TRP B 125 -16.77 -36.30 2.95
CA TRP B 125 -17.42 -37.59 3.13
C TRP B 125 -17.32 -38.00 4.60
N SER B 126 -18.27 -38.80 5.09
CA SER B 126 -18.09 -39.47 6.38
C SER B 126 -16.91 -40.41 6.17
N PRO B 127 -16.26 -40.89 7.25
CA PRO B 127 -15.08 -41.76 7.06
C PRO B 127 -15.42 -43.14 6.48
N VAL B 128 -16.67 -43.53 6.64
CA VAL B 128 -17.17 -44.81 6.17
C VAL B 128 -18.45 -44.52 5.38
N GLY B 129 -18.71 -45.28 4.31
CA GLY B 129 -19.94 -45.11 3.52
C GLY B 129 -19.94 -43.89 2.60
N HIS B 130 -21.02 -43.11 2.63
CA HIS B 130 -21.14 -41.96 1.71
C HIS B 130 -22.06 -40.84 2.16
N LYS B 131 -22.16 -40.62 3.48
CA LYS B 131 -22.73 -39.37 3.96
C LYS B 131 -21.80 -38.22 3.61
N LEU B 132 -22.38 -37.03 3.47
CA LEU B 132 -21.66 -35.79 3.24
C LEU B 132 -22.02 -34.80 4.32
N ALA B 133 -21.05 -33.97 4.68
CA ALA B 133 -21.29 -32.79 5.49
C ALA B 133 -20.61 -31.64 4.74
N TYR B 134 -21.31 -30.53 4.61
CA TYR B 134 -20.74 -29.38 3.96
C TYR B 134 -21.11 -28.11 4.70
N VAL B 135 -20.35 -27.05 4.45
CA VAL B 135 -20.61 -25.76 5.05
C VAL B 135 -20.83 -24.75 3.94
N TRP B 136 -21.86 -23.94 4.09
CA TRP B 136 -22.25 -22.99 3.07
C TRP B 136 -22.84 -21.84 3.83
N ASN B 137 -22.43 -20.63 3.47
CA ASN B 137 -22.81 -19.43 4.23
C ASN B 137 -22.62 -19.62 5.73
N ASN B 138 -21.52 -20.26 6.13
CA ASN B 138 -21.14 -20.41 7.53
C ASN B 138 -22.05 -21.34 8.37
N ASP B 139 -22.90 -22.13 7.70
CA ASP B 139 -23.74 -23.11 8.39
C ASP B 139 -23.47 -24.53 7.93
N ILE B 140 -23.75 -25.49 8.81
CA ILE B 140 -23.49 -26.89 8.50
C ILE B 140 -24.72 -27.59 7.92
N TYR B 141 -24.50 -28.41 6.89
CA TYR B 141 -25.53 -29.24 6.27
C TYR B 141 -25.06 -30.68 6.17
N VAL B 142 -25.99 -31.62 6.28
CA VAL B 142 -25.67 -33.05 6.15
C VAL B 142 -26.56 -33.70 5.10
N LYS B 143 -25.96 -34.50 4.23
CA LYS B 143 -26.66 -35.33 3.25
C LYS B 143 -26.43 -36.80 3.59
N ILE B 144 -27.49 -37.52 3.94
CA ILE B 144 -27.39 -38.96 4.19
C ILE B 144 -27.09 -39.71 2.88
N GLU B 145 -27.65 -39.22 1.78
CA GLU B 145 -27.43 -39.80 0.45
C GLU B 145 -27.22 -38.67 -0.54
N PRO B 146 -26.32 -38.85 -1.51
CA PRO B 146 -25.92 -37.77 -2.42
C PRO B 146 -27.08 -37.11 -3.18
N ASN B 147 -28.11 -37.88 -3.53
CA ASN B 147 -29.25 -37.32 -4.27
C ASN B 147 -30.38 -36.77 -3.40
N LEU B 148 -30.26 -36.92 -2.08
CA LEU B 148 -31.33 -36.55 -1.15
C LEU B 148 -31.21 -35.14 -0.57
N PRO B 149 -32.36 -34.53 -0.19
CA PRO B 149 -32.32 -33.21 0.45
C PRO B 149 -31.43 -33.20 1.68
N SER B 150 -30.71 -32.11 1.87
CA SER B 150 -29.78 -32.04 2.98
C SER B 150 -30.49 -31.50 4.21
N TYR B 151 -30.09 -31.99 5.38
CA TYR B 151 -30.58 -31.46 6.65
C TYR B 151 -29.72 -30.26 7.06
N ARG B 152 -30.36 -29.17 7.48
CA ARG B 152 -29.63 -28.01 7.97
C ARG B 152 -29.37 -28.17 9.44
N ILE B 153 -28.08 -28.16 9.82
CA ILE B 153 -27.68 -28.45 11.19
C ILE B 153 -27.60 -27.20 12.05
N THR B 154 -27.13 -26.09 11.47
CA THR B 154 -26.98 -24.85 12.22
C THR B 154 -27.67 -23.71 11.48
N TRP B 155 -28.11 -22.69 12.23
CA TRP B 155 -28.89 -21.59 11.64
C TRP B 155 -28.29 -20.22 12.00
N THR B 156 -27.14 -20.26 12.66
CA THR B 156 -26.55 -19.04 13.21
C THR B 156 -25.41 -18.47 12.35
N GLY B 157 -25.07 -19.17 11.26
CA GLY B 157 -24.00 -18.73 10.37
C GLY B 157 -24.16 -17.30 9.90
N LYS B 158 -23.11 -16.50 10.10
CA LYS B 158 -23.15 -15.09 9.71
C LYS B 158 -21.76 -14.65 9.28
N GLU B 159 -21.65 -14.25 8.01
CA GLU B 159 -20.40 -13.82 7.39
C GLU B 159 -19.55 -12.94 8.32
N ASP B 160 -18.30 -13.33 8.51
CA ASP B 160 -17.31 -12.62 9.33
C ASP B 160 -17.64 -12.55 10.81
N ILE B 161 -18.65 -13.28 11.26
CA ILE B 161 -19.14 -13.16 12.65
C ILE B 161 -19.33 -14.52 13.35
N ILE B 162 -20.18 -15.38 12.79
CA ILE B 162 -20.38 -16.72 13.35
C ILE B 162 -19.96 -17.78 12.34
N TYR B 163 -19.07 -18.66 12.77
CA TYR B 163 -18.59 -19.72 11.88
C TYR B 163 -18.96 -21.07 12.45
N ASN B 164 -19.79 -21.83 11.74
CA ASN B 164 -20.10 -23.21 12.14
C ASN B 164 -19.39 -24.21 11.23
N GLY B 165 -18.55 -25.07 11.82
CA GLY B 165 -17.89 -26.14 11.05
C GLY B 165 -16.73 -25.70 10.17
N ILE B 166 -16.43 -24.40 10.22
CA ILE B 166 -15.23 -23.82 9.56
C ILE B 166 -14.55 -22.89 10.54
N THR B 167 -13.26 -22.67 10.34
CA THR B 167 -12.47 -21.85 11.23
C THR B 167 -12.51 -20.41 10.77
N ASP B 168 -12.26 -19.47 11.69
CA ASP B 168 -12.07 -18.08 11.30
C ASP B 168 -10.61 -17.95 10.86
N TRP B 169 -10.12 -16.72 10.67
CA TRP B 169 -8.78 -16.53 10.13
C TRP B 169 -7.69 -17.12 11.02
N VAL B 170 -7.71 -16.78 12.32
CA VAL B 170 -6.63 -17.16 13.25
C VAL B 170 -6.63 -18.67 13.56
N TYR B 171 -7.82 -19.25 13.66
CA TYR B 171 -7.93 -20.67 13.94
C TYR B 171 -7.47 -21.48 12.72
N GLU B 172 -7.75 -20.96 11.52
CA GLU B 172 -7.31 -21.60 10.30
C GLU B 172 -5.77 -21.59 10.23
N GLU B 173 -5.19 -20.42 10.47
CA GLU B 173 -3.76 -20.22 10.30
C GLU B 173 -2.92 -20.81 11.42
N GLU B 174 -3.36 -20.62 12.67
CA GLU B 174 -2.52 -20.89 13.84
C GLU B 174 -2.89 -22.08 14.72
N VAL B 175 -4.09 -22.62 14.58
CA VAL B 175 -4.53 -23.66 15.50
C VAL B 175 -4.69 -24.99 14.78
N PHE B 176 -5.59 -25.02 13.80
CA PHE B 176 -5.91 -26.24 13.08
C PHE B 176 -5.19 -26.46 11.75
N SER B 177 -4.53 -25.43 11.23
CA SER B 177 -3.92 -25.52 9.89
C SER B 177 -4.90 -26.13 8.89
N ALA B 178 -6.14 -25.63 8.91
CA ALA B 178 -7.24 -26.16 8.08
C ALA B 178 -8.44 -25.22 8.16
N TYR B 179 -9.26 -25.21 7.11
CA TYR B 179 -10.51 -24.43 7.10
C TYR B 179 -11.59 -25.21 7.86
N SER B 180 -11.50 -26.52 7.75
CA SER B 180 -12.45 -27.43 8.34
C SER B 180 -12.47 -27.36 9.87
N ALA B 181 -13.68 -27.43 10.41
CA ALA B 181 -13.92 -27.51 11.85
C ALA B 181 -15.06 -28.50 12.08
N LEU B 182 -14.99 -29.61 11.37
CA LEU B 182 -15.96 -30.72 11.45
C LEU B 182 -15.19 -32.00 11.71
N TRP B 183 -15.74 -32.89 12.53
CA TRP B 183 -15.05 -34.14 12.83
C TRP B 183 -16.09 -35.24 12.93
N TRP B 184 -16.22 -36.01 11.87
CA TRP B 184 -17.02 -37.23 11.86
C TRP B 184 -16.50 -38.23 12.88
N SER B 185 -17.41 -38.97 13.51
CA SER B 185 -17.03 -40.10 14.35
C SER B 185 -16.58 -41.26 13.45
N PRO B 186 -15.89 -42.26 14.02
CA PRO B 186 -15.24 -43.23 13.14
C PRO B 186 -16.17 -43.92 12.13
N ASN B 187 -17.41 -44.20 12.51
CA ASN B 187 -18.33 -44.86 11.58
C ASN B 187 -19.43 -43.94 11.02
N GLY B 188 -19.30 -42.65 11.31
CA GLY B 188 -20.19 -41.64 10.72
C GLY B 188 -21.49 -41.39 11.45
N THR B 189 -21.70 -42.03 12.60
CA THR B 189 -22.90 -41.79 13.37
C THR B 189 -22.99 -40.32 13.80
N PHE B 190 -21.94 -39.83 14.48
CA PHE B 190 -21.92 -38.46 14.96
C PHE B 190 -21.03 -37.55 14.12
N LEU B 191 -21.46 -36.28 14.06
CA LEU B 191 -20.68 -35.23 13.47
C LEU B 191 -20.42 -34.22 14.55
N ALA B 192 -19.16 -34.09 14.94
CA ALA B 192 -18.76 -33.04 15.85
C ALA B 192 -18.31 -31.79 15.08
N TYR B 193 -18.48 -30.63 15.70
CA TYR B 193 -18.07 -29.38 15.08
C TYR B 193 -17.88 -28.27 16.10
N ALA B 194 -17.08 -27.28 15.70
CA ALA B 194 -16.85 -26.11 16.52
C ALA B 194 -17.59 -24.95 15.92
N GLN B 195 -17.95 -24.00 16.77
CA GLN B 195 -18.53 -22.76 16.33
C GLN B 195 -17.65 -21.62 16.82
N PHE B 196 -17.26 -20.74 15.90
CA PHE B 196 -16.45 -19.59 16.27
C PHE B 196 -17.25 -18.30 16.21
N ASN B 197 -17.03 -17.45 17.19
CA ASN B 197 -17.70 -16.17 17.29
C ASN B 197 -16.65 -15.05 17.30
N ASP B 198 -16.67 -14.21 16.27
CA ASP B 198 -15.68 -13.15 16.08
C ASP B 198 -16.26 -11.76 16.23
N THR B 199 -17.42 -11.69 16.88
CA THR B 199 -18.12 -10.42 17.07
C THR B 199 -17.20 -9.26 17.45
N GLU B 200 -16.39 -9.43 18.49
CA GLU B 200 -15.62 -8.27 18.96
C GLU B 200 -14.18 -8.24 18.44
N VAL B 201 -13.86 -9.16 17.54
CA VAL B 201 -12.53 -9.22 16.94
C VAL B 201 -12.37 -8.10 15.94
N PRO B 202 -11.33 -7.24 16.13
CA PRO B 202 -11.12 -6.11 15.23
C PRO B 202 -10.79 -6.60 13.83
N LEU B 203 -10.98 -5.74 12.83
CA LEU B 203 -10.75 -6.10 11.45
C LEU B 203 -9.41 -5.53 10.99
N ILE B 204 -8.59 -6.34 10.32
CA ILE B 204 -7.52 -5.80 9.48
C ILE B 204 -8.18 -5.35 8.16
N GLU B 205 -7.77 -4.18 7.68
CA GLU B 205 -8.32 -3.64 6.43
C GLU B 205 -7.15 -3.26 5.53
N TYR B 206 -7.22 -3.66 4.26
CA TYR B 206 -6.22 -3.26 3.25
C TYR B 206 -6.87 -3.19 1.88
N SER B 207 -6.24 -2.45 0.98
CA SER B 207 -6.71 -2.28 -0.39
C SER B 207 -6.42 -3.48 -1.28
N PHE B 208 -7.35 -3.77 -2.18
CA PHE B 208 -7.11 -4.74 -3.23
C PHE B 208 -7.45 -4.04 -4.52
N TYR B 209 -6.57 -4.09 -5.49
CA TYR B 209 -6.66 -3.22 -6.67
C TYR B 209 -7.35 -3.92 -7.82
N SER B 210 -7.19 -5.25 -7.86
CA SER B 210 -7.84 -6.10 -8.84
C SER B 210 -7.36 -5.80 -10.24
N ASP B 211 -8.12 -6.27 -11.22
CA ASP B 211 -7.81 -6.01 -12.62
C ASP B 211 -7.87 -4.51 -12.88
N GLU B 212 -7.13 -4.10 -13.91
CA GLU B 212 -7.05 -2.72 -14.34
C GLU B 212 -8.43 -2.07 -14.48
N SER B 213 -9.40 -2.84 -14.95
CA SER B 213 -10.75 -2.38 -15.24
C SER B 213 -11.51 -1.87 -14.01
N LEU B 214 -11.11 -2.30 -12.81
CA LEU B 214 -11.79 -1.87 -11.58
C LEU B 214 -11.41 -0.42 -11.24
N GLN B 215 -12.40 0.45 -11.23
CA GLN B 215 -12.16 1.88 -11.13
C GLN B 215 -11.76 2.31 -9.72
N TYR B 216 -12.46 1.77 -8.71
CA TYR B 216 -12.15 2.02 -7.31
C TYR B 216 -11.58 0.76 -6.67
N PRO B 217 -10.39 0.87 -6.05
CA PRO B 217 -9.88 -0.27 -5.30
C PRO B 217 -10.91 -0.67 -4.25
N LYS B 218 -10.97 -1.97 -3.93
CA LYS B 218 -11.83 -2.39 -2.85
C LYS B 218 -11.03 -2.60 -1.59
N THR B 219 -11.72 -2.56 -0.47
CA THR B 219 -11.13 -2.73 0.82
C THR B 219 -11.51 -4.11 1.31
N VAL B 220 -10.50 -4.91 1.63
CA VAL B 220 -10.71 -6.24 2.20
C VAL B 220 -10.74 -6.04 3.71
N ARG B 221 -11.71 -6.67 4.38
CA ARG B 221 -11.85 -6.55 5.83
C ARG B 221 -11.89 -7.96 6.41
N VAL B 222 -10.98 -8.26 7.34
CA VAL B 222 -10.83 -9.62 7.88
C VAL B 222 -10.71 -9.56 9.40
N PRO B 223 -11.62 -10.24 10.11
CA PRO B 223 -11.49 -10.40 11.56
C PRO B 223 -10.16 -11.10 11.84
N TYR B 224 -9.27 -10.38 12.52
CA TYR B 224 -7.88 -10.76 12.72
C TYR B 224 -7.45 -10.16 14.05
N PRO B 225 -7.24 -11.00 15.07
CA PRO B 225 -6.75 -10.46 16.34
C PRO B 225 -5.24 -10.29 16.36
N LYS B 226 -4.77 -9.05 16.48
CA LYS B 226 -3.34 -8.81 16.69
C LYS B 226 -3.00 -9.10 18.15
N ALA B 227 -1.72 -9.14 18.50
CA ALA B 227 -1.35 -9.52 19.88
C ALA B 227 -2.06 -8.61 20.89
N GLY B 228 -2.70 -9.23 21.88
CA GLY B 228 -3.33 -8.49 22.96
C GLY B 228 -4.76 -8.07 22.69
N ALA B 229 -5.23 -8.29 21.46
CA ALA B 229 -6.57 -7.88 21.03
C ALA B 229 -7.63 -8.89 21.47
N VAL B 230 -8.91 -8.53 21.33
CA VAL B 230 -10.02 -9.45 21.61
C VAL B 230 -10.00 -10.64 20.63
N ASN B 231 -10.00 -11.86 21.17
CA ASN B 231 -9.92 -13.11 20.40
C ASN B 231 -11.31 -13.67 20.06
N PRO B 232 -11.41 -14.51 19.01
CA PRO B 232 -12.68 -15.23 18.85
C PRO B 232 -12.97 -16.08 20.09
N THR B 233 -14.25 -16.34 20.34
CA THR B 233 -14.65 -17.31 21.33
C THR B 233 -15.12 -18.56 20.61
N VAL B 234 -15.15 -19.68 21.33
CA VAL B 234 -15.42 -20.97 20.72
C VAL B 234 -16.38 -21.84 21.55
N LYS B 235 -17.24 -22.57 20.85
CA LYS B 235 -18.10 -23.57 21.45
C LYS B 235 -17.97 -24.87 20.67
N PHE B 236 -18.27 -25.98 21.33
CA PHE B 236 -18.14 -27.29 20.71
C PHE B 236 -19.43 -28.09 20.81
N PHE B 237 -19.82 -28.72 19.71
CA PHE B 237 -21.10 -29.44 19.61
C PHE B 237 -20.97 -30.82 18.97
N VAL B 238 -21.88 -31.73 19.32
CA VAL B 238 -21.98 -33.02 18.63
C VAL B 238 -23.43 -33.28 18.23
N VAL B 239 -23.64 -33.64 16.96
CA VAL B 239 -24.97 -33.99 16.49
C VAL B 239 -25.02 -35.44 15.98
N ASN B 240 -26.07 -36.16 16.36
CA ASN B 240 -26.32 -37.49 15.85
C ASN B 240 -26.96 -37.38 14.48
N THR B 241 -26.26 -37.89 13.46
CA THR B 241 -26.74 -37.79 12.10
C THR B 241 -27.62 -38.97 11.71
N ASP B 242 -27.75 -39.95 12.60
CA ASP B 242 -28.66 -41.08 12.35
C ASP B 242 -30.08 -40.78 12.81
N SER B 243 -30.24 -39.71 13.59
CA SER B 243 -31.55 -39.36 14.10
C SER B 243 -32.01 -37.98 13.64
N LEU B 244 -31.72 -37.65 12.39
CA LEU B 244 -32.18 -36.40 11.79
C LEU B 244 -33.58 -36.54 11.20
N SER B 245 -34.34 -35.45 11.27
CA SER B 245 -35.66 -35.39 10.65
C SER B 245 -35.79 -34.18 9.72
N SER B 246 -36.59 -34.36 8.66
CA SER B 246 -36.94 -33.26 7.77
C SER B 246 -38.05 -32.38 8.36
N VAL B 247 -38.68 -32.87 9.44
CA VAL B 247 -39.79 -32.18 10.10
C VAL B 247 -39.28 -31.29 11.23
N THR B 248 -38.39 -31.81 12.06
CA THR B 248 -37.84 -31.04 13.16
C THR B 248 -36.40 -30.60 12.88
N ASN B 249 -36.01 -29.46 13.44
CA ASN B 249 -34.63 -29.00 13.42
C ASN B 249 -33.73 -29.94 14.22
N ALA B 250 -32.56 -30.26 13.68
CA ALA B 250 -31.56 -31.08 14.37
C ALA B 250 -31.19 -30.51 15.76
N THR B 251 -30.92 -31.39 16.71
CA THR B 251 -30.45 -30.98 18.03
C THR B 251 -28.95 -31.25 18.14
N SER B 252 -28.20 -30.20 18.47
CA SER B 252 -26.77 -30.30 18.70
C SER B 252 -26.52 -30.26 20.20
N ILE B 253 -25.80 -31.25 20.71
CA ILE B 253 -25.40 -31.27 22.12
C ILE B 253 -24.06 -30.58 22.32
N GLN B 254 -24.04 -29.61 23.24
CA GLN B 254 -22.83 -28.89 23.57
C GLN B 254 -22.00 -29.62 24.62
N ILE B 255 -20.69 -29.66 24.36
CA ILE B 255 -19.71 -30.07 25.34
C ILE B 255 -18.93 -28.79 25.70
N THR B 256 -19.10 -28.35 26.94
CA THR B 256 -18.50 -27.12 27.40
C THR B 256 -17.07 -27.39 27.87
N ALA B 257 -16.22 -26.37 27.80
CA ALA B 257 -14.84 -26.48 28.22
C ALA B 257 -14.78 -26.68 29.74
N PRO B 258 -13.68 -27.26 30.24
CA PRO B 258 -13.52 -27.39 31.69
C PRO B 258 -13.40 -26.05 32.40
N ALA B 259 -13.82 -26.04 33.67
CA ALA B 259 -13.80 -24.85 34.51
C ALA B 259 -12.49 -24.11 34.49
N SER B 260 -11.38 -24.86 34.51
CA SER B 260 -10.04 -24.26 34.47
C SER B 260 -9.75 -23.48 33.17
N MET B 261 -10.59 -23.66 32.15
CA MET B 261 -10.48 -22.91 30.90
C MET B 261 -11.44 -21.74 30.89
N LEU B 262 -12.68 -22.00 31.32
CA LEU B 262 -13.74 -21.00 31.32
C LEU B 262 -13.44 -19.77 32.19
N ILE B 263 -12.48 -19.86 33.09
CA ILE B 263 -12.09 -18.72 33.93
C ILE B 263 -11.49 -17.54 33.15
N GLY B 264 -11.04 -17.79 31.93
CA GLY B 264 -10.40 -16.77 31.10
C GLY B 264 -10.43 -17.12 29.64
N ASP B 265 -9.76 -16.34 28.81
CA ASP B 265 -9.67 -16.61 27.38
C ASP B 265 -8.99 -17.95 27.15
N HIS B 266 -9.38 -18.63 26.09
CA HIS B 266 -8.86 -19.98 25.85
C HIS B 266 -9.16 -20.37 24.43
N TYR B 267 -8.61 -21.51 24.02
CA TYR B 267 -8.78 -22.04 22.68
C TYR B 267 -9.18 -23.51 22.75
N LEU B 268 -9.87 -23.96 21.70
CA LEU B 268 -10.01 -25.37 21.43
C LEU B 268 -8.89 -25.69 20.45
N CYS B 269 -8.04 -26.66 20.75
CA CYS B 269 -6.85 -26.87 19.90
C CYS B 269 -6.70 -28.27 19.34
N ASP B 270 -7.46 -29.21 19.87
CA ASP B 270 -7.46 -30.55 19.29
C ASP B 270 -8.82 -31.23 19.45
N VAL B 271 -9.23 -31.93 18.40
CA VAL B 271 -10.40 -32.82 18.46
C VAL B 271 -10.02 -34.17 17.85
N THR B 272 -10.18 -35.23 18.64
CA THR B 272 -9.82 -36.58 18.20
C THR B 272 -10.79 -37.61 18.74
N TRP B 273 -11.50 -38.29 17.85
CA TRP B 273 -12.40 -39.36 18.25
C TRP B 273 -11.59 -40.54 18.75
N ALA B 274 -12.03 -41.16 19.83
CA ALA B 274 -11.37 -42.32 20.42
C ALA B 274 -12.05 -43.60 19.97
N THR B 275 -13.37 -43.62 20.08
CA THR B 275 -14.19 -44.74 19.63
C THR B 275 -15.47 -44.19 19.03
N GLN B 276 -16.40 -45.09 18.70
CA GLN B 276 -17.70 -44.70 18.17
C GLN B 276 -18.44 -43.78 19.12
N GLU B 277 -18.12 -43.87 20.41
CA GLU B 277 -18.94 -43.21 21.44
C GLU B 277 -18.11 -42.40 22.45
N ARG B 278 -16.82 -42.23 22.15
CA ARG B 278 -15.90 -41.51 23.01
C ARG B 278 -15.08 -40.47 22.22
N ILE B 279 -15.18 -39.21 22.63
CA ILE B 279 -14.41 -38.14 21.99
C ILE B 279 -13.44 -37.47 22.96
N SER B 280 -12.26 -37.09 22.46
CA SER B 280 -11.33 -36.29 23.25
C SER B 280 -11.14 -34.91 22.64
N LEU B 281 -10.97 -33.93 23.53
CA LEU B 281 -10.80 -32.53 23.15
C LEU B 281 -9.70 -31.99 24.01
N GLN B 282 -8.80 -31.20 23.42
CA GLN B 282 -7.84 -30.49 24.22
C GLN B 282 -8.14 -29.01 24.12
N TRP B 283 -8.00 -28.34 25.26
CA TRP B 283 -8.24 -26.90 25.40
C TRP B 283 -6.95 -26.27 25.86
N LEU B 284 -6.72 -25.04 25.45
CA LEU B 284 -5.49 -24.37 25.75
C LEU B 284 -5.82 -22.97 26.28
N ARG B 285 -5.17 -22.54 27.36
CA ARG B 285 -5.38 -21.16 27.84
C ARG B 285 -4.78 -20.18 26.87
N ARG B 286 -5.29 -18.94 26.87
CA ARG B 286 -4.67 -17.87 26.08
C ARG B 286 -3.20 -17.75 26.45
N ILE B 287 -2.89 -17.97 27.73
CA ILE B 287 -1.51 -18.11 28.19
C ILE B 287 -1.17 -19.58 27.94
N GLN B 288 -0.41 -19.80 26.87
CA GLN B 288 -0.34 -21.13 26.23
C GLN B 288 0.61 -22.11 26.90
N ASN B 289 0.68 -22.06 28.22
CA ASN B 289 1.50 -23.01 28.96
C ASN B 289 0.69 -23.99 29.81
N TYR B 290 -0.61 -24.04 29.56
CA TYR B 290 -1.52 -24.87 30.31
C TYR B 290 -2.63 -25.32 29.38
N SER B 291 -2.77 -26.63 29.23
CA SER B 291 -3.83 -27.21 28.42
C SER B 291 -4.41 -28.40 29.13
N VAL B 292 -5.68 -28.71 28.85
CA VAL B 292 -6.31 -29.89 29.41
C VAL B 292 -7.09 -30.70 28.39
N MET B 293 -6.99 -32.02 28.54
CA MET B 293 -7.72 -32.95 27.71
C MET B 293 -8.95 -33.42 28.46
N ASP B 294 -10.10 -33.26 27.83
CA ASP B 294 -11.32 -33.92 28.27
C ASP B 294 -11.58 -35.15 27.41
N ILE B 295 -12.02 -36.22 28.08
CA ILE B 295 -12.42 -37.44 27.40
C ILE B 295 -13.89 -37.67 27.72
N CYS B 296 -14.72 -37.66 26.68
CA CYS B 296 -16.16 -37.56 26.82
C CYS B 296 -16.88 -38.75 26.19
N ASP B 297 -17.76 -39.36 26.98
CA ASP B 297 -18.52 -40.54 26.57
C ASP B 297 -19.97 -40.22 26.33
N TYR B 298 -20.49 -40.74 25.24
CA TYR B 298 -21.91 -40.67 24.94
C TYR B 298 -22.73 -41.51 25.91
N ASP B 299 -23.76 -40.88 26.48
CA ASP B 299 -24.70 -41.53 27.42
C ASP B 299 -26.01 -41.85 26.70
N GLU B 300 -26.23 -43.14 26.45
CA GLU B 300 -27.37 -43.60 25.68
C GLU B 300 -28.74 -43.18 26.25
N SER B 301 -28.84 -43.14 27.58
CA SER B 301 -30.09 -42.77 28.27
C SER B 301 -30.35 -41.28 28.13
N SER B 302 -29.36 -40.50 28.55
CA SER B 302 -29.36 -39.05 28.48
C SER B 302 -29.53 -38.57 27.04
N GLY B 303 -28.75 -39.17 26.13
CA GLY B 303 -28.52 -38.59 24.81
C GLY B 303 -27.41 -37.54 24.89
N ARG B 304 -26.78 -37.42 26.06
CA ARG B 304 -25.78 -36.39 26.33
C ARG B 304 -24.35 -36.91 26.31
N TRP B 305 -23.40 -35.99 26.42
CA TRP B 305 -21.99 -36.30 26.41
C TRP B 305 -21.39 -35.89 27.74
N ASN B 306 -20.85 -36.87 28.48
CA ASN B 306 -20.27 -36.59 29.79
C ASN B 306 -18.77 -36.78 29.83
N CYS B 307 -18.07 -35.77 30.33
CA CYS B 307 -16.63 -35.83 30.45
C CYS B 307 -16.28 -35.91 31.91
N LEU B 308 -15.95 -37.11 32.37
CA LEU B 308 -15.64 -37.33 33.78
C LEU B 308 -14.34 -36.63 34.14
N VAL B 309 -14.35 -35.95 35.29
CA VAL B 309 -13.16 -35.28 35.81
C VAL B 309 -11.97 -36.25 35.99
N ALA B 310 -12.23 -37.46 36.46
CA ALA B 310 -11.20 -38.49 36.63
C ALA B 310 -10.51 -38.86 35.30
N ARG B 311 -11.14 -38.49 34.19
CA ARG B 311 -10.57 -38.75 32.87
C ARG B 311 -9.96 -37.50 32.25
N GLN B 312 -9.67 -36.50 33.08
CA GLN B 312 -9.08 -35.25 32.65
C GLN B 312 -7.55 -35.32 32.74
N HIS B 313 -6.87 -34.80 31.72
CA HIS B 313 -5.42 -34.84 31.66
C HIS B 313 -4.82 -33.46 31.47
N ILE B 314 -3.99 -33.04 32.41
CA ILE B 314 -3.37 -31.73 32.35
C ILE B 314 -2.01 -31.82 31.70
N GLU B 315 -1.78 -30.95 30.72
CA GLU B 315 -0.45 -30.79 30.16
C GLU B 315 0.04 -29.35 30.32
N MET B 316 1.18 -29.19 30.98
CA MET B 316 1.75 -27.84 31.17
C MET B 316 3.25 -27.78 30.87
N SER B 317 3.78 -26.56 30.80
CA SER B 317 5.20 -26.36 30.61
C SER B 317 5.66 -25.28 31.58
N THR B 318 6.81 -25.50 32.23
CA THR B 318 7.39 -24.49 33.11
C THR B 318 8.41 -23.62 32.36
N THR B 319 8.88 -24.09 31.19
CA THR B 319 9.93 -23.38 30.47
C THR B 319 9.45 -22.59 29.27
N GLY B 320 8.29 -22.98 28.73
CA GLY B 320 7.72 -22.32 27.56
C GLY B 320 6.24 -22.59 27.36
N TRP B 321 5.87 -22.86 26.11
CA TRP B 321 4.50 -23.14 25.72
C TRP B 321 4.33 -24.66 25.66
N VAL B 322 3.11 -25.12 25.37
CA VAL B 322 2.83 -26.56 25.28
C VAL B 322 2.88 -27.04 23.83
N GLY B 323 3.66 -28.09 23.58
CA GLY B 323 3.74 -28.68 22.24
C GLY B 323 4.65 -27.88 21.31
N ARG B 324 4.92 -28.42 20.13
CA ARG B 324 5.76 -27.67 19.19
C ARG B 324 5.10 -26.37 18.76
N PHE B 325 3.87 -26.46 18.30
CA PHE B 325 3.10 -25.27 17.95
C PHE B 325 1.75 -25.29 18.66
N ARG B 326 1.45 -26.41 19.31
CA ARG B 326 0.18 -26.63 20.02
C ARG B 326 0.24 -28.01 20.68
N PRO B 327 -0.63 -28.27 21.66
CA PRO B 327 -0.65 -29.60 22.25
C PRO B 327 -0.78 -30.66 21.18
N SER B 328 -0.05 -31.77 21.35
CA SER B 328 0.02 -32.83 20.37
C SER B 328 -1.24 -33.70 20.37
N GLU B 329 -1.33 -34.54 19.35
CA GLU B 329 -2.46 -35.36 19.04
C GLU B 329 -2.34 -36.69 19.81
N PRO B 330 -3.44 -37.10 20.49
CA PRO B 330 -3.42 -38.41 21.15
C PRO B 330 -3.69 -39.50 20.11
N HIS B 331 -3.14 -40.69 20.33
CA HIS B 331 -3.41 -41.81 19.44
C HIS B 331 -3.99 -42.94 20.27
N PHE B 332 -5.30 -43.11 20.15
CA PHE B 332 -6.04 -44.07 20.95
C PHE B 332 -5.90 -45.50 20.42
N THR B 333 -5.89 -46.45 21.36
CA THR B 333 -5.99 -47.88 21.05
C THR B 333 -7.39 -48.20 20.48
N LEU B 334 -7.54 -49.41 19.93
CA LEU B 334 -8.82 -49.92 19.43
C LEU B 334 -9.99 -49.71 20.41
N ASP B 335 -9.83 -50.12 21.67
CA ASP B 335 -10.93 -49.97 22.64
C ASP B 335 -11.05 -48.57 23.24
N GLY B 336 -10.16 -47.66 22.84
CA GLY B 336 -10.14 -46.31 23.36
C GLY B 336 -9.91 -46.16 24.85
N ASN B 337 -9.42 -47.23 25.50
CA ASN B 337 -9.13 -47.17 26.96
C ASN B 337 -7.76 -46.61 27.32
N SER B 338 -6.86 -46.52 26.35
CA SER B 338 -5.54 -45.91 26.58
C SER B 338 -5.07 -45.19 25.31
N PHE B 339 -4.01 -44.42 25.40
CA PHE B 339 -3.52 -43.67 24.24
C PHE B 339 -2.08 -43.22 24.36
N TYR B 340 -1.50 -42.93 23.20
CA TYR B 340 -0.11 -42.54 23.09
C TYR B 340 -0.02 -41.11 22.59
N LYS B 341 0.93 -40.36 23.11
CA LYS B 341 0.97 -38.93 22.87
C LYS B 341 2.40 -38.47 23.04
N ILE B 342 2.88 -37.65 22.09
CA ILE B 342 4.20 -37.08 22.20
C ILE B 342 4.17 -35.89 23.14
N ILE B 343 4.96 -35.97 24.21
CA ILE B 343 5.07 -34.86 25.17
C ILE B 343 6.51 -34.63 25.60
N SER B 344 6.78 -33.42 26.07
CA SER B 344 8.11 -33.08 26.52
C SER B 344 8.40 -33.83 27.80
N ASN B 345 9.48 -34.62 27.80
CA ASN B 345 9.86 -35.35 29.01
C ASN B 345 10.60 -34.45 30.03
N GLU B 346 11.06 -35.06 31.12
CA GLU B 346 11.69 -34.30 32.21
C GLU B 346 13.02 -33.69 31.81
N GLU B 347 13.67 -34.29 30.83
CA GLU B 347 14.90 -33.77 30.27
C GLU B 347 14.59 -32.77 29.15
N GLY B 348 13.30 -32.54 28.89
CA GLY B 348 12.89 -31.59 27.88
C GLY B 348 12.91 -32.10 26.44
N TYR B 349 12.98 -33.41 26.26
CA TYR B 349 12.95 -34.00 24.93
C TYR B 349 11.60 -34.64 24.64
N ARG B 350 11.14 -34.47 23.41
CA ARG B 350 9.81 -34.95 23.02
C ARG B 350 9.78 -36.44 22.71
N HIS B 351 9.04 -37.18 23.54
CA HIS B 351 8.96 -38.63 23.45
C HIS B 351 7.53 -39.12 23.62
N ILE B 352 7.30 -40.38 23.27
CA ILE B 352 5.96 -40.96 23.32
C ILE B 352 5.64 -41.40 24.75
N CYS B 353 4.53 -40.92 25.28
CA CYS B 353 4.06 -41.31 26.61
C CYS B 353 2.77 -42.13 26.45
N TYR B 354 2.61 -43.16 27.26
CA TYR B 354 1.43 -44.02 27.22
C TYR B 354 0.50 -43.68 28.38
N PHE B 355 -0.73 -43.26 28.06
CA PHE B 355 -1.74 -42.88 29.06
C PHE B 355 -2.88 -43.89 29.15
N GLN B 356 -3.34 -44.17 30.39
CA GLN B 356 -4.64 -44.80 30.60
C GLN B 356 -5.64 -43.66 30.75
N ILE B 357 -6.85 -43.82 30.23
CA ILE B 357 -7.82 -42.71 30.29
C ILE B 357 -8.25 -42.37 31.73
N ASP B 358 -8.15 -43.36 32.61
CA ASP B 358 -8.56 -43.28 34.03
C ASP B 358 -7.39 -43.00 35.00
N LYS B 359 -6.21 -42.69 34.49
CA LYS B 359 -5.03 -42.52 35.36
C LYS B 359 -4.26 -41.25 35.06
N LYS B 360 -3.65 -40.67 36.09
CA LYS B 360 -2.98 -39.38 35.94
C LYS B 360 -1.57 -39.50 35.37
N ASP B 361 -0.84 -40.53 35.79
CA ASP B 361 0.56 -40.66 35.37
C ASP B 361 0.66 -41.42 34.06
N CYS B 362 1.40 -40.85 33.11
CA CYS B 362 1.71 -41.56 31.89
C CYS B 362 3.10 -42.20 32.00
N THR B 363 3.34 -43.22 31.19
CA THR B 363 4.62 -43.91 31.12
C THR B 363 5.31 -43.64 29.76
N PHE B 364 6.52 -43.07 29.80
CA PHE B 364 7.31 -42.84 28.58
C PHE B 364 7.84 -44.13 28.02
N ILE B 365 7.57 -44.38 26.74
CA ILE B 365 7.97 -45.63 26.13
C ILE B 365 9.22 -45.48 25.26
N THR B 366 9.56 -44.23 24.95
CA THR B 366 10.84 -43.89 24.32
C THR B 366 11.53 -42.82 25.18
N LYS B 367 12.84 -42.69 25.00
CA LYS B 367 13.67 -41.77 25.76
C LYS B 367 15.03 -41.57 25.07
N GLY B 368 15.77 -40.54 25.46
CA GLY B 368 17.07 -40.24 24.85
C GLY B 368 17.19 -38.81 24.35
N THR B 369 18.41 -38.39 24.01
CA THR B 369 18.68 -37.03 23.58
C THR B 369 18.47 -36.92 22.08
N TRP B 370 17.20 -36.98 21.69
CA TRP B 370 16.71 -36.91 20.32
C TRP B 370 15.19 -36.87 20.49
N GLU B 371 14.45 -36.71 19.39
CA GLU B 371 13.00 -36.55 19.51
C GLU B 371 12.16 -37.35 18.55
N VAL B 372 11.01 -37.80 19.04
CA VAL B 372 9.99 -38.36 18.21
C VAL B 372 9.34 -37.18 17.47
N ILE B 373 9.24 -37.30 16.14
CA ILE B 373 8.61 -36.29 15.29
C ILE B 373 7.10 -36.50 15.25
N GLY B 374 6.67 -37.72 14.92
CA GLY B 374 5.25 -38.01 14.87
C GLY B 374 4.98 -39.48 15.10
N ILE B 375 3.78 -39.78 15.60
CA ILE B 375 3.25 -41.13 15.66
C ILE B 375 2.50 -41.39 14.36
N GLU B 376 2.85 -42.46 13.69
CA GLU B 376 2.42 -42.68 12.31
C GLU B 376 1.36 -43.76 12.16
N ALA B 377 1.48 -44.83 12.96
CA ALA B 377 0.48 -45.91 13.00
C ALA B 377 0.55 -46.68 14.31
N LEU B 378 -0.58 -47.29 14.66
CA LEU B 378 -0.71 -48.02 15.90
C LEU B 378 -1.50 -49.31 15.67
N THR B 379 -0.88 -50.43 16.02
CA THR B 379 -1.57 -51.74 16.08
C THR B 379 -1.48 -52.23 17.52
N SER B 380 -2.06 -53.40 17.80
CA SER B 380 -2.03 -53.97 19.16
C SER B 380 -0.65 -54.46 19.56
N ASP B 381 0.22 -54.69 18.59
CA ASP B 381 1.60 -55.13 18.88
C ASP B 381 2.65 -54.05 18.71
N TYR B 382 2.40 -53.07 17.85
CA TYR B 382 3.41 -52.06 17.49
C TYR B 382 2.90 -50.64 17.37
N LEU B 383 3.75 -49.71 17.78
CA LEU B 383 3.54 -48.33 17.45
C LEU B 383 4.66 -47.92 16.49
N TYR B 384 4.28 -47.30 15.39
CA TYR B 384 5.22 -46.88 14.36
C TYR B 384 5.39 -45.39 14.50
N TYR B 385 6.64 -44.93 14.51
CA TYR B 385 6.89 -43.50 14.62
C TYR B 385 8.10 -43.04 13.80
N ILE B 386 8.16 -41.73 13.56
CA ILE B 386 9.33 -41.13 12.93
C ILE B 386 10.12 -40.36 13.97
N SER B 387 11.44 -40.57 13.98
CA SER B 387 12.31 -39.80 14.86
C SER B 387 13.60 -39.37 14.17
N ASN B 388 14.33 -38.45 14.80
CA ASN B 388 15.66 -38.09 14.34
C ASN B 388 16.75 -38.76 15.20
N GLU B 389 16.44 -39.94 15.73
CA GLU B 389 17.41 -40.69 16.51
C GLU B 389 18.69 -41.08 15.75
N TYR B 390 18.54 -41.59 14.53
CA TYR B 390 19.65 -42.20 13.79
C TYR B 390 20.86 -41.29 13.69
N LYS B 391 22.01 -41.80 14.11
CA LYS B 391 23.31 -41.11 14.06
C LYS B 391 23.35 -39.77 14.81
N GLY B 392 22.40 -39.56 15.72
CA GLY B 392 22.31 -38.29 16.43
C GLY B 392 22.19 -37.08 15.52
N MET B 393 21.58 -37.26 14.34
CA MET B 393 21.39 -36.15 13.41
C MET B 393 19.97 -35.58 13.53
N PRO B 394 19.83 -34.40 14.17
CA PRO B 394 18.50 -33.80 14.36
C PRO B 394 17.78 -33.49 13.04
N GLY B 395 18.56 -33.32 11.97
CA GLY B 395 18.02 -33.05 10.64
C GLY B 395 17.75 -34.25 9.74
N GLY B 396 17.86 -35.46 10.29
CA GLY B 396 17.48 -36.68 9.55
C GLY B 396 16.19 -37.26 10.12
N ARG B 397 15.50 -38.11 9.37
CA ARG B 397 14.19 -38.64 9.83
C ARG B 397 14.10 -40.08 9.40
N ASN B 398 13.79 -40.96 10.34
CA ASN B 398 13.59 -42.35 10.02
C ASN B 398 12.35 -42.93 10.66
N LEU B 399 11.86 -44.02 10.07
CA LEU B 399 10.72 -44.77 10.57
C LEU B 399 11.19 -45.90 11.50
N TYR B 400 10.58 -45.94 12.69
CA TYR B 400 10.84 -46.95 13.71
C TYR B 400 9.56 -47.63 14.12
N LYS B 401 9.68 -48.83 14.66
CA LYS B 401 8.56 -49.45 15.35
C LYS B 401 9.00 -49.91 16.73
N ILE B 402 8.10 -49.80 17.70
CA ILE B 402 8.40 -50.19 19.06
C ILE B 402 7.40 -51.26 19.50
N GLN B 403 7.90 -52.33 20.11
CA GLN B 403 7.07 -53.46 20.54
C GLN B 403 6.31 -53.01 21.75
N LEU B 404 4.99 -53.06 21.68
CA LEU B 404 4.18 -52.58 22.81
C LEU B 404 4.29 -53.41 24.11
N SER B 405 4.59 -54.70 23.99
CA SER B 405 4.77 -55.57 25.16
C SER B 405 6.20 -55.55 25.74
N ASP B 406 7.15 -54.98 25.00
CA ASP B 406 8.54 -54.85 25.48
C ASP B 406 9.19 -53.64 24.82
N TYR B 407 9.36 -52.56 25.58
CA TYR B 407 9.84 -51.28 25.04
C TYR B 407 11.33 -51.26 24.74
N THR B 408 12.05 -52.32 25.14
CA THR B 408 13.48 -52.42 24.82
C THR B 408 13.67 -52.80 23.35
N LYS B 409 12.62 -53.38 22.75
CA LYS B 409 12.65 -53.84 21.36
C LYS B 409 12.19 -52.76 20.37
N VAL B 410 13.15 -51.94 19.91
CA VAL B 410 12.89 -50.89 18.95
C VAL B 410 13.64 -51.23 17.66
N THR B 411 12.93 -51.26 16.53
CA THR B 411 13.53 -51.58 15.24
C THR B 411 13.41 -50.39 14.31
N CYS B 412 14.54 -49.96 13.74
CA CYS B 412 14.52 -48.95 12.66
C CYS B 412 14.19 -49.63 11.33
N LEU B 413 13.17 -49.12 10.65
CA LEU B 413 12.68 -49.74 9.43
C LEU B 413 13.21 -49.06 8.16
N SER B 414 13.89 -47.92 8.31
CA SER B 414 14.31 -47.16 7.15
C SER B 414 15.79 -46.83 7.16
N CYS B 415 16.40 -46.86 8.35
CA CYS B 415 17.78 -46.41 8.53
C CYS B 415 18.76 -47.00 7.54
N GLU B 416 18.65 -48.30 7.30
CA GLU B 416 19.65 -49.03 6.52
C GLU B 416 19.23 -49.38 5.09
N LEU B 417 18.05 -48.93 4.68
CA LEU B 417 17.59 -49.23 3.32
C LEU B 417 18.58 -48.72 2.26
N ASN B 418 19.01 -47.47 2.42
CA ASN B 418 20.02 -46.86 1.55
C ASN B 418 20.57 -45.64 2.26
N PRO B 419 21.50 -45.85 3.21
CA PRO B 419 21.97 -44.76 4.07
C PRO B 419 22.67 -43.59 3.35
N GLU B 420 23.29 -43.85 2.21
CA GLU B 420 23.98 -42.79 1.48
C GLU B 420 22.98 -41.85 0.81
N ARG B 421 21.92 -42.42 0.23
CA ARG B 421 20.93 -41.64 -0.47
C ARG B 421 19.79 -41.12 0.42
N CYS B 422 19.46 -41.89 1.46
CA CYS B 422 18.21 -41.70 2.18
C CYS B 422 18.37 -41.60 3.68
N GLN B 423 18.20 -40.38 4.20
CA GLN B 423 18.32 -40.09 5.62
C GLN B 423 17.14 -39.28 6.11
N TYR B 424 16.16 -39.03 5.25
CA TYR B 424 14.99 -38.23 5.63
C TYR B 424 13.74 -38.89 5.04
N TYR B 425 12.95 -39.50 5.89
CA TYR B 425 11.77 -40.22 5.45
C TYR B 425 10.50 -39.62 6.02
N SER B 426 9.43 -39.75 5.25
CA SER B 426 8.07 -39.71 5.78
C SER B 426 7.42 -41.02 5.35
N VAL B 427 6.23 -41.30 5.88
CA VAL B 427 5.61 -42.61 5.65
C VAL B 427 4.10 -42.48 5.47
N SER B 428 3.50 -43.44 4.78
CA SER B 428 2.04 -43.51 4.66
C SER B 428 1.51 -44.95 4.83
N PHE B 429 0.82 -45.20 5.94
CA PHE B 429 0.34 -46.55 6.26
C PHE B 429 -1.06 -46.81 5.67
N SER B 430 -1.30 -48.04 5.23
CA SER B 430 -2.67 -48.47 4.84
C SER B 430 -3.60 -48.53 6.05
N LYS B 431 -4.90 -48.72 5.80
CA LYS B 431 -5.95 -48.59 6.83
C LYS B 431 -5.66 -49.26 8.18
N GLU B 432 -5.14 -50.49 8.16
CA GLU B 432 -4.79 -51.16 9.43
C GLU B 432 -3.32 -51.47 9.57
N ALA B 433 -2.51 -50.69 8.85
CA ALA B 433 -1.06 -50.77 8.89
C ALA B 433 -0.50 -52.08 8.37
N LYS B 434 -1.23 -52.73 7.47
CA LYS B 434 -0.72 -53.94 6.81
C LYS B 434 0.42 -53.57 5.83
N TYR B 435 0.29 -52.41 5.19
CA TYR B 435 1.32 -51.90 4.30
C TYR B 435 1.73 -50.49 4.66
N TYR B 436 2.92 -50.10 4.23
CA TYR B 436 3.35 -48.71 4.31
C TYR B 436 4.17 -48.28 3.11
N GLN B 437 3.97 -47.02 2.71
CA GLN B 437 4.80 -46.39 1.69
C GLN B 437 5.85 -45.52 2.37
N LEU B 438 7.11 -45.70 1.97
CA LEU B 438 8.17 -44.82 2.43
C LEU B 438 8.49 -43.79 1.35
N ARG B 439 8.58 -42.54 1.77
CA ARG B 439 9.00 -41.45 0.90
C ARG B 439 10.31 -40.91 1.46
N CYS B 440 11.40 -41.32 0.83
CA CYS B 440 12.72 -40.77 1.12
C CYS B 440 12.83 -39.45 0.35
N SER B 441 13.26 -38.38 1.02
CA SER B 441 13.41 -37.13 0.29
C SER B 441 14.81 -36.52 0.31
N GLY B 442 15.80 -37.27 0.82
CA GLY B 442 17.19 -36.85 0.74
C GLY B 442 18.15 -37.63 1.62
N PRO B 443 19.46 -37.39 1.47
CA PRO B 443 20.11 -36.31 0.68
C PRO B 443 20.18 -36.51 -0.85
N GLY B 444 19.96 -37.74 -1.31
CA GLY B 444 19.88 -38.01 -2.74
C GLY B 444 18.48 -37.75 -3.26
N LEU B 445 18.23 -38.10 -4.52
CA LEU B 445 16.92 -37.91 -5.15
C LEU B 445 15.84 -38.76 -4.49
N PRO B 446 14.61 -38.20 -4.40
CA PRO B 446 13.53 -38.89 -3.71
C PRO B 446 13.27 -40.28 -4.24
N LEU B 447 12.87 -41.15 -3.32
CA LEU B 447 12.67 -42.55 -3.59
C LEU B 447 11.45 -43.02 -2.83
N TYR B 448 10.49 -43.57 -3.57
CA TYR B 448 9.23 -44.03 -3.02
C TYR B 448 9.20 -45.53 -3.14
N THR B 449 8.94 -46.18 -2.01
CA THR B 449 8.96 -47.64 -1.94
C THR B 449 7.74 -48.13 -1.19
N LEU B 450 7.32 -49.37 -1.48
CA LEU B 450 6.20 -49.98 -0.79
C LEU B 450 6.68 -51.17 0.02
N HIS B 451 6.17 -51.29 1.23
CA HIS B 451 6.56 -52.31 2.19
C HIS B 451 5.34 -52.95 2.85
N SER B 452 5.49 -54.19 3.34
CA SER B 452 4.43 -54.83 4.12
C SER B 452 4.89 -55.03 5.55
N SER B 453 3.98 -54.77 6.49
CA SER B 453 4.33 -54.74 7.90
C SER B 453 4.62 -56.09 8.56
N VAL B 454 4.02 -57.18 8.07
CA VAL B 454 4.17 -58.48 8.77
C VAL B 454 5.65 -58.89 8.99
N ASN B 455 6.47 -58.82 7.95
CA ASN B 455 7.92 -59.02 8.11
C ASN B 455 8.81 -57.89 7.54
N ASP B 456 8.22 -56.71 7.35
CA ASP B 456 8.92 -55.54 6.82
C ASP B 456 9.65 -55.81 5.49
N LYS B 457 8.95 -56.51 4.61
CA LYS B 457 9.45 -56.77 3.27
C LYS B 457 9.39 -55.48 2.48
N GLY B 458 10.43 -55.23 1.71
CA GLY B 458 10.44 -54.20 0.70
C GLY B 458 9.83 -54.82 -0.53
N LEU B 459 8.59 -54.47 -0.83
CA LEU B 459 7.88 -55.10 -1.92
C LEU B 459 8.38 -54.61 -3.27
N ARG B 460 8.32 -53.30 -3.49
CA ARG B 460 8.71 -52.75 -4.78
C ARG B 460 9.00 -51.25 -4.74
N VAL B 461 9.76 -50.81 -5.74
CA VAL B 461 10.06 -49.41 -5.94
C VAL B 461 8.95 -48.79 -6.75
N LEU B 462 8.33 -47.74 -6.21
CA LEU B 462 7.23 -47.04 -6.91
C LEU B 462 7.76 -45.96 -7.83
N GLU B 463 8.83 -45.30 -7.41
CA GLU B 463 9.37 -44.16 -8.16
C GLU B 463 10.76 -43.86 -7.62
N ASP B 464 11.77 -43.93 -8.49
CA ASP B 464 13.15 -43.78 -8.06
C ASP B 464 13.80 -42.54 -8.68
N ASN B 465 13.02 -41.76 -9.43
CA ASN B 465 13.52 -40.54 -10.07
C ASN B 465 14.74 -40.80 -10.99
N SER B 466 14.75 -41.96 -11.61
CA SER B 466 15.76 -42.35 -12.60
C SER B 466 15.98 -41.35 -13.74
N ALA B 467 14.88 -40.93 -14.37
CA ALA B 467 14.93 -39.98 -15.47
C ALA B 467 15.70 -38.73 -15.04
N LEU B 468 15.30 -38.14 -13.92
CA LEU B 468 15.90 -36.93 -13.38
C LEU B 468 17.38 -37.11 -13.08
N ASP B 469 17.74 -38.24 -12.46
CA ASP B 469 19.13 -38.53 -12.18
C ASP B 469 20.00 -38.40 -13.43
N LYS B 470 19.56 -39.02 -14.52
CA LYS B 470 20.27 -39.01 -15.78
C LYS B 470 20.37 -37.61 -16.36
N MET B 471 19.32 -36.81 -16.24
CA MET B 471 19.37 -35.41 -16.68
C MET B 471 20.29 -34.52 -15.86
N LEU B 472 20.24 -34.68 -14.55
CA LEU B 472 21.09 -33.93 -13.63
C LEU B 472 22.59 -34.26 -13.77
N GLN B 473 22.89 -35.44 -14.30
CA GLN B 473 24.27 -35.84 -14.58
C GLN B 473 24.94 -34.90 -15.59
N ASN B 474 24.15 -34.35 -16.50
CA ASN B 474 24.61 -33.40 -17.50
C ASN B 474 24.63 -31.94 -17.04
N VAL B 475 24.53 -31.72 -15.73
CA VAL B 475 24.48 -30.36 -15.14
C VAL B 475 25.52 -30.24 -14.03
N GLN B 476 26.13 -29.08 -13.90
CA GLN B 476 27.07 -28.85 -12.80
C GLN B 476 26.32 -28.54 -11.50
N MET B 477 25.84 -29.60 -10.85
CA MET B 477 25.04 -29.45 -9.64
C MET B 477 25.90 -29.18 -8.42
N PRO B 478 25.41 -28.32 -7.49
CA PRO B 478 26.08 -28.04 -6.23
C PRO B 478 25.96 -29.23 -5.29
N SER B 479 26.76 -29.22 -4.25
CA SER B 479 26.68 -30.23 -3.20
C SER B 479 26.16 -29.56 -1.94
N LYS B 480 25.77 -30.40 -0.98
CA LYS B 480 25.33 -29.96 0.32
C LYS B 480 26.19 -30.60 1.39
N LYS B 481 26.74 -29.74 2.25
CA LYS B 481 27.44 -30.14 3.45
C LYS B 481 26.50 -29.88 4.62
N LEU B 482 26.33 -30.90 5.47
CA LEU B 482 25.60 -30.75 6.72
C LEU B 482 26.58 -31.04 7.83
N ASP B 483 26.71 -30.11 8.77
CA ASP B 483 27.70 -30.23 9.83
C ASP B 483 27.25 -29.44 11.07
N PHE B 484 28.12 -29.29 12.06
CA PHE B 484 27.79 -28.52 13.25
C PHE B 484 28.92 -27.63 13.72
N ILE B 485 28.58 -26.60 14.48
CA ILE B 485 29.53 -25.81 15.23
C ILE B 485 29.12 -25.86 16.70
N ILE B 486 30.05 -25.53 17.58
CA ILE B 486 29.80 -25.58 19.03
C ILE B 486 29.71 -24.18 19.62
N LEU B 487 28.73 -23.98 20.50
CA LEU B 487 28.55 -22.73 21.25
C LEU B 487 28.19 -23.09 22.68
N ASN B 488 29.07 -22.74 23.62
CA ASN B 488 28.91 -23.12 25.02
C ASN B 488 28.58 -24.61 25.13
N GLU B 489 29.46 -25.45 24.61
CA GLU B 489 29.34 -26.92 24.72
C GLU B 489 28.06 -27.51 24.16
N THR B 490 27.36 -26.75 23.32
CA THR B 490 26.19 -27.26 22.60
C THR B 490 26.46 -27.29 21.10
N LYS B 491 26.13 -28.42 20.47
CA LYS B 491 26.11 -28.54 19.02
C LYS B 491 24.95 -27.74 18.43
N PHE B 492 25.25 -26.89 17.45
CA PHE B 492 24.22 -26.30 16.58
C PHE B 492 24.56 -26.61 15.13
N TRP B 493 23.57 -27.08 14.39
CA TRP B 493 23.81 -27.59 13.05
C TRP B 493 23.68 -26.51 11.99
N TYR B 494 24.42 -26.67 10.90
CA TYR B 494 24.28 -25.80 9.76
C TYR B 494 24.41 -26.61 8.49
N GLN B 495 23.95 -26.03 7.39
CA GLN B 495 24.16 -26.64 6.11
C GLN B 495 24.77 -25.62 5.20
N MET B 496 25.54 -26.09 4.22
CA MET B 496 26.07 -25.21 3.19
C MET B 496 25.77 -25.82 1.85
N ILE B 497 25.13 -25.03 0.98
CA ILE B 497 24.99 -25.41 -0.41
C ILE B 497 26.24 -24.86 -1.08
N LEU B 498 27.07 -25.78 -1.58
CA LEU B 498 28.40 -25.47 -2.08
C LEU B 498 28.44 -25.53 -3.58
N PRO B 499 29.10 -24.54 -4.22
CA PRO B 499 29.26 -24.53 -5.69
C PRO B 499 29.91 -25.82 -6.24
N PRO B 500 29.58 -26.20 -7.48
CA PRO B 500 30.28 -27.32 -8.12
C PRO B 500 31.79 -27.06 -8.15
N HIS B 501 32.59 -28.13 -8.09
CA HIS B 501 34.07 -28.02 -8.08
C HIS B 501 34.56 -27.12 -6.95
N PHE B 502 33.86 -27.18 -5.81
CA PHE B 502 34.21 -26.38 -4.63
C PHE B 502 35.69 -26.54 -4.31
N ASP B 503 36.35 -25.40 -4.12
CA ASP B 503 37.78 -25.36 -3.85
C ASP B 503 38.05 -24.64 -2.54
N LYS B 504 38.45 -25.39 -1.52
CA LYS B 504 38.63 -24.88 -0.16
C LYS B 504 39.72 -23.83 -0.05
N SER B 505 40.51 -23.67 -1.11
CA SER B 505 41.55 -22.67 -1.17
C SER B 505 41.11 -21.39 -1.90
N LYS B 506 39.95 -21.42 -2.55
CA LYS B 506 39.37 -20.19 -3.11
C LYS B 506 38.44 -19.55 -2.09
N LYS B 507 38.20 -18.24 -2.23
CA LYS B 507 37.26 -17.54 -1.37
C LYS B 507 35.93 -17.28 -2.08
N TYR B 508 34.83 -17.73 -1.47
CA TYR B 508 33.49 -17.55 -2.05
C TYR B 508 32.67 -16.53 -1.27
N PRO B 509 31.85 -15.74 -1.98
CA PRO B 509 30.83 -14.98 -1.26
C PRO B 509 29.84 -15.97 -0.60
N LEU B 510 29.22 -15.54 0.48
CA LEU B 510 28.32 -16.40 1.23
C LEU B 510 26.99 -15.70 1.50
N LEU B 511 25.90 -16.38 1.17
CA LEU B 511 24.55 -15.92 1.46
C LEU B 511 23.96 -16.75 2.61
N LEU B 512 23.64 -16.07 3.70
CA LEU B 512 22.99 -16.73 4.83
C LEU B 512 21.46 -16.74 4.59
N ASP B 513 20.91 -17.93 4.39
CA ASP B 513 19.49 -18.14 4.16
C ASP B 513 18.87 -18.43 5.53
N VAL B 514 18.03 -17.52 6.01
CA VAL B 514 17.51 -17.57 7.37
C VAL B 514 15.99 -17.82 7.44
N TYR B 515 15.56 -18.66 8.36
CA TYR B 515 14.19 -18.60 8.85
C TYR B 515 14.21 -18.32 10.35
N ALA B 516 14.61 -19.33 11.12
CA ALA B 516 14.93 -19.20 12.54
C ALA B 516 13.74 -18.92 13.46
N GLY B 517 12.53 -19.14 12.97
CA GLY B 517 11.35 -19.10 13.83
C GLY B 517 11.48 -20.17 14.90
N PRO B 518 10.70 -20.06 15.98
CA PRO B 518 10.71 -21.08 17.04
C PRO B 518 10.26 -22.44 16.53
N CYS B 519 11.02 -23.48 16.89
CA CYS B 519 10.84 -24.85 16.38
C CYS B 519 11.17 -25.01 14.89
N SER B 520 11.91 -24.06 14.33
CA SER B 520 12.26 -24.14 12.92
C SER B 520 13.46 -25.06 12.71
N GLN B 521 13.58 -25.59 11.48
CA GLN B 521 14.75 -26.37 11.13
C GLN B 521 15.16 -26.04 9.70
N LYS B 522 16.34 -25.43 9.56
CA LYS B 522 16.83 -25.03 8.25
C LYS B 522 18.07 -25.80 7.80
N ALA B 523 18.59 -26.64 8.69
CA ALA B 523 19.69 -27.54 8.40
C ALA B 523 19.17 -28.95 8.45
N ASP B 524 18.99 -29.56 7.28
CA ASP B 524 18.48 -30.93 7.23
C ASP B 524 19.09 -31.72 6.07
N THR B 525 18.64 -32.95 5.88
CA THR B 525 19.15 -33.80 4.83
C THR B 525 18.21 -33.86 3.62
N VAL B 526 17.32 -32.87 3.48
CA VAL B 526 16.37 -32.87 2.38
C VAL B 526 17.02 -32.37 1.07
N PHE B 527 16.76 -33.07 -0.03
CA PHE B 527 17.19 -32.64 -1.37
C PHE B 527 16.22 -31.59 -1.92
N ARG B 528 16.75 -30.47 -2.41
CA ARG B 528 15.92 -29.37 -2.90
C ARG B 528 16.52 -28.76 -4.17
N LEU B 529 15.65 -28.42 -5.10
CA LEU B 529 16.01 -27.61 -6.25
C LEU B 529 15.31 -26.27 -6.09
N ASN B 530 16.08 -25.25 -5.75
CA ASN B 530 15.51 -23.95 -5.49
C ASN B 530 16.47 -22.84 -5.87
N TRP B 531 16.16 -21.63 -5.41
CA TRP B 531 16.97 -20.45 -5.66
C TRP B 531 18.43 -20.64 -5.24
N ALA B 532 18.63 -21.22 -4.06
CA ALA B 532 19.98 -21.54 -3.57
C ALA B 532 20.74 -22.45 -4.54
N THR B 533 20.05 -23.40 -5.19
CA THR B 533 20.70 -24.28 -6.16
C THR B 533 21.32 -23.46 -7.30
N TYR B 534 20.58 -22.48 -7.80
CA TYR B 534 21.05 -21.62 -8.87
C TYR B 534 22.18 -20.72 -8.38
N LEU B 535 22.00 -20.13 -7.21
CA LEU B 535 23.03 -19.28 -6.64
C LEU B 535 24.36 -20.01 -6.51
N ALA B 536 24.33 -21.27 -6.07
CA ALA B 536 25.57 -22.02 -5.91
C ALA B 536 26.12 -22.48 -7.26
N SER B 537 25.26 -23.02 -8.10
CA SER B 537 25.70 -23.64 -9.33
C SER B 537 26.19 -22.64 -10.39
N THR B 538 25.44 -21.55 -10.59
CA THR B 538 25.73 -20.56 -11.63
C THR B 538 26.56 -19.38 -11.14
N GLU B 539 26.26 -18.87 -9.94
CA GLU B 539 26.92 -17.67 -9.41
C GLU B 539 28.08 -17.96 -8.46
N ASN B 540 28.29 -19.24 -8.16
CA ASN B 540 29.36 -19.66 -7.25
C ASN B 540 29.30 -19.01 -5.87
N ILE B 541 28.07 -18.90 -5.35
CA ILE B 541 27.80 -18.42 -4.01
C ILE B 541 27.53 -19.58 -3.08
N ILE B 542 28.12 -19.55 -1.90
CA ILE B 542 27.76 -20.51 -0.86
C ILE B 542 26.51 -20.03 -0.16
N VAL B 543 25.51 -20.90 -0.09
CA VAL B 543 24.27 -20.59 0.63
C VAL B 543 24.22 -21.41 1.91
N ALA B 544 24.34 -20.74 3.06
CA ALA B 544 24.41 -21.40 4.35
C ALA B 544 23.10 -21.19 5.09
N SER B 545 22.78 -22.11 5.99
CA SER B 545 21.66 -21.92 6.90
C SER B 545 22.05 -22.54 8.22
N PHE B 546 21.57 -21.94 9.30
CA PHE B 546 22.03 -22.30 10.63
C PHE B 546 20.82 -22.40 11.53
N ASP B 547 20.82 -23.42 12.39
CA ASP B 547 19.78 -23.62 13.39
C ASP B 547 20.34 -23.36 14.79
N GLY B 548 20.02 -22.18 15.31
CA GLY B 548 20.53 -21.74 16.61
C GLY B 548 19.49 -21.85 17.69
N ARG B 549 19.64 -21.05 18.74
CA ARG B 549 18.67 -21.09 19.82
C ARG B 549 17.29 -20.78 19.30
N GLY B 550 16.30 -21.49 19.85
CA GLY B 550 14.94 -21.40 19.33
C GLY B 550 14.57 -22.47 18.31
N SER B 551 15.56 -23.11 17.68
CA SER B 551 15.27 -24.13 16.66
C SER B 551 14.67 -25.40 17.28
N GLY B 552 14.05 -26.23 16.45
CA GLY B 552 13.29 -27.36 16.95
C GLY B 552 14.01 -28.69 16.86
N TYR B 553 13.38 -29.71 17.46
CA TYR B 553 13.79 -31.12 17.30
C TYR B 553 15.07 -31.51 18.05
N GLN B 554 15.48 -30.63 18.98
CA GLN B 554 16.69 -30.82 19.78
C GLN B 554 16.44 -30.67 21.28
N GLY B 555 15.19 -30.71 21.70
CA GLY B 555 14.85 -30.53 23.11
C GLY B 555 14.48 -29.09 23.41
N ASP B 556 13.74 -28.91 24.51
CA ASP B 556 13.25 -27.61 24.99
C ASP B 556 14.34 -26.65 25.48
N LYS B 557 15.47 -27.17 25.94
CA LYS B 557 16.56 -26.30 26.39
C LYS B 557 16.96 -25.36 25.25
N ILE B 558 17.08 -25.91 24.04
CA ILE B 558 17.32 -25.11 22.85
C ILE B 558 16.05 -24.41 22.37
N MET B 559 14.94 -25.15 22.26
CA MET B 559 13.72 -24.60 21.66
C MET B 559 13.14 -23.44 22.49
N HIS B 560 13.11 -23.60 23.81
CA HIS B 560 12.52 -22.59 24.73
C HIS B 560 13.51 -21.47 25.12
N ALA B 561 14.71 -21.51 24.56
CA ALA B 561 15.69 -20.48 24.85
C ALA B 561 15.15 -19.09 24.52
N ILE B 562 14.30 -19.00 23.50
CA ILE B 562 13.73 -17.70 23.10
C ILE B 562 12.35 -17.40 23.72
N ASN B 563 11.94 -18.18 24.71
CA ASN B 563 10.68 -17.93 25.39
C ASN B 563 10.59 -16.49 25.94
N ARG B 564 9.50 -15.81 25.61
CA ARG B 564 9.23 -14.43 26.03
C ARG B 564 10.25 -13.44 25.47
N ARG B 565 11.08 -13.91 24.54
CA ARG B 565 12.27 -13.18 24.12
C ARG B 565 12.57 -13.27 22.61
N LEU B 566 11.53 -13.20 21.79
CA LEU B 566 11.70 -13.20 20.33
C LEU B 566 12.57 -12.02 19.89
N GLY B 567 13.33 -12.22 18.80
CA GLY B 567 14.28 -11.21 18.35
C GLY B 567 15.51 -11.04 19.23
N THR B 568 15.91 -12.10 19.95
CA THR B 568 17.15 -12.02 20.74
C THR B 568 18.15 -13.11 20.34
N PHE B 569 18.09 -14.26 21.03
CA PHE B 569 19.09 -15.30 20.84
C PHE B 569 19.11 -15.87 19.43
N GLU B 570 17.93 -16.00 18.81
CA GLU B 570 17.86 -16.52 17.44
C GLU B 570 18.54 -15.58 16.44
N VAL B 571 18.50 -14.27 16.72
CA VAL B 571 19.13 -13.24 15.87
C VAL B 571 20.65 -13.21 16.09
N GLU B 572 21.04 -13.09 17.36
CA GLU B 572 22.41 -13.25 17.85
C GLU B 572 23.10 -14.51 17.35
N ASP B 573 22.39 -15.64 17.31
CA ASP B 573 23.03 -16.88 16.84
C ASP B 573 23.29 -16.93 15.33
N GLN B 574 22.46 -16.25 14.55
CA GLN B 574 22.70 -16.12 13.11
C GLN B 574 23.97 -15.30 12.87
N ILE B 575 24.10 -14.19 13.60
CA ILE B 575 25.27 -13.34 13.48
C ILE B 575 26.50 -14.14 13.89
N GLU B 576 26.40 -14.87 14.99
CA GLU B 576 27.51 -15.68 15.48
C GLU B 576 27.93 -16.80 14.50
N ALA B 577 26.95 -17.48 13.89
CA ALA B 577 27.25 -18.48 12.87
C ALA B 577 28.00 -17.88 11.69
N ALA B 578 27.55 -16.71 11.24
CA ALA B 578 28.15 -16.01 10.10
C ALA B 578 29.55 -15.53 10.43
N ARG B 579 29.71 -15.05 11.66
CA ARG B 579 31.02 -14.66 12.18
C ARG B 579 31.97 -15.86 12.04
N GLN B 580 31.51 -17.04 12.45
CA GLN B 580 32.34 -18.24 12.38
C GLN B 580 32.59 -18.70 10.94
N PHE B 581 31.57 -18.59 10.08
CA PHE B 581 31.73 -18.91 8.66
C PHE B 581 32.74 -17.97 7.99
N SER B 582 32.71 -16.70 8.38
CA SER B 582 33.61 -15.68 7.82
C SER B 582 35.09 -15.94 8.12
N LYS B 583 35.36 -16.73 9.16
CA LYS B 583 36.73 -17.05 9.54
C LYS B 583 37.24 -18.32 8.89
N MET B 584 36.34 -19.08 8.29
CA MET B 584 36.75 -20.22 7.47
C MET B 584 37.52 -19.69 6.26
N GLY B 585 38.50 -20.47 5.81
CA GLY B 585 39.38 -20.07 4.72
C GLY B 585 38.70 -19.81 3.40
N PHE B 586 37.60 -20.51 3.14
CA PHE B 586 36.93 -20.45 1.83
C PHE B 586 35.78 -19.44 1.71
N VAL B 587 35.62 -18.60 2.72
CA VAL B 587 34.57 -17.59 2.76
C VAL B 587 35.18 -16.20 2.65
N ASP B 588 34.71 -15.43 1.68
CA ASP B 588 35.13 -14.05 1.53
C ASP B 588 34.37 -13.16 2.51
N ASN B 589 35.03 -12.77 3.61
CA ASN B 589 34.39 -11.96 4.64
C ASN B 589 33.98 -10.53 4.21
N LYS B 590 34.39 -10.10 3.02
CA LYS B 590 33.94 -8.83 2.44
C LYS B 590 32.58 -9.00 1.76
N ARG B 591 32.17 -10.25 1.56
CA ARG B 591 30.96 -10.59 0.81
C ARG B 591 30.08 -11.62 1.50
N ILE B 592 29.47 -11.22 2.60
CA ILE B 592 28.51 -12.05 3.30
C ILE B 592 27.18 -11.32 3.32
N ALA B 593 26.16 -12.00 2.81
CA ALA B 593 24.82 -11.47 2.73
C ALA B 593 23.85 -12.31 3.56
N ILE B 594 22.65 -11.78 3.77
CA ILE B 594 21.63 -12.48 4.55
C ILE B 594 20.28 -12.22 3.92
N TRP B 595 19.43 -13.24 3.90
CA TRP B 595 18.04 -13.09 3.44
C TRP B 595 17.11 -14.10 4.09
N GLY B 596 15.84 -13.73 4.08
CA GLY B 596 14.82 -14.50 4.72
C GLY B 596 13.46 -13.96 4.30
N TRP B 597 12.46 -14.84 4.46
CA TRP B 597 11.09 -14.57 4.11
C TRP B 597 10.30 -14.76 5.39
N SER B 598 9.33 -13.90 5.65
CA SER B 598 8.40 -14.14 6.76
C SER B 598 9.17 -13.99 8.08
N TYR B 599 9.11 -14.99 8.96
CA TYR B 599 9.90 -14.88 10.20
C TYR B 599 11.37 -14.58 9.81
N GLY B 600 11.88 -15.24 8.79
CA GLY B 600 13.26 -15.00 8.37
C GLY B 600 13.54 -13.61 7.83
N GLY B 601 12.49 -12.90 7.40
CA GLY B 601 12.61 -11.52 6.99
C GLY B 601 12.76 -10.64 8.20
N TYR B 602 12.01 -10.96 9.25
CA TYR B 602 12.21 -10.35 10.56
C TYR B 602 13.66 -10.54 11.04
N VAL B 603 14.14 -11.77 11.11
CA VAL B 603 15.50 -12.02 11.62
C VAL B 603 16.56 -11.31 10.79
N THR B 604 16.45 -11.43 9.46
CA THR B 604 17.31 -10.72 8.54
C THR B 604 17.35 -9.21 8.85
N SER B 605 16.16 -8.62 9.02
CA SER B 605 16.05 -7.20 9.33
C SER B 605 16.71 -6.86 10.68
N MET B 606 16.48 -7.71 11.68
CA MET B 606 17.08 -7.52 13.00
C MET B 606 18.60 -7.66 12.94
N VAL B 607 19.07 -8.60 12.13
CA VAL B 607 20.50 -8.79 11.94
C VAL B 607 21.14 -7.57 11.28
N LEU B 608 20.48 -7.03 10.27
CA LEU B 608 21.02 -5.92 9.51
C LEU B 608 21.02 -4.64 10.35
N GLY B 609 20.11 -4.56 11.32
CA GLY B 609 20.03 -3.42 12.21
C GLY B 609 20.77 -3.64 13.51
N SER B 610 21.57 -4.71 13.59
CA SER B 610 22.24 -5.08 14.82
C SER B 610 23.53 -4.29 15.05
N GLY B 611 24.13 -3.78 13.98
CA GLY B 611 25.39 -3.05 14.05
C GLY B 611 26.63 -3.96 14.06
N SER B 612 26.45 -5.23 13.68
CA SER B 612 27.50 -6.24 13.80
C SER B 612 28.65 -6.03 12.83
N GLY B 613 28.37 -5.40 11.69
CA GLY B 613 29.40 -5.20 10.64
C GLY B 613 29.74 -6.43 9.82
N VAL B 614 29.14 -7.58 10.15
CA VAL B 614 29.45 -8.83 9.42
C VAL B 614 28.82 -8.86 8.02
N PHE B 615 27.65 -8.24 7.88
CA PHE B 615 26.90 -8.36 6.63
C PHE B 615 26.99 -7.11 5.77
N LYS B 616 27.35 -7.32 4.51
CA LYS B 616 27.39 -6.24 3.54
C LYS B 616 25.99 -5.81 3.07
N CYS B 617 25.09 -6.78 2.98
CA CYS B 617 23.77 -6.53 2.40
C CYS B 617 22.79 -7.63 2.81
N GLY B 618 21.50 -7.38 2.57
CA GLY B 618 20.49 -8.38 2.82
C GLY B 618 19.11 -8.04 2.32
N ILE B 619 18.28 -9.08 2.24
CA ILE B 619 16.93 -8.97 1.66
C ILE B 619 15.91 -9.54 2.63
N ALA B 620 14.89 -8.75 2.92
CA ALA B 620 13.77 -9.16 3.77
C ALA B 620 12.49 -9.23 2.94
N VAL B 621 11.83 -10.39 2.93
CA VAL B 621 10.58 -10.55 2.17
C VAL B 621 9.46 -10.79 3.16
N ALA B 622 8.43 -9.94 3.10
CA ALA B 622 7.27 -9.97 4.02
C ALA B 622 7.64 -10.16 5.50
N PRO B 623 8.54 -9.30 6.01
CA PRO B 623 8.97 -9.53 7.38
C PRO B 623 7.95 -9.06 8.38
N VAL B 624 7.96 -9.68 9.56
CA VAL B 624 7.38 -9.09 10.74
C VAL B 624 8.34 -7.98 11.15
N SER B 625 7.81 -6.87 11.65
CA SER B 625 8.67 -5.75 12.10
C SER B 625 8.43 -5.37 13.55
N ARG B 626 7.26 -5.72 14.07
CA ARG B 626 6.87 -5.36 15.42
C ARG B 626 5.85 -6.41 15.86
N TRP B 627 6.09 -7.06 17.00
CA TRP B 627 5.23 -8.19 17.40
C TRP B 627 3.74 -7.88 17.65
N GLU B 628 3.44 -6.65 18.03
CA GLU B 628 2.05 -6.23 18.22
C GLU B 628 1.27 -6.18 16.92
N TYR B 629 1.97 -6.14 15.79
CA TYR B 629 1.30 -6.17 14.49
C TYR B 629 0.87 -7.58 14.10
N TYR B 630 1.52 -8.59 14.69
CA TYR B 630 1.27 -9.97 14.26
C TYR B 630 0.10 -10.60 15.04
N ASP B 631 -0.36 -11.79 14.63
CA ASP B 631 -1.59 -12.38 15.20
C ASP B 631 -1.39 -12.88 16.62
N SER B 632 -2.49 -12.91 17.37
CA SER B 632 -2.46 -13.23 18.80
C SER B 632 -1.97 -14.65 19.08
N VAL B 633 -2.62 -15.64 18.47
CA VAL B 633 -2.34 -17.05 18.78
C VAL B 633 -0.84 -17.38 18.67
N TYR B 634 -0.22 -16.99 17.56
CA TYR B 634 1.21 -17.22 17.36
C TYR B 634 2.07 -16.33 18.24
N THR B 635 1.78 -15.04 18.27
CA THR B 635 2.67 -14.10 18.96
C THR B 635 2.72 -14.38 20.47
N GLU B 636 1.54 -14.50 21.08
CA GLU B 636 1.42 -14.66 22.54
C GLU B 636 1.96 -16.00 23.01
N ARG B 637 1.96 -16.99 22.11
CA ARG B 637 2.50 -18.30 22.44
C ARG B 637 3.93 -18.13 22.93
N TYR B 638 4.65 -17.23 22.27
CA TYR B 638 6.07 -17.03 22.49
C TYR B 638 6.34 -15.81 23.36
N MET B 639 5.44 -14.82 23.33
CA MET B 639 5.74 -13.51 23.87
C MET B 639 4.90 -13.14 25.10
N GLY B 640 3.88 -13.95 25.40
CA GLY B 640 2.87 -13.53 26.37
C GLY B 640 2.10 -12.32 25.88
N LEU B 641 1.53 -11.55 26.80
CA LEU B 641 0.69 -10.41 26.42
C LEU B 641 1.47 -9.11 26.47
N PRO B 642 1.18 -8.19 25.53
CA PRO B 642 1.85 -6.91 25.47
C PRO B 642 1.18 -5.89 26.40
N THR B 643 1.14 -6.20 27.69
CA THR B 643 0.66 -5.31 28.74
C THR B 643 1.83 -5.04 29.69
N PRO B 644 1.79 -3.91 30.44
CA PRO B 644 2.89 -3.59 31.36
C PRO B 644 3.10 -4.63 32.45
N GLU B 645 2.04 -5.29 32.90
CA GLU B 645 2.19 -6.33 33.92
C GLU B 645 2.65 -7.69 33.37
N ASP B 646 2.75 -7.81 32.05
CA ASP B 646 3.25 -9.04 31.44
C ASP B 646 4.57 -8.84 30.70
N ASN B 647 4.50 -8.56 29.39
CA ASN B 647 5.72 -8.55 28.60
C ASN B 647 5.88 -7.40 27.61
N LEU B 648 5.14 -6.32 27.83
CA LEU B 648 5.21 -5.15 26.95
C LEU B 648 6.62 -4.63 26.66
N ASP B 649 7.45 -4.43 27.71
CA ASP B 649 8.82 -3.93 27.48
C ASP B 649 9.56 -4.72 26.42
N HIS B 650 9.42 -6.04 26.42
CA HIS B 650 10.08 -6.79 25.36
C HIS B 650 9.38 -6.75 23.99
N TYR B 651 8.06 -6.62 23.95
CA TYR B 651 7.40 -6.30 22.68
C TYR B 651 7.98 -5.02 22.08
N ARG B 652 8.32 -4.06 22.94
CA ARG B 652 8.77 -2.74 22.51
C ARG B 652 10.25 -2.69 22.14
N ASN B 653 11.01 -3.61 22.73
CA ASN B 653 12.45 -3.71 22.47
C ASN B 653 12.83 -4.53 21.25
N SER B 654 11.85 -5.24 20.69
CA SER B 654 12.15 -6.23 19.67
C SER B 654 11.61 -5.84 18.29
N THR B 655 11.51 -4.53 18.06
CA THR B 655 11.06 -4.01 16.78
C THR B 655 12.27 -3.81 15.86
N VAL B 656 12.03 -3.94 14.55
CA VAL B 656 13.01 -3.59 13.55
C VAL B 656 13.20 -2.08 13.53
N MET B 657 12.09 -1.36 13.59
CA MET B 657 12.05 0.11 13.58
C MET B 657 13.04 0.79 14.51
N SER B 658 13.20 0.25 15.71
CA SER B 658 14.11 0.85 16.72
C SER B 658 15.57 0.77 16.31
N ARG B 659 15.87 -0.06 15.31
CA ARG B 659 17.23 -0.30 14.85
C ARG B 659 17.57 0.43 13.55
N ALA B 660 16.64 1.26 13.06
CA ALA B 660 16.78 1.92 11.75
C ALA B 660 18.15 2.54 11.48
N GLU B 661 18.63 3.33 12.42
CA GLU B 661 19.96 3.97 12.36
C GLU B 661 21.11 3.02 11.95
N ASN B 662 21.10 1.82 12.50
CA ASN B 662 22.15 0.83 12.22
C ASN B 662 22.16 0.29 10.80
N PHE B 663 21.16 0.65 10.00
CA PHE B 663 21.08 0.22 8.61
C PHE B 663 21.97 1.08 7.70
N LYS B 664 22.44 2.20 8.24
CA LYS B 664 23.24 3.15 7.47
C LYS B 664 24.46 2.49 6.82
N GLN B 665 24.96 1.43 7.42
CA GLN B 665 26.15 0.80 6.90
C GLN B 665 25.95 -0.49 6.09
N VAL B 666 24.71 -0.76 5.64
CA VAL B 666 24.39 -1.94 4.84
C VAL B 666 23.50 -1.61 3.63
N GLU B 667 23.48 -2.52 2.66
CA GLU B 667 22.52 -2.46 1.55
C GLU B 667 21.32 -3.36 1.86
N TYR B 668 20.11 -2.78 1.78
CA TYR B 668 18.90 -3.44 2.23
C TYR B 668 17.87 -3.41 1.14
N LEU B 669 17.32 -4.57 0.83
CA LEU B 669 16.18 -4.67 -0.05
C LEU B 669 14.99 -5.18 0.75
N LEU B 670 13.92 -4.38 0.74
CA LEU B 670 12.69 -4.65 1.47
C LEU B 670 11.55 -4.92 0.48
N ILE B 671 10.91 -6.09 0.62
CA ILE B 671 9.91 -6.55 -0.35
C ILE B 671 8.65 -7.05 0.37
N HIS B 672 7.47 -6.75 -0.18
CA HIS B 672 6.23 -7.17 0.49
C HIS B 672 5.06 -7.11 -0.47
N GLY B 673 4.15 -8.09 -0.41
CA GLY B 673 2.91 -8.05 -1.20
C GLY B 673 1.87 -7.17 -0.52
N THR B 674 1.18 -6.32 -1.28
CA THR B 674 0.19 -5.39 -0.72
C THR B 674 -1.09 -6.06 -0.19
N ALA B 675 -1.40 -7.25 -0.71
CA ALA B 675 -2.57 -8.01 -0.25
C ALA B 675 -2.19 -9.14 0.73
N ASP B 676 -1.07 -8.98 1.42
CA ASP B 676 -0.68 -9.93 2.46
C ASP B 676 -1.63 -9.84 3.67
N ASP B 677 -2.45 -10.88 3.85
CA ASP B 677 -3.44 -10.97 4.93
C ASP B 677 -2.83 -11.53 6.22
N ASN B 678 -1.61 -12.05 6.11
CA ASN B 678 -0.98 -12.75 7.22
C ASN B 678 -0.03 -11.80 7.92
N VAL B 679 1.07 -11.46 7.25
CA VAL B 679 1.96 -10.41 7.73
C VAL B 679 1.61 -9.16 6.94
N HIS B 680 0.86 -8.28 7.58
CA HIS B 680 0.27 -7.15 6.86
C HIS B 680 1.31 -6.22 6.26
N PHE B 681 0.99 -5.70 5.09
CA PHE B 681 1.89 -4.76 4.42
C PHE B 681 2.32 -3.69 5.42
N GLN B 682 1.39 -3.29 6.30
CA GLN B 682 1.68 -2.46 7.47
C GLN B 682 3.10 -2.64 8.04
N GLN B 683 3.49 -3.90 8.25
CA GLN B 683 4.76 -4.22 8.87
C GLN B 683 5.95 -3.62 8.10
N SER B 684 5.96 -3.80 6.77
CA SER B 684 7.01 -3.18 5.94
C SER B 684 6.83 -1.68 5.81
N ALA B 685 5.58 -1.21 5.79
CA ALA B 685 5.31 0.23 5.72
C ALA B 685 5.95 0.97 6.89
N GLN B 686 5.95 0.34 8.07
CA GLN B 686 6.55 0.97 9.23
C GLN B 686 8.08 0.91 9.20
N ILE B 687 8.63 -0.15 8.64
CA ILE B 687 10.08 -0.25 8.41
C ILE B 687 10.58 0.87 7.50
N SER B 688 10.01 0.95 6.29
CA SER B 688 10.43 1.95 5.32
C SER B 688 10.38 3.36 5.94
N LYS B 689 9.30 3.66 6.69
CA LYS B 689 9.13 4.97 7.31
C LYS B 689 10.19 5.26 8.38
N ALA B 690 10.51 4.25 9.19
CA ALA B 690 11.61 4.39 10.16
C ALA B 690 12.95 4.68 9.45
N LEU B 691 13.23 3.99 8.34
CA LEU B 691 14.46 4.21 7.59
C LEU B 691 14.50 5.59 6.95
N VAL B 692 13.37 6.00 6.39
CA VAL B 692 13.23 7.34 5.84
C VAL B 692 13.51 8.39 6.90
N ASP B 693 12.94 8.19 8.09
CA ASP B 693 13.04 9.17 9.18
C ASP B 693 14.47 9.38 9.68
N VAL B 694 15.33 8.37 9.55
CA VAL B 694 16.74 8.53 9.96
C VAL B 694 17.71 8.78 8.79
N GLY B 695 17.19 8.86 7.57
CA GLY B 695 18.01 9.20 6.41
C GLY B 695 18.77 8.03 5.79
N VAL B 696 18.24 6.83 5.92
CA VAL B 696 18.92 5.65 5.38
C VAL B 696 18.35 5.28 4.01
N ASP B 697 19.21 5.26 3.00
CA ASP B 697 18.79 4.80 1.70
C ASP B 697 18.68 3.27 1.70
N PHE B 698 17.76 2.74 0.90
CA PHE B 698 17.55 1.29 0.74
C PHE B 698 16.77 1.05 -0.55
N GLN B 699 16.59 -0.22 -0.87
CA GLN B 699 15.85 -0.67 -2.05
C GLN B 699 14.53 -1.26 -1.60
N ALA B 700 13.50 -1.12 -2.42
CA ALA B 700 12.16 -1.60 -2.08
C ALA B 700 11.44 -2.16 -3.28
N MET B 701 10.51 -3.07 -3.03
CA MET B 701 9.59 -3.54 -4.05
C MET B 701 8.30 -4.00 -3.38
N TRP B 702 7.19 -3.39 -3.80
CA TRP B 702 5.87 -3.89 -3.42
C TRP B 702 5.39 -4.80 -4.55
N TYR B 703 4.57 -5.79 -4.22
CA TYR B 703 3.90 -6.63 -5.22
C TYR B 703 2.38 -6.47 -5.10
N THR B 704 1.82 -5.75 -6.07
CA THR B 704 0.42 -5.43 -6.07
C THR B 704 -0.43 -6.72 -6.06
N ASP B 705 -1.31 -6.82 -5.07
CA ASP B 705 -2.31 -7.88 -4.95
C ASP B 705 -1.76 -9.27 -4.62
N GLU B 706 -0.47 -9.34 -4.33
CA GLU B 706 0.14 -10.60 -3.89
C GLU B 706 0.00 -10.75 -2.37
N ASP B 707 -0.09 -11.99 -1.91
CA ASP B 707 -0.19 -12.26 -0.48
C ASP B 707 1.16 -12.68 0.12
N HIS B 708 1.13 -13.44 1.21
CA HIS B 708 2.35 -13.81 1.91
C HIS B 708 3.23 -14.73 1.09
N GLY B 709 2.63 -15.46 0.16
CA GLY B 709 3.36 -16.43 -0.64
C GLY B 709 4.06 -15.83 -1.86
N ILE B 710 3.64 -14.63 -2.25
CA ILE B 710 4.08 -14.00 -3.52
C ILE B 710 4.30 -15.09 -4.58
N ALA B 711 3.23 -15.84 -4.83
CA ALA B 711 3.35 -17.11 -5.53
C ALA B 711 2.62 -17.18 -6.86
N SER B 712 1.95 -16.10 -7.27
CA SER B 712 1.43 -16.11 -8.62
C SER B 712 2.63 -16.27 -9.56
N SER B 713 2.41 -17.00 -10.64
CA SER B 713 3.47 -17.39 -11.55
C SER B 713 4.38 -16.20 -11.95
N THR B 714 3.77 -15.09 -12.36
CA THR B 714 4.53 -13.93 -12.80
C THR B 714 5.26 -13.22 -11.65
N ALA B 715 4.59 -13.04 -10.52
CA ALA B 715 5.23 -12.38 -9.37
C ALA B 715 6.38 -13.21 -8.82
N HIS B 716 6.24 -14.53 -8.87
CA HIS B 716 7.28 -15.43 -8.39
C HIS B 716 8.54 -15.30 -9.25
N GLN B 717 8.37 -15.23 -10.56
CA GLN B 717 9.49 -15.03 -11.47
C GLN B 717 10.12 -13.64 -11.27
N HIS B 718 9.27 -12.63 -11.12
CA HIS B 718 9.70 -11.25 -10.92
C HIS B 718 10.51 -11.04 -9.62
N ILE B 719 9.98 -11.54 -8.50
CA ILE B 719 10.71 -11.42 -7.22
C ILE B 719 12.10 -12.06 -7.26
N TYR B 720 12.18 -13.30 -7.73
CA TYR B 720 13.50 -13.98 -7.77
C TYR B 720 14.45 -13.33 -8.79
N THR B 721 13.90 -12.78 -9.86
CA THR B 721 14.72 -12.02 -10.80
C THR B 721 15.30 -10.80 -10.12
N HIS B 722 14.44 -10.07 -9.40
CA HIS B 722 14.85 -8.83 -8.77
C HIS B 722 15.88 -9.06 -7.66
N MET B 723 15.64 -10.05 -6.81
CA MET B 723 16.59 -10.44 -5.77
C MET B 723 17.93 -10.93 -6.32
N SER B 724 17.91 -11.64 -7.46
CA SER B 724 19.15 -12.10 -8.08
C SER B 724 20.01 -10.92 -8.56
N HIS B 725 19.38 -9.94 -9.22
CA HIS B 725 20.10 -8.70 -9.59
C HIS B 725 20.71 -8.06 -8.35
N PHE B 726 19.97 -8.07 -7.24
CA PHE B 726 20.44 -7.41 -6.03
C PHE B 726 21.65 -8.08 -5.41
N ILE B 727 21.60 -9.42 -5.31
CA ILE B 727 22.69 -10.21 -4.74
C ILE B 727 23.94 -10.10 -5.61
N LYS B 728 23.76 -10.25 -6.92
CA LYS B 728 24.88 -10.20 -7.88
C LYS B 728 25.56 -8.84 -7.84
N GLN B 729 24.77 -7.78 -7.78
CA GLN B 729 25.31 -6.44 -7.61
C GLN B 729 26.05 -6.32 -6.26
N CYS B 730 25.46 -6.81 -5.17
CA CYS B 730 26.11 -6.79 -3.85
C CYS B 730 27.48 -7.50 -3.85
N PHE B 731 27.59 -8.59 -4.63
CA PHE B 731 28.79 -9.43 -4.62
C PHE B 731 29.81 -9.09 -5.73
N SER B 732 29.48 -8.13 -6.59
CA SER B 732 30.37 -7.80 -7.71
C SER B 732 31.61 -7.07 -7.18
N LEU B 733 32.77 -7.52 -7.64
CA LEU B 733 34.07 -6.97 -7.22
C LEU B 733 34.48 -5.82 -8.15
N PRO B 734 34.68 -4.60 -7.60
CA PRO B 734 35.07 -3.44 -8.41
C PRO B 734 36.59 -3.20 -8.41
C1 NAG C . -24.15 47.74 3.40
C2 NAG C . -24.63 48.85 4.32
C3 NAG C . -26.12 48.67 4.65
C4 NAG C . -26.91 48.40 3.37
C5 NAG C . -26.27 47.23 2.60
C6 NAG C . -27.04 46.81 1.36
C7 NAG C . -22.97 49.68 5.91
C8 NAG C . -22.28 49.40 7.21
N2 NAG C . -23.87 48.77 5.56
O3 NAG C . -26.63 49.79 5.33
O4 NAG C . -28.22 48.07 3.79
O5 NAG C . -24.95 47.58 2.24
O6 NAG C . -27.14 47.92 0.50
O7 NAG C . -22.70 50.69 5.25
C1 NAG C . -29.21 48.94 3.19
C2 NAG C . -30.57 48.34 3.52
C3 NAG C . -31.74 49.23 3.11
C4 NAG C . -31.51 50.70 3.46
C5 NAG C . -30.08 51.18 3.17
C6 NAG C . -29.82 52.53 3.87
C7 NAG C . -30.57 45.88 3.50
C8 NAG C . -30.71 44.68 2.62
N2 NAG C . -30.69 47.05 2.86
O3 NAG C . -32.89 48.78 3.78
O4 NAG C . -32.42 51.50 2.71
O5 NAG C . -29.10 50.27 3.65
O6 NAG C . -28.94 53.29 3.09
O7 NAG C . -30.37 45.74 4.70
C1 NAG D . -33.84 27.24 10.79
C2 NAG D . -34.08 26.09 11.77
C3 NAG D . -33.72 24.78 11.10
C4 NAG D . -34.52 24.62 9.81
C5 NAG D . -34.28 25.87 8.95
C6 NAG D . -35.00 25.89 7.60
C7 NAG D . -33.94 26.53 14.17
C8 NAG D . -33.06 26.71 15.37
N2 NAG D . -33.34 26.28 13.00
O3 NAG D . -33.99 23.70 11.96
O4 NAG D . -34.06 23.47 9.14
O5 NAG D . -34.68 27.00 9.68
O6 NAG D . -36.39 25.77 7.74
O7 NAG D . -35.16 26.60 14.29
C1 NAG D . -35.14 22.56 8.87
C2 NAG D . -34.68 21.64 7.75
C3 NAG D . -35.73 20.59 7.45
C4 NAG D . -36.04 19.81 8.73
C5 NAG D . -36.55 20.82 9.77
C6 NAG D . -36.94 20.18 11.09
C7 NAG D . -33.15 22.80 6.22
C8 NAG D . -33.03 23.59 4.94
N2 NAG D . -34.38 22.39 6.55
O3 NAG D . -35.22 19.76 6.45
O4 NAG D . -36.99 18.79 8.47
O5 NAG D . -35.54 21.81 10.01
O6 NAG D . -35.79 19.87 11.86
O7 NAG D . -32.16 22.55 6.92
C1 NAG E . -21.81 -46.75 14.51
C2 NAG E . -22.85 -47.76 14.04
C3 NAG E . -24.15 -47.58 14.82
C4 NAG E . -23.91 -47.38 16.33
C5 NAG E . -22.81 -46.34 16.57
C6 NAG E . -22.51 -46.09 18.05
C7 NAG E . -22.69 -48.37 11.66
C8 NAG E . -23.09 -47.98 10.25
N2 NAG E . -23.12 -47.56 12.63
O3 NAG E . -24.98 -48.68 14.57
O4 NAG E . -25.13 -46.95 16.93
O5 NAG E . -21.62 -46.74 15.91
O6 NAG E . -22.20 -47.29 18.73
O7 NAG E . -22.03 -49.39 11.87
C1 NAG E . -25.53 -47.81 18.03
C2 NAG E . -26.81 -47.22 18.65
C3 NAG E . -27.48 -48.18 19.67
C4 NAG E . -27.46 -49.63 19.18
C5 NAG E . -26.01 -49.97 18.82
C6 NAG E . -25.70 -51.46 18.59
C7 NAG E . -26.71 -44.76 18.70
C8 NAG E . -26.32 -43.58 19.52
N2 NAG E . -26.49 -45.95 19.28
O3 NAG E . -28.79 -47.79 19.94
O4 NAG E . -27.99 -50.50 20.17
O5 NAG E . -25.68 -49.18 17.69
O6 NAG E . -26.53 -52.00 17.57
O7 NAG E . -27.21 -44.61 17.58
C1 NAG F . -21.33 -13.94 19.81
C2 NAG F . -22.74 -14.32 20.27
C3 NAG F . -23.56 -13.09 20.66
C4 NAG F . -22.82 -12.21 21.69
C5 NAG F . -21.38 -11.96 21.22
C6 NAG F . -20.54 -11.39 22.36
C7 NAG F . -23.73 -16.31 19.28
C8 NAG F . -24.51 -16.87 18.12
N2 NAG F . -23.47 -15.02 19.22
O3 NAG F . -24.81 -13.50 21.16
O4 NAG F . -23.49 -10.98 21.79
O5 NAG F . -20.72 -13.14 20.80
O6 NAG F . -19.37 -10.84 21.80
O7 NAG F . -23.36 -17.05 20.19
C1 NAG F . -23.86 -10.67 23.15
C2 NAG F . -24.06 -9.15 23.28
C3 NAG F . -24.89 -8.72 24.50
C4 NAG F . -26.06 -9.66 24.81
C5 NAG F . -25.56 -11.10 24.82
C6 NAG F . -26.67 -12.10 25.14
C7 NAG F . -22.21 -7.77 22.34
C8 NAG F . -20.88 -7.13 22.62
N2 NAG F . -22.77 -8.45 23.34
O3 NAG F . -25.39 -7.42 24.32
O4 NAG F . -26.66 -9.29 26.05
O5 NAG F . -25.01 -11.41 23.54
O6 NAG F . -27.51 -12.26 24.00
O7 NAG F . -22.70 -7.67 21.21
C1 NAG G . 2.69 -19.50 32.35
C2 NAG G . 3.22 -20.01 33.70
C3 NAG G . 3.03 -18.96 34.80
C4 NAG G . 3.62 -17.60 34.36
C5 NAG G . 3.18 -17.24 32.93
C6 NAG G . 3.94 -16.02 32.39
C7 NAG G . 3.34 -22.32 34.44
C8 NAG G . 2.61 -23.57 34.80
N2 NAG G . 2.59 -21.27 34.07
O3 NAG G . 3.64 -19.40 35.99
O4 NAG G . 3.22 -16.60 35.29
O5 NAG G . 3.39 -18.31 32.02
O6 NAG G . 5.33 -16.26 32.39
O7 NAG G . 4.58 -22.30 34.48
C1 NAG G . 4.37 -16.09 36.01
C2 NAG G . 4.15 -14.60 36.33
C3 NAG G . 5.28 -13.98 37.15
C4 NAG G . 6.12 -14.98 37.96
C5 NAG G . 5.40 -16.32 38.25
C6 NAG G . 4.55 -16.22 39.52
C7 NAG G . 2.81 -13.39 34.69
C8 NAG G . 2.85 -12.56 33.44
N2 NAG G . 3.99 -13.81 35.12
O3 NAG G . 4.76 -12.97 38.00
O4 NAG G . 7.33 -15.25 37.27
O5 NAG G . 4.64 -16.87 37.17
O6 NAG G . 4.36 -17.51 40.07
O7 NAG G . 1.74 -13.64 35.24
C1 W94 H . -2.76 26.16 -11.50
C2 W94 H . -1.43 26.03 -11.08
C3 W94 H . -0.95 27.34 -11.15
N4 W94 H . -1.82 28.27 -11.57
N5 W94 H . -2.94 27.47 -11.77
C6 W94 H . -4.04 28.06 -12.24
C7 W94 H . -3.93 28.98 -13.30
C8 W94 H . -5.03 29.64 -13.85
C9 W94 H . -6.29 29.40 -13.31
C10 W94 H . -6.43 28.50 -12.26
C11 W94 H . -5.32 27.85 -11.72
C12 W94 H . 0.44 27.77 -10.78
F13 W94 H . 0.79 28.75 -11.60
F14 W94 H . 1.27 26.73 -10.90
F15 W94 H . 0.40 28.21 -9.52
C16 W94 H . -3.60 24.92 -11.57
C17 W94 H . -2.76 23.75 -12.08
C18 W94 H . -3.61 22.47 -12.22
N19 W94 H . -4.24 22.20 -10.93
C20 W94 H . -5.08 23.27 -10.35
C21 W94 H . -4.24 24.54 -10.23
C22 W94 H . -4.91 20.88 -10.98
C23 W94 H . -3.95 19.73 -11.30
C24 W94 H . -4.69 18.49 -10.80
N25 W94 H . -5.50 19.00 -9.71
C26 W94 H . -5.48 20.45 -9.62
C27 W94 H . -3.77 17.36 -10.38
N28 W94 H . -3.46 16.44 -11.28
C29 W94 H . -3.98 16.52 -12.65
C30 W94 H . -3.29 15.54 -13.56
S31 W94 H . -2.10 14.64 -12.60
C32 W94 H . -2.59 15.29 -11.00
O33 W94 H . -3.36 17.30 -9.23
C1 NAG I . 5.64 57.50 9.93
C2 NAG I . 4.59 57.13 10.98
C3 NAG I . 3.41 58.07 10.90
C4 NAG I . 3.83 59.54 11.02
C5 NAG I . 4.92 59.87 9.99
C6 NAG I . 5.56 61.24 10.28
C7 NAG I . 4.67 54.70 11.40
C8 NAG I . 4.05 53.36 11.08
N2 NAG I . 4.14 55.75 10.80
O3 NAG I . 2.49 57.77 11.93
O4 NAG I . 2.70 60.37 10.88
O5 NAG I . 5.97 58.89 10.01
O6 NAG I . 6.10 61.87 9.13
O7 NAG I . 5.63 54.75 12.18
C1 NAG J . -28.39 15.19 -0.68
C2 NAG J . -29.66 15.73 0.00
C3 NAG J . -30.64 14.61 0.35
C4 NAG J . -30.95 13.74 -0.85
C5 NAG J . -29.67 13.34 -1.57
C6 NAG J . -29.99 12.73 -2.91
C7 NAG J . -29.52 17.77 1.38
C8 NAG J . -29.74 18.55 0.13
N2 NAG J . -29.45 16.44 1.25
O3 NAG J . -31.84 15.17 0.82
O4 NAG J . -31.74 12.61 -0.46
O5 NAG J . -28.84 14.48 -1.81
O6 NAG J . -28.88 11.94 -3.30
O7 NAG J . -29.37 18.34 2.47
C1 NAG K . -19.07 20.38 -26.33
C2 NAG K . -19.55 20.87 -27.70
C3 NAG K . -20.52 19.85 -28.33
C4 NAG K . -19.78 18.51 -28.49
C5 NAG K . -19.17 18.05 -27.15
C6 NAG K . -18.18 16.88 -27.34
C7 NAG K . -19.59 23.22 -28.33
C8 NAG K . -20.23 24.54 -28.14
N2 NAG K . -20.10 22.22 -27.60
O3 NAG K . -20.99 20.36 -29.57
O4 NAG K . -20.58 17.48 -29.07
O5 NAG K . -18.47 19.09 -26.47
O6 NAG K . -16.98 17.33 -27.97
O7 NAG K . -18.65 23.11 -29.13
C1 W94 L . 4.49 -26.23 10.73
C2 W94 L . 5.20 -26.20 9.52
C3 W94 L . 5.56 -27.55 9.33
N4 W94 L . 5.17 -28.39 10.30
N5 W94 L . 4.49 -27.51 11.15
C6 W94 L . 3.95 -27.99 12.28
C7 W94 L . 2.66 -27.71 12.73
C8 W94 L . 2.16 -28.24 13.92
C9 W94 L . 2.94 -29.10 14.71
C10 W94 L . 4.23 -29.41 14.29
C11 W94 L . 4.70 -28.87 13.09
C12 W94 L . 6.35 -28.09 8.14
F13 W94 L . 7.04 -29.15 8.56
F14 W94 L . 7.24 -27.20 7.72
F15 W94 L . 5.50 -28.42 7.17
C16 W94 L . 3.96 -24.91 11.27
C17 W94 L . 4.97 -23.77 11.09
C18 W94 L . 4.50 -22.43 11.70
N19 W94 L . 3.16 -22.12 11.20
C20 W94 L . 2.11 -23.14 11.31
C21 W94 L . 2.61 -24.47 10.69
C22 W94 L . 2.74 -20.77 11.63
C23 W94 L . 3.70 -19.68 11.14
C24 W94 L . 2.85 -18.40 11.17
N25 W94 L . 1.51 -18.90 10.96
C26 W94 L . 1.44 -20.36 10.95
C27 W94 L . 3.27 -17.32 10.19
N28 W94 L . 4.14 -16.39 10.59
C29 W94 L . 4.73 -16.37 11.95
C30 W94 L . 5.84 -15.36 12.08
S31 W94 L . 6.03 -14.58 10.51
C32 W94 L . 4.58 -15.31 9.72
O33 W94 L . 2.79 -17.29 9.06
C1 NAG M . -5.02 -57.93 -8.64
C2 NAG M . -6.45 -57.39 -8.65
C3 NAG M . -7.36 -58.26 -7.79
C4 NAG M . -7.27 -59.73 -8.19
C5 NAG M . -5.81 -60.21 -8.21
C6 NAG M . -5.65 -61.61 -8.82
C7 NAG M . -6.70 -54.95 -8.98
C8 NAG M . -6.77 -53.62 -8.28
N2 NAG M . -6.53 -56.01 -8.18
O3 NAG M . -8.69 -57.79 -7.90
O4 NAG M . -8.05 -60.52 -7.31
O5 NAG M . -5.01 -59.31 -8.96
O6 NAG M . -4.36 -62.19 -8.67
O7 NAG M . -6.79 -54.98 -10.21
C1 NAG N . -24.27 -22.49 -9.77
C2 NAG N . -25.65 -23.17 -9.76
C3 NAG N . -26.22 -23.39 -11.17
C4 NAG N . -26.17 -22.10 -11.97
C5 NAG N . -24.71 -21.61 -12.01
C6 NAG N . -24.50 -20.34 -12.85
C7 NAG N . -26.40 -24.68 -7.99
C8 NAG N . -26.24 -26.02 -7.33
N2 NAG N . -25.59 -24.43 -9.03
O3 NAG N . -27.55 -23.87 -11.07
O4 NAG N . -26.71 -22.27 -13.27
O5 NAG N . -24.26 -21.38 -10.67
O6 NAG N . -25.10 -19.19 -12.27
O7 NAG N . -27.25 -23.89 -7.57
C1 NAG O . -35.51 -24.07 12.82
C2 NAG O . -36.96 -23.73 12.43
C3 NAG O . -36.99 -22.47 11.56
C4 NAG O . -36.31 -21.32 12.28
C5 NAG O . -34.87 -21.72 12.64
C6 NAG O . -34.13 -20.56 13.32
C7 NAG O . -38.42 -25.72 12.48
C8 NAG O . -39.13 -26.75 11.66
N2 NAG O . -37.70 -24.82 11.80
O3 NAG O . -38.32 -22.11 11.24
O4 NAG O . -36.36 -20.14 11.50
O5 NAG O . -34.87 -22.92 13.41
O6 NAG O . -34.14 -20.63 14.73
O7 NAG O . -38.54 -25.75 13.71
#